data_7KAS
#
_entry.id   7KAS
#
_cell.length_a   1.00
_cell.length_b   1.00
_cell.length_c   1.00
_cell.angle_alpha   90.00
_cell.angle_beta   90.00
_cell.angle_gamma   90.00
#
_symmetry.space_group_name_H-M   'P 1'
#
loop_
_entity.id
_entity.type
_entity.pdbx_description
1 polymer 'Protein transport protein SEC61'
2 polymer 'Protein transport protein SSS1'
3 polymer 'Protein transport protein SBH1'
4 polymer 'Protein translocation protein SEC63'
5 polymer 'Translocation protein SEC66'
6 polymer 'Translocation protein SEC72'
7 polymer 'Protein transport protein SEC62'
#
loop_
_entity_poly.entity_id
_entity_poly.type
_entity_poly.pdbx_seq_one_letter_code
_entity_poly.pdbx_strand_id
1 'polypeptide(L)'
;MSSNRVLDLFKPFESFLPEVIAPERKVPYNQKLIWTGVSLLIFLILGQIPLYGIVSSETSDPLYWLRAMLASNRGTLLEL
GVSPIITSSMIFQFLQGTQLLQIRPESKQDRELFQIAQKVCAIILILGQALVVVMTGNYGAPSDLGLPICLLLIFQLMFA
SLIVMLLDELLSKGYGLGSGISLFTATNIAEQIFWRAFAPTTVNSGRGKEFEGAVIAFFHLLAVRKDKKRALVEAFYRTN
LPNMFQVLMTVAIFLFVLYLQGFRYELPIRSTKVRGQIGIYPIKLFYTSNTPIMLQSALTSNIFLISQILFQKYPTNPLI
RLIGVWGIRPGTQGPQMALSGLAYYIQPLMSLSEALLDPIKTIVYITFVLGSCAVFSKTWIEISGTSPRDIAKQFKDQGM
VINGKRETSIYRELKKIIPTAAAFGGATIGALSVGSDLLGTLGSGASILMATTTIYGYYEAAAKEGGFTKNLVPGFSDLM
;
A
2 'polypeptide(L)' MARASEKGEEKKQSNNQVEKLVEAPVEFVREGTQFLAKCKKPDLKEYTKIVKAVGIGFIAVGIIGYAIKLIHIPIRYVIV C
3 'polypeptide(L)'
;MSSPTPPGGQRTLQKRKQGSSQKVAASAPKKNTNSNNSILKIYSDEATGLRVDPLVVLFLAVGFIFSVVALHVISKVAGK
LF
;
B
4 'polypeptide(L)'
;GGSGGSGGSGGSGGSPTNYEYDEASETWPSFILTGLLMVVGPMTLLQIYQIFFGANAEDGNSGKSKEFNEEVFKNLNEEY
TSDEIKQFRRKFDKNSNKKSKIWSRRNIIIIVGWILVAILLQRINSNDAIKDAATKLFDPYEILGISTSASDRDIKSAYR
KLSVKFHPDKLAKGLTPDEKSVMEETYVQITKAYESLTDELVRQNYLKYGHPDGPQSTSHGIALPRFLVDGSASPLLVVC
YVALLGLILPYFVSRWWARTQSYTKKGIHNVTASNFVSNLVNYKPSEIVTTDLILHWLSFAHEFKQFFPDLQPTDFEKLL
QDHINRRDSGKLNNAKFRIVAKCHSLLHGLLDIACGFRNLDIALGAINTFKCIVQAVPLTPNCQILQLPNVDKEHFITKT
GDIHTLGKLFTLEDAKIGEVLGIKDQAKLNETLRVASHIPNLKIIKADFLVPGRPYISLKVLVRSAKQPLIPTSLIPEEN
LTEPQDSESQRDPFAMMSKQPLVPYSFAPFFPTKRRGSWCCLVSSQKDGKILQTPIIIEKLSYKNLNDDKDFFDKRIKMD
LTKHEKFDINDWEIGTIKIPLGQPAPETVGDFFFRVIVKSTDYFTTDLDITMNMKVRDSPAVEQVEVYSEEDDEYSTDDD
ETESDDESDASDYTDIDTDTEAEDDESPEGENLYFQ
;
D
5 'polypeptide(L)'
;MSEFNETKFSNNGTFFETEEPIVETKSISVYTPLIYVFILVVSLVMFASSYRKKQAKKISEQPSIFDENDAHDLYFQIKE
MSENEKIHEKVLKAALLNRGAESVRRSLKLKELAPQINLLYKNGSIGEDYWKRFETEVKLIELEFKDTLQEAERLQPGWV
QLFVMVCKEICFNQALSRRYQSILKRKEVCIKEWELKINNDGRLVN
;
E
6 'polypeptide(L)'
;MVTLEYNANSKLITASDAVVALSTETNIDQINVLTTSLIGETNPNFTPQPNEALSKMIKGLFESGMKNLQQKKLNEALKN
VSLAIEMAQRKRAPWEAFAIQLPELHFMLRSKIDLCLILGKHLEALQDLDFLLGTGLIQPDVFVRKADCLLKLRQWEEAR
ATCERGLALAPEDMKLRALLIETARNLAEYNGE
;
F
7 'polypeptide(L)'
;(UNK)(UNK)(UNK)(UNK)(UNK)(UNK)(UNK)(UNK)(UNK)(UNK)(UNK)(UNK)(UNK)(UNK)(UNK)(UNK)
(UNK)(UNK)(UNK)(UNK)(UNK)(UNK)(UNK)(UNK)(UNK)(UNK)(UNK)(UNK)(UNK)(UNK)(UNK)(UNK)
(UNK)(UNK)(UNK)(UNK)(UNK)(UNK)(UNK)(UNK)(UNK)(UNK)(UNK)(UNK)(UNK)(UNK)(UNK)(UNK)
(UNK)(UNK)(UNK)(UNK)(UNK)(UNK)(UNK)(UNK)
;
G
#
# COMPACT_ATOMS: atom_id res chain seq x y z
N PRO A 12 20.16 -18.10 27.69
CA PRO A 12 19.73 -18.41 26.32
C PRO A 12 19.41 -19.89 26.14
N PHE A 13 18.44 -20.20 25.28
CA PHE A 13 18.04 -21.58 25.04
C PHE A 13 17.28 -21.64 23.72
N GLU A 14 16.95 -22.85 23.31
CA GLU A 14 16.20 -23.10 22.09
C GLU A 14 14.79 -23.57 22.45
N SER A 15 13.80 -23.06 21.71
CA SER A 15 12.41 -23.42 21.96
C SER A 15 11.60 -23.26 20.66
N PHE A 16 10.61 -24.12 20.49
CA PHE A 16 9.69 -24.08 19.35
C PHE A 16 8.30 -23.84 19.89
N LEU A 17 7.85 -22.59 19.85
CA LEU A 17 6.57 -22.16 20.43
C LEU A 17 5.66 -21.58 19.35
N PRO A 18 4.34 -21.51 19.60
CA PRO A 18 3.44 -20.93 18.62
C PRO A 18 3.58 -19.41 18.56
N GLU A 19 3.59 -18.87 17.35
CA GLU A 19 3.70 -17.44 17.14
C GLU A 19 3.16 -17.09 15.76
N VAL A 20 2.51 -15.94 15.65
CA VAL A 20 1.99 -15.46 14.38
C VAL A 20 3.09 -14.71 13.65
N ILE A 21 3.10 -14.81 12.32
CA ILE A 21 4.16 -14.23 11.51
C ILE A 21 3.75 -12.85 11.03
N ALA A 22 4.74 -12.01 10.77
CA ALA A 22 4.48 -10.67 10.26
C ALA A 22 4.41 -10.68 8.74
N PRO A 23 3.61 -9.79 8.15
CA PRO A 23 3.53 -9.74 6.69
C PRO A 23 4.81 -9.19 6.08
N GLU A 24 5.21 -9.76 4.95
CA GLU A 24 6.44 -9.33 4.28
C GLU A 24 6.31 -7.92 3.71
N ARG A 25 5.09 -7.43 3.50
CA ARG A 25 4.86 -6.09 3.00
C ARG A 25 3.99 -5.33 3.98
N LYS A 26 3.88 -4.03 3.75
CA LYS A 26 3.05 -3.19 4.60
C LYS A 26 1.57 -3.42 4.30
N VAL A 27 0.79 -3.63 5.35
CA VAL A 27 -0.64 -3.94 5.18
C VAL A 27 -1.41 -2.63 5.06
N PRO A 28 -2.35 -2.53 4.12
CA PRO A 28 -3.11 -1.28 3.97
C PRO A 28 -4.04 -1.00 5.13
N TYR A 29 -4.85 0.06 5.01
CA TYR A 29 -5.65 0.54 6.13
C TYR A 29 -6.89 -0.32 6.39
N ASN A 30 -7.63 -0.67 5.33
CA ASN A 30 -8.92 -1.34 5.52
C ASN A 30 -8.75 -2.70 6.20
N GLN A 31 -7.77 -3.49 5.75
CA GLN A 31 -7.54 -4.78 6.39
C GLN A 31 -7.13 -4.61 7.85
N LYS A 32 -6.34 -3.58 8.14
CA LYS A 32 -5.96 -3.31 9.51
C LYS A 32 -7.18 -3.03 10.36
N LEU A 33 -8.09 -2.19 9.85
CA LEU A 33 -9.29 -1.85 10.62
C LEU A 33 -10.19 -3.07 10.82
N ILE A 34 -10.35 -3.89 9.78
CA ILE A 34 -11.19 -5.07 9.92
C ILE A 34 -10.60 -6.04 10.93
N TRP A 35 -9.27 -6.20 10.94
CA TRP A 35 -8.66 -7.11 11.90
C TRP A 35 -8.80 -6.57 13.32
N THR A 36 -8.65 -5.27 13.51
CA THR A 36 -8.91 -4.69 14.83
C THR A 36 -10.34 -4.99 15.28
N GLY A 37 -11.31 -4.74 14.40
CA GLY A 37 -12.69 -4.99 14.77
C GLY A 37 -12.96 -6.43 15.16
N VAL A 38 -12.47 -7.37 14.35
CA VAL A 38 -12.78 -8.78 14.60
C VAL A 38 -12.06 -9.28 15.85
N SER A 39 -10.81 -8.84 16.07
CA SER A 39 -10.11 -9.23 17.29
C SER A 39 -10.82 -8.69 18.53
N LEU A 40 -11.27 -7.44 18.48
CA LEU A 40 -12.02 -6.89 19.61
C LEU A 40 -13.30 -7.68 19.84
N LEU A 41 -14.01 -8.05 18.77
CA LEU A 41 -15.25 -8.79 18.94
C LEU A 41 -15.01 -10.15 19.58
N ILE A 42 -13.94 -10.84 19.16
CA ILE A 42 -13.66 -12.14 19.75
C ILE A 42 -13.29 -11.99 21.22
N PHE A 43 -12.46 -11.00 21.54
CA PHE A 43 -12.09 -10.81 22.95
C PHE A 43 -13.31 -10.46 23.79
N LEU A 44 -14.29 -9.76 23.21
CA LEU A 44 -15.46 -9.41 23.98
C LEU A 44 -16.39 -10.60 24.19
N ILE A 45 -16.61 -11.41 23.15
CA ILE A 45 -17.45 -12.58 23.32
C ILE A 45 -16.83 -13.56 24.30
N LEU A 46 -15.50 -13.68 24.29
CA LEU A 46 -14.83 -14.65 25.16
C LEU A 46 -15.08 -14.35 26.63
N GLY A 47 -15.40 -13.12 26.98
CA GLY A 47 -15.50 -12.73 28.36
C GLY A 47 -16.87 -12.81 29.00
N GLN A 48 -17.89 -13.25 28.29
CA GLN A 48 -19.25 -13.29 28.82
C GLN A 48 -19.77 -14.70 29.05
N ILE A 49 -19.09 -15.72 28.55
CA ILE A 49 -19.58 -17.09 28.60
C ILE A 49 -18.97 -17.79 29.80
N PRO A 50 -19.77 -18.25 30.77
CA PRO A 50 -19.21 -18.77 32.01
C PRO A 50 -18.70 -20.20 31.86
N LEU A 51 -17.91 -20.63 32.84
CA LEU A 51 -17.29 -21.94 32.78
C LEU A 51 -18.33 -23.03 32.97
N TYR A 52 -17.87 -24.28 33.01
CA TYR A 52 -18.76 -25.43 33.07
C TYR A 52 -18.80 -26.10 34.44
N GLY A 53 -17.64 -26.53 34.96
CA GLY A 53 -17.61 -27.42 36.10
C GLY A 53 -17.95 -26.81 37.44
N ILE A 54 -18.02 -25.47 37.53
CA ILE A 54 -18.29 -24.86 38.82
C ILE A 54 -19.72 -25.15 39.24
N VAL A 55 -20.00 -24.96 40.53
CA VAL A 55 -21.32 -25.20 41.08
C VAL A 55 -21.63 -24.20 42.18
N SER A 72 -18.53 -7.75 36.98
CA SER A 72 -17.13 -8.16 37.08
C SER A 72 -16.84 -9.33 36.14
N ASN A 73 -15.61 -9.41 35.66
CA ASN A 73 -15.17 -10.53 34.85
C ASN A 73 -14.67 -11.66 35.75
N ARG A 74 -15.49 -12.05 36.72
CA ARG A 74 -15.15 -13.10 37.67
C ARG A 74 -16.12 -14.26 37.51
N GLY A 75 -15.58 -15.45 37.27
CA GLY A 75 -16.41 -16.62 37.08
C GLY A 75 -16.76 -16.93 35.64
N THR A 76 -16.21 -16.20 34.68
CA THR A 76 -16.40 -16.46 33.27
C THR A 76 -15.10 -16.97 32.66
N LEU A 77 -15.14 -17.32 31.38
CA LEU A 77 -13.98 -17.88 30.70
C LEU A 77 -12.75 -17.00 30.78
N LEU A 78 -12.89 -15.72 31.13
CA LEU A 78 -11.80 -14.76 31.15
C LEU A 78 -11.35 -14.45 32.57
N GLU A 79 -11.31 -15.46 33.44
CA GLU A 79 -10.95 -15.22 34.85
C GLU A 79 -9.62 -14.50 34.97
N LEU A 80 -8.59 -15.04 34.32
CA LEU A 80 -7.25 -14.47 34.46
C LEU A 80 -7.17 -13.08 33.84
N GLY A 81 -7.74 -12.92 32.66
CA GLY A 81 -7.64 -11.63 31.98
C GLY A 81 -6.26 -11.45 31.38
N VAL A 82 -5.92 -10.20 31.09
CA VAL A 82 -4.61 -9.87 30.55
C VAL A 82 -3.63 -9.45 31.64
N SER A 83 -4.08 -9.45 32.90
CA SER A 83 -3.22 -9.02 34.00
C SER A 83 -1.92 -9.82 34.10
N PRO A 84 -1.91 -11.15 33.94
CA PRO A 84 -0.60 -11.84 33.97
C PRO A 84 0.33 -11.39 32.86
N ILE A 85 -0.22 -11.10 31.68
CA ILE A 85 0.60 -10.56 30.59
C ILE A 85 1.16 -9.20 30.98
N ILE A 86 0.34 -8.38 31.63
CA ILE A 86 0.83 -7.07 32.11
C ILE A 86 1.96 -7.26 33.10
N THR A 87 1.83 -8.23 34.02
CA THR A 87 2.88 -8.46 35.01
C THR A 87 4.17 -8.95 34.35
N SER A 88 4.06 -9.86 33.38
CA SER A 88 5.24 -10.32 32.67
C SER A 88 5.95 -9.15 31.97
N SER A 89 5.18 -8.36 31.21
CA SER A 89 5.77 -7.22 30.52
C SER A 89 6.39 -6.24 31.51
N MET A 90 5.73 -6.04 32.65
CA MET A 90 6.22 -5.07 33.63
C MET A 90 7.52 -5.53 34.27
N ILE A 91 7.59 -6.80 34.69
CA ILE A 91 8.80 -7.28 35.33
C ILE A 91 9.96 -7.31 34.34
N PHE A 92 9.68 -7.64 33.07
CA PHE A 92 10.78 -7.64 32.10
C PHE A 92 11.20 -6.23 31.72
N GLN A 93 10.26 -5.28 31.69
CA GLN A 93 10.64 -3.89 31.46
C GLN A 93 11.48 -3.36 32.62
N PHE A 94 11.16 -3.76 33.84
CA PHE A 94 11.97 -3.36 34.98
C PHE A 94 13.35 -3.99 34.94
N LEU A 95 13.43 -5.27 34.54
CA LEU A 95 14.72 -5.93 34.39
C LEU A 95 15.56 -5.26 33.31
N GLN A 96 14.92 -4.80 32.24
CA GLN A 96 15.63 -4.04 31.21
C GLN A 96 16.12 -2.71 31.76
N GLY A 97 15.26 -2.01 32.50
CA GLY A 97 15.62 -0.69 33.01
C GLY A 97 16.73 -0.73 34.04
N THR A 98 16.77 -1.78 34.86
CA THR A 98 17.81 -1.91 35.87
C THR A 98 19.14 -2.42 35.30
N GLN A 99 19.17 -2.74 34.01
CA GLN A 99 20.39 -3.17 33.31
C GLN A 99 21.00 -4.41 33.95
N LEU A 100 20.23 -5.50 33.94
CA LEU A 100 20.71 -6.81 34.35
C LEU A 100 20.70 -7.84 33.23
N LEU A 101 20.16 -7.51 32.05
CA LEU A 101 20.15 -8.42 30.92
C LEU A 101 21.21 -8.07 29.89
N GLN A 102 21.82 -6.88 30.00
CA GLN A 102 22.82 -6.41 29.03
C GLN A 102 22.19 -6.32 27.64
N ILE A 103 21.24 -5.39 27.50
CA ILE A 103 20.56 -5.18 26.23
C ILE A 103 21.52 -4.56 25.23
N ARG A 104 21.61 -5.16 24.04
CA ARG A 104 22.46 -4.66 22.96
C ARG A 104 21.67 -4.69 21.67
N PRO A 105 21.21 -3.55 21.15
CA PRO A 105 20.45 -3.55 19.90
C PRO A 105 21.30 -3.84 18.66
N GLU A 106 22.61 -3.94 18.80
CA GLU A 106 23.48 -4.21 17.66
C GLU A 106 23.33 -5.62 17.13
N SER A 107 22.69 -6.52 17.87
CA SER A 107 22.48 -7.89 17.44
C SER A 107 21.00 -8.15 17.22
N LYS A 108 20.70 -9.03 16.27
CA LYS A 108 19.34 -9.44 15.98
C LYS A 108 18.98 -10.76 16.66
N GLN A 109 19.76 -11.16 17.65
CA GLN A 109 19.53 -12.40 18.40
C GLN A 109 19.08 -12.16 19.83
N ASP A 110 19.62 -11.14 20.50
CA ASP A 110 19.17 -10.84 21.85
C ASP A 110 17.73 -10.36 21.87
N ARG A 111 17.28 -9.70 20.80
CA ARG A 111 15.88 -9.29 20.72
C ARG A 111 14.96 -10.50 20.67
N GLU A 112 15.29 -11.47 19.82
CA GLU A 112 14.51 -12.70 19.77
C GLU A 112 14.59 -13.48 21.07
N LEU A 113 15.75 -13.46 21.73
CA LEU A 113 15.87 -14.14 23.02
C LEU A 113 14.98 -13.51 24.07
N PHE A 114 14.97 -12.18 24.14
CA PHE A 114 14.09 -11.49 25.08
C PHE A 114 12.63 -11.75 24.75
N GLN A 115 12.30 -11.79 23.46
CA GLN A 115 10.91 -12.00 23.06
C GLN A 115 10.45 -13.41 23.41
N ILE A 116 11.34 -14.41 23.27
CA ILE A 116 10.93 -15.77 23.61
C ILE A 116 10.94 -15.96 25.13
N ALA A 117 11.78 -15.20 25.85
CA ALA A 117 11.74 -15.26 27.30
C ALA A 117 10.43 -14.70 27.84
N GLN A 118 9.97 -13.58 27.27
CA GLN A 118 8.63 -13.08 27.55
C GLN A 118 7.61 -14.20 27.56
N LYS A 119 7.53 -14.93 26.45
CA LYS A 119 6.49 -15.94 26.29
C LYS A 119 6.70 -17.11 27.25
N VAL A 120 7.94 -17.60 27.39
CA VAL A 120 8.16 -18.79 28.19
C VAL A 120 7.91 -18.51 29.67
N CYS A 121 8.18 -17.29 30.14
CA CYS A 121 7.87 -16.98 31.53
C CYS A 121 6.39 -16.67 31.72
N ALA A 122 5.76 -16.02 30.72
CA ALA A 122 4.34 -15.74 30.82
C ALA A 122 3.52 -17.02 30.91
N ILE A 123 3.89 -18.03 30.12
CA ILE A 123 3.12 -19.28 30.12
C ILE A 123 3.17 -19.95 31.49
N ILE A 124 4.37 -20.03 32.09
CA ILE A 124 4.48 -20.73 33.36
C ILE A 124 3.84 -19.92 34.48
N LEU A 125 3.96 -18.59 34.44
CA LEU A 125 3.30 -17.79 35.48
C LEU A 125 1.79 -17.90 35.36
N ILE A 126 1.27 -17.96 34.14
CA ILE A 126 -0.18 -18.11 33.95
C ILE A 126 -0.62 -19.48 34.45
N LEU A 127 0.17 -20.51 34.19
CA LEU A 127 -0.15 -21.84 34.70
C LEU A 127 -0.16 -21.84 36.23
N GLY A 128 0.81 -21.18 36.85
CA GLY A 128 0.84 -21.11 38.30
C GLY A 128 -0.36 -20.39 38.87
N GLN A 129 -0.73 -19.26 38.26
CA GLN A 129 -1.91 -18.53 38.72
C GLN A 129 -3.17 -19.38 38.58
N ALA A 130 -3.28 -20.13 37.47
CA ALA A 130 -4.44 -20.99 37.28
C ALA A 130 -4.50 -22.08 38.34
N LEU A 131 -3.35 -22.69 38.64
CA LEU A 131 -3.33 -23.72 39.69
C LEU A 131 -3.70 -23.13 41.04
N VAL A 132 -3.20 -21.93 41.34
CA VAL A 132 -3.54 -21.27 42.58
C VAL A 132 -5.04 -21.04 42.68
N VAL A 133 -5.65 -20.50 41.62
CA VAL A 133 -7.06 -20.12 41.71
C VAL A 133 -7.94 -21.37 41.71
N VAL A 134 -7.49 -22.47 41.11
CA VAL A 134 -8.32 -23.67 41.15
C VAL A 134 -8.19 -24.41 42.48
N MET A 135 -7.01 -24.38 43.11
CA MET A 135 -6.84 -25.08 44.38
C MET A 135 -7.23 -24.23 45.58
N THR A 136 -7.44 -22.94 45.40
CA THR A 136 -7.82 -22.05 46.48
C THR A 136 -9.16 -21.36 46.28
N GLY A 137 -9.54 -21.07 45.04
CA GLY A 137 -10.75 -20.33 44.75
C GLY A 137 -12.03 -20.98 45.21
N ASN A 138 -13.16 -20.32 44.95
CA ASN A 138 -14.46 -20.75 45.44
C ASN A 138 -15.12 -21.80 44.54
N TYR A 139 -14.32 -22.50 43.73
CA TYR A 139 -14.91 -23.50 42.84
C TYR A 139 -15.12 -24.84 43.54
N GLY A 140 -14.36 -25.11 44.59
CA GLY A 140 -14.52 -26.34 45.33
C GLY A 140 -13.26 -27.19 45.40
N ALA A 141 -13.05 -27.84 46.54
CA ALA A 141 -11.89 -28.73 46.69
C ALA A 141 -12.12 -30.06 45.98
N PRO A 142 -13.30 -30.70 46.12
CA PRO A 142 -13.47 -31.92 45.31
C PRO A 142 -13.65 -31.63 43.83
N LEU A 147 -11.72 -34.95 40.21
CA LEU A 147 -10.44 -34.73 39.55
C LEU A 147 -10.57 -34.38 38.05
N PRO A 148 -11.39 -35.13 37.28
CA PRO A 148 -11.59 -34.73 35.89
C PRO A 148 -12.19 -33.34 35.77
N ILE A 149 -13.04 -32.95 36.72
CA ILE A 149 -13.62 -31.61 36.70
C ILE A 149 -12.52 -30.56 36.91
N CYS A 150 -11.59 -30.82 37.83
CA CYS A 150 -10.49 -29.89 38.04
C CYS A 150 -9.57 -29.82 36.83
N LEU A 151 -9.35 -30.97 36.18
CA LEU A 151 -8.58 -30.97 34.94
C LEU A 151 -9.24 -30.11 33.87
N LEU A 152 -10.55 -30.28 33.69
CA LEU A 152 -11.26 -29.48 32.70
C LEU A 152 -11.24 -28.00 33.06
N LEU A 153 -11.35 -27.69 34.35
CA LEU A 153 -11.32 -26.30 34.78
C LEU A 153 -9.97 -25.67 34.54
N ILE A 154 -8.88 -26.42 34.71
CA ILE A 154 -7.57 -25.84 34.44
C ILE A 154 -7.34 -25.72 32.94
N PHE A 155 -7.89 -26.66 32.16
CA PHE A 155 -7.70 -26.61 30.71
C PHE A 155 -8.45 -25.44 30.10
N GLN A 156 -9.67 -25.16 30.58
CA GLN A 156 -10.43 -24.04 30.06
C GLN A 156 -9.67 -22.73 30.24
N LEU A 157 -9.20 -22.48 31.46
CA LEU A 157 -8.46 -21.24 31.71
C LEU A 157 -7.17 -21.19 30.93
N MET A 158 -6.46 -22.32 30.84
CA MET A 158 -5.24 -22.38 30.04
C MET A 158 -5.51 -21.95 28.60
N PHE A 159 -6.55 -22.52 28.00
CA PHE A 159 -6.84 -22.25 26.60
C PHE A 159 -7.30 -20.82 26.40
N ALA A 160 -8.08 -20.29 27.36
CA ALA A 160 -8.52 -18.91 27.28
C ALA A 160 -7.33 -17.96 27.31
N SER A 161 -6.43 -18.14 28.26
CA SER A 161 -5.26 -17.26 28.35
C SER A 161 -4.36 -17.41 27.13
N LEU A 162 -4.22 -18.63 26.61
CA LEU A 162 -3.40 -18.83 25.43
C LEU A 162 -3.97 -18.11 24.22
N ILE A 163 -5.30 -18.18 24.03
CA ILE A 163 -5.90 -17.50 22.89
C ILE A 163 -5.80 -15.99 23.06
N VAL A 164 -5.92 -15.50 24.29
CA VAL A 164 -5.76 -14.05 24.49
C VAL A 164 -4.33 -13.62 24.17
N MET A 165 -3.34 -14.43 24.54
CA MET A 165 -1.95 -14.10 24.20
C MET A 165 -1.73 -14.12 22.69
N LEU A 166 -2.23 -15.15 22.01
CA LEU A 166 -2.11 -15.18 20.55
C LEU A 166 -2.77 -13.97 19.90
N LEU A 167 -3.92 -13.55 20.45
CA LEU A 167 -4.64 -12.43 19.85
C LEU A 167 -3.90 -11.13 20.04
N ASP A 168 -3.32 -10.93 21.23
CA ASP A 168 -2.46 -9.77 21.44
C ASP A 168 -1.30 -9.79 20.45
N GLU A 169 -0.68 -10.95 20.28
CA GLU A 169 0.47 -11.05 19.37
C GLU A 169 0.06 -10.72 17.94
N LEU A 170 -1.10 -11.23 17.51
CA LEU A 170 -1.60 -10.93 16.17
C LEU A 170 -1.82 -9.44 15.98
N LEU A 171 -2.52 -8.81 16.94
CA LEU A 171 -2.78 -7.37 16.81
C LEU A 171 -1.50 -6.56 16.84
N SER A 172 -0.46 -7.04 17.53
CA SER A 172 0.75 -6.26 17.64
C SER A 172 1.72 -6.47 16.49
N LYS A 173 1.68 -7.62 15.82
CA LYS A 173 2.65 -7.92 14.76
C LYS A 173 2.53 -6.97 13.57
N GLY A 174 1.40 -6.31 13.39
CA GLY A 174 1.24 -5.38 12.30
C GLY A 174 -0.14 -5.38 11.68
N TYR A 175 -0.87 -6.48 11.87
CA TYR A 175 -2.21 -6.59 11.32
C TYR A 175 -3.19 -5.63 11.97
N GLY A 176 -2.88 -5.10 13.15
CA GLY A 176 -3.78 -4.26 13.89
C GLY A 176 -3.25 -2.84 14.02
N LEU A 177 -4.18 -1.91 14.28
CA LEU A 177 -3.83 -0.50 14.35
C LEU A 177 -2.80 -0.22 15.44
N GLY A 178 -2.90 -0.86 16.58
CA GLY A 178 -1.99 -0.59 17.68
C GLY A 178 -1.86 -1.76 18.64
N SER A 179 -1.54 -1.46 19.89
CA SER A 179 -1.37 -2.51 20.87
C SER A 179 -2.71 -3.22 21.14
N GLY A 180 -2.64 -4.30 21.90
CA GLY A 180 -3.84 -5.02 22.26
C GLY A 180 -4.35 -4.63 23.62
N ILE A 181 -3.42 -4.42 24.56
CA ILE A 181 -3.81 -4.14 25.94
C ILE A 181 -4.53 -2.80 26.03
N SER A 182 -3.98 -1.78 25.39
CA SER A 182 -4.61 -0.46 25.46
C SER A 182 -5.97 -0.47 24.78
N LEU A 183 -6.09 -1.20 23.68
CA LEU A 183 -7.39 -1.31 23.02
C LEU A 183 -8.41 -1.99 23.93
N PHE A 184 -8.00 -3.06 24.62
CA PHE A 184 -8.93 -3.72 25.53
C PHE A 184 -9.34 -2.81 26.67
N THR A 185 -8.39 -2.03 27.20
CA THR A 185 -8.73 -1.12 28.30
C THR A 185 -9.70 -0.04 27.85
N ALA A 186 -9.46 0.56 26.68
CA ALA A 186 -10.40 1.54 26.14
C ALA A 186 -11.76 0.91 25.91
N THR A 187 -11.79 -0.36 25.48
CA THR A 187 -13.06 -1.05 25.30
C THR A 187 -13.82 -1.15 26.61
N ASN A 188 -13.15 -1.60 27.67
CA ASN A 188 -13.82 -1.72 28.95
C ASN A 188 -14.34 -0.37 29.45
N ILE A 189 -13.54 0.68 29.27
CA ILE A 189 -13.95 2.00 29.75
C ILE A 189 -15.19 2.48 29.00
N ALA A 190 -15.17 2.36 27.66
CA ALA A 190 -16.32 2.82 26.88
C ALA A 190 -17.56 2.00 27.20
N GLU A 191 -17.40 0.69 27.37
CA GLU A 191 -18.56 -0.14 27.68
C GLU A 191 -19.16 0.23 29.03
N GLN A 192 -18.31 0.48 30.03
CA GLN A 192 -18.84 0.91 31.33
C GLN A 192 -19.56 2.24 31.21
N ILE A 193 -18.98 3.19 30.47
CA ILE A 193 -19.61 4.51 30.35
C ILE A 193 -20.98 4.38 29.69
N PHE A 194 -21.10 3.57 28.65
CA PHE A 194 -22.42 3.36 28.09
C PHE A 194 -23.36 2.68 29.05
N TRP A 195 -22.97 1.55 29.65
CA TRP A 195 -23.91 0.84 30.49
C TRP A 195 -24.39 1.70 31.65
N ARG A 196 -23.54 2.59 32.16
CA ARG A 196 -24.01 3.50 33.18
C ARG A 196 -24.92 4.60 32.64
N ALA A 197 -25.25 4.55 31.35
CA ALA A 197 -26.12 5.55 30.74
C ALA A 197 -27.39 4.96 30.15
N PHE A 198 -27.31 3.84 29.43
CA PHE A 198 -28.44 3.25 28.73
C PHE A 198 -28.82 1.89 29.30
N ALA A 199 -28.73 1.74 30.61
CA ALA A 199 -28.93 0.46 31.24
C ALA A 199 -30.39 0.03 31.13
N PRO A 200 -30.67 -1.25 30.85
CA PRO A 200 -32.05 -1.73 30.92
C PRO A 200 -32.44 -2.26 32.29
N THR A 201 -31.49 -2.67 33.12
CA THR A 201 -31.83 -3.32 34.38
C THR A 201 -32.62 -2.38 35.28
N THR A 202 -33.84 -2.79 35.58
CA THR A 202 -34.73 -2.00 36.42
C THR A 202 -34.52 -2.38 37.87
N VAL A 203 -34.54 -1.36 38.74
CA VAL A 203 -34.39 -1.55 40.17
C VAL A 203 -35.71 -1.19 40.81
N ASN A 204 -36.36 -2.17 41.45
CA ASN A 204 -37.67 -1.99 42.05
C ASN A 204 -37.54 -2.12 43.56
N SER A 205 -37.66 -1.00 44.26
CA SER A 205 -37.56 -0.95 45.72
C SER A 205 -38.75 -0.17 46.26
N GLY A 206 -39.87 -0.86 46.47
CA GLY A 206 -41.01 -0.27 47.13
C GLY A 206 -41.78 0.73 46.28
N ARG A 207 -41.11 1.82 45.89
CA ARG A 207 -41.80 2.88 45.15
C ARG A 207 -42.24 2.41 43.77
N GLY A 208 -41.47 1.54 43.15
CA GLY A 208 -41.82 1.02 41.84
C GLY A 208 -40.59 0.68 41.04
N LYS A 209 -40.81 0.39 39.77
CA LYS A 209 -39.73 0.08 38.85
C LYS A 209 -39.01 1.36 38.45
N GLU A 210 -37.70 1.39 38.72
CA GLU A 210 -36.86 2.54 38.37
C GLU A 210 -35.72 2.04 37.49
N PHE A 211 -35.37 2.83 36.48
CA PHE A 211 -34.33 2.43 35.55
C PHE A 211 -32.95 2.79 36.06
N GLU A 212 -31.95 2.00 35.66
CA GLU A 212 -30.56 2.28 36.00
C GLU A 212 -29.85 3.08 34.92
N GLY A 213 -30.46 3.24 33.75
CA GLY A 213 -29.89 4.08 32.72
C GLY A 213 -30.32 5.52 32.90
N ALA A 214 -29.68 6.40 32.13
CA ALA A 214 -30.01 7.82 32.22
C ALA A 214 -31.11 8.19 31.23
N VAL A 215 -30.83 8.03 29.93
CA VAL A 215 -31.79 8.45 28.91
C VAL A 215 -33.05 7.59 28.99
N ILE A 216 -32.89 6.31 29.33
CA ILE A 216 -34.06 5.46 29.53
C ILE A 216 -34.95 6.02 30.62
N ALA A 217 -34.35 6.38 31.75
CA ALA A 217 -35.12 6.95 32.85
C ALA A 217 -35.79 8.25 32.45
N PHE A 218 -35.07 9.11 31.73
CA PHE A 218 -35.64 10.39 31.32
C PHE A 218 -36.85 10.17 30.43
N PHE A 219 -36.72 9.31 29.41
CA PHE A 219 -37.83 9.10 28.48
C PHE A 219 -39.01 8.42 29.18
N HIS A 220 -38.73 7.46 30.06
CA HIS A 220 -39.81 6.77 30.76
C HIS A 220 -40.58 7.71 31.66
N LEU A 221 -39.87 8.49 32.48
CA LEU A 221 -40.55 9.41 33.38
C LEU A 221 -41.18 10.57 32.63
N LEU A 222 -40.73 10.85 31.40
CA LEU A 222 -41.42 11.85 30.60
C LEU A 222 -42.70 11.30 29.99
N ALA A 223 -42.72 10.02 29.62
CA ALA A 223 -43.88 9.45 28.94
C ALA A 223 -44.96 9.01 29.92
N VAL A 224 -44.62 8.23 30.94
CA VAL A 224 -45.65 7.56 31.72
C VAL A 224 -46.07 8.35 32.96
N ARG A 225 -45.22 9.25 33.47
CA ARG A 225 -45.54 9.94 34.71
C ARG A 225 -46.61 11.01 34.50
N LYS A 226 -46.55 11.72 33.38
CA LYS A 226 -47.57 12.70 32.99
C LYS A 226 -47.63 13.88 33.96
N ASP A 227 -46.56 14.11 34.72
CA ASP A 227 -46.43 15.30 35.55
C ASP A 227 -45.06 15.91 35.24
N LYS A 228 -45.02 16.73 34.19
CA LYS A 228 -43.75 17.15 33.60
C LYS A 228 -42.92 17.98 34.58
N LYS A 229 -43.55 18.97 35.23
CA LYS A 229 -42.80 19.87 36.09
C LYS A 229 -42.13 19.12 37.23
N ARG A 230 -42.78 18.06 37.74
CA ARG A 230 -42.15 17.25 38.77
C ARG A 230 -41.23 16.19 38.15
N ALA A 231 -41.62 15.66 36.99
CA ALA A 231 -40.86 14.56 36.38
C ALA A 231 -39.47 15.00 35.98
N LEU A 232 -39.32 16.20 35.42
CA LEU A 232 -38.01 16.66 34.99
C LEU A 232 -37.06 16.75 36.18
N VAL A 233 -37.51 17.34 37.28
CA VAL A 233 -36.65 17.49 38.45
C VAL A 233 -36.41 16.15 39.11
N GLU A 234 -37.40 15.25 39.10
CA GLU A 234 -37.19 13.93 39.71
C GLU A 234 -36.20 13.10 38.91
N ALA A 235 -36.20 13.22 37.59
CA ALA A 235 -35.26 12.49 36.75
C ALA A 235 -33.95 13.25 36.56
N PHE A 236 -33.84 14.47 37.08
CA PHE A 236 -32.61 15.23 36.90
C PHE A 236 -31.60 15.02 38.01
N TYR A 237 -32.03 14.90 39.27
CA TYR A 237 -31.09 14.77 40.37
C TYR A 237 -30.79 13.32 40.71
N ARG A 238 -31.80 12.56 41.16
CA ARG A 238 -31.67 11.14 41.45
C ARG A 238 -30.41 10.83 42.26
N THR A 239 -30.40 11.32 43.50
CA THR A 239 -29.23 11.11 44.36
C THR A 239 -28.92 9.63 44.55
N ASN A 240 -29.80 8.74 44.12
CA ASN A 240 -29.63 7.31 44.31
C ASN A 240 -29.11 6.58 43.08
N LEU A 241 -29.41 7.06 41.87
CA LEU A 241 -29.00 6.38 40.64
C LEU A 241 -28.54 7.39 39.61
N PRO A 242 -27.80 6.96 38.57
CA PRO A 242 -27.35 7.91 37.55
C PRO A 242 -28.49 8.73 36.96
N ASN A 243 -28.14 9.93 36.49
CA ASN A 243 -29.13 10.89 36.00
C ASN A 243 -28.68 11.54 34.70
N MET A 244 -29.36 12.63 34.30
CA MET A 244 -29.03 13.30 33.05
C MET A 244 -27.96 14.36 33.21
N PHE A 245 -27.93 15.04 34.36
CA PHE A 245 -26.89 16.05 34.59
C PHE A 245 -25.51 15.43 34.52
N GLN A 246 -25.35 14.20 35.02
CA GLN A 246 -24.06 13.53 34.92
C GLN A 246 -23.69 13.28 33.47
N VAL A 247 -24.66 12.93 32.63
CA VAL A 247 -24.37 12.69 31.22
C VAL A 247 -23.91 13.98 30.54
N LEU A 248 -24.61 15.08 30.81
CA LEU A 248 -24.17 16.35 30.25
C LEU A 248 -22.77 16.71 30.73
N MET A 249 -22.48 16.47 32.01
CA MET A 249 -21.16 16.80 32.53
C MET A 249 -20.07 15.95 31.89
N THR A 250 -20.32 14.67 31.68
CA THR A 250 -19.28 13.84 31.09
C THR A 250 -19.10 14.15 29.61
N VAL A 251 -20.15 14.55 28.91
CA VAL A 251 -19.97 15.02 27.53
C VAL A 251 -19.13 16.29 27.52
N ALA A 252 -19.37 17.18 28.49
CA ALA A 252 -18.59 18.41 28.58
C ALA A 252 -17.12 18.11 28.82
N ILE A 253 -16.81 17.21 29.77
CA ILE A 253 -15.41 16.91 30.05
C ILE A 253 -14.77 16.20 28.87
N PHE A 254 -15.53 15.36 28.16
CA PHE A 254 -14.98 14.72 26.97
C PHE A 254 -14.59 15.75 25.92
N LEU A 255 -15.48 16.71 25.65
CA LEU A 255 -15.16 17.73 24.65
C LEU A 255 -13.99 18.60 25.10
N PHE A 256 -13.92 18.90 26.40
CA PHE A 256 -12.81 19.68 26.92
C PHE A 256 -11.49 18.94 26.75
N VAL A 257 -11.48 17.64 27.04
CA VAL A 257 -10.26 16.86 26.88
C VAL A 257 -9.86 16.78 25.41
N LEU A 258 -10.84 16.60 24.53
CA LEU A 258 -10.54 16.54 23.11
C LEU A 258 -10.00 17.88 22.60
N TYR A 259 -10.44 18.99 23.19
CA TYR A 259 -9.87 20.28 22.80
C TYR A 259 -8.45 20.45 23.31
N LEU A 260 -8.21 20.10 24.58
CA LEU A 260 -6.92 20.32 25.19
C LEU A 260 -5.88 19.29 24.77
N GLN A 261 -6.20 18.40 23.83
CA GLN A 261 -5.26 17.39 23.38
C GLN A 261 -4.35 17.88 22.26
N GLY A 262 -4.85 18.71 21.36
CA GLY A 262 -4.07 19.14 20.22
C GLY A 262 -2.96 20.12 20.53
N PHE A 263 -2.85 20.57 21.77
CA PHE A 263 -1.81 21.51 22.14
C PHE A 263 -0.44 20.88 21.98
N ARG A 264 0.50 21.63 21.40
CA ARG A 264 1.84 21.12 21.15
C ARG A 264 2.78 22.29 20.88
N TYR A 265 4.05 22.10 21.24
CA TYR A 265 5.09 23.08 20.96
C TYR A 265 5.84 22.66 19.71
N GLU A 266 5.93 23.55 18.73
CA GLU A 266 6.54 23.26 17.44
C GLU A 266 7.80 24.13 17.31
N LEU A 267 8.92 23.48 17.01
CA LEU A 267 10.10 24.29 16.72
C LEU A 267 10.72 23.88 15.40
N PRO A 268 11.28 24.82 14.65
CA PRO A 268 11.79 24.49 13.31
C PRO A 268 13.11 23.75 13.37
N ILE A 269 13.21 22.67 12.58
CA ILE A 269 14.39 21.84 12.51
C ILE A 269 14.85 21.73 11.06
N ARG A 270 16.16 21.65 10.87
CA ARG A 270 16.72 21.46 9.54
C ARG A 270 17.80 20.38 9.61
N SER A 271 18.00 19.70 8.49
CA SER A 271 18.98 18.63 8.39
C SER A 271 20.33 19.17 7.92
N THR A 272 21.36 18.37 8.15
CA THR A 272 22.72 18.74 7.77
C THR A 272 23.40 17.76 6.83
N LYS A 273 23.03 16.47 6.85
CA LYS A 273 23.66 15.52 5.95
C LYS A 273 23.27 15.82 4.50
N VAL A 274 21.98 15.98 4.24
CA VAL A 274 21.46 16.35 2.93
C VAL A 274 20.74 17.69 3.10
N ARG A 275 21.03 18.63 2.21
CA ARG A 275 20.47 19.97 2.33
C ARG A 275 19.13 20.07 1.64
N GLY A 276 18.34 21.07 2.06
CA GLY A 276 17.01 21.27 1.53
C GLY A 276 15.90 20.65 2.34
N GLN A 277 16.21 19.86 3.35
CA GLN A 277 15.22 19.19 4.20
C GLN A 277 14.94 20.08 5.40
N ILE A 278 13.80 20.75 5.39
CA ILE A 278 13.33 21.56 6.50
C ILE A 278 12.16 20.84 7.15
N GLY A 279 12.14 20.82 8.48
CA GLY A 279 11.10 20.12 9.18
C GLY A 279 10.74 20.79 10.48
N ILE A 280 9.75 20.22 11.16
CA ILE A 280 9.26 20.72 12.44
C ILE A 280 9.20 19.56 13.41
N TYR A 281 9.57 19.82 14.65
CA TYR A 281 9.51 18.82 15.72
C TYR A 281 8.43 19.20 16.72
N PRO A 282 7.28 18.52 16.72
CA PRO A 282 6.21 18.90 17.66
C PRO A 282 6.49 18.37 19.05
N ILE A 283 6.19 19.21 20.05
CA ILE A 283 6.33 18.84 21.46
C ILE A 283 4.95 18.99 22.08
N LYS A 284 4.23 17.87 22.21
CA LYS A 284 2.87 17.91 22.71
C LYS A 284 2.86 18.21 24.20
N LEU A 285 1.66 18.51 24.72
CA LEU A 285 1.51 18.89 26.11
C LEU A 285 1.41 17.68 27.02
N PHE A 286 0.61 16.69 26.65
CA PHE A 286 0.49 15.45 27.43
C PHE A 286 1.67 14.55 27.07
N TYR A 287 2.86 14.97 27.52
CA TYR A 287 4.08 14.27 27.16
C TYR A 287 4.16 12.90 27.80
N THR A 288 3.78 12.80 29.07
CA THR A 288 3.93 11.56 29.82
C THR A 288 2.94 10.47 29.41
N SER A 289 1.87 10.84 28.71
CA SER A 289 0.89 9.90 28.15
C SER A 289 0.29 9.00 29.23
N ASN A 290 -0.38 9.65 30.19
CA ASN A 290 -1.26 9.04 31.19
C ASN A 290 -0.55 8.10 32.16
N THR A 291 0.77 8.01 32.15
CA THR A 291 1.44 7.12 33.09
C THR A 291 1.42 7.65 34.53
N PRO A 292 1.75 8.93 34.79
CA PRO A 292 1.87 9.35 36.20
C PRO A 292 0.56 9.30 36.95
N ILE A 293 -0.56 9.59 36.27
CA ILE A 293 -1.85 9.48 36.93
C ILE A 293 -2.14 8.03 37.30
N MET A 294 -1.74 7.08 36.44
CA MET A 294 -1.91 5.67 36.77
C MET A 294 -1.06 5.28 37.97
N LEU A 295 0.20 5.72 38.00
CA LEU A 295 1.05 5.42 39.14
C LEU A 295 0.47 6.02 40.43
N GLN A 296 -0.04 7.25 40.35
CA GLN A 296 -0.60 7.89 41.53
C GLN A 296 -1.83 7.14 42.03
N SER A 297 -2.75 6.81 41.12
CA SER A 297 -3.93 6.05 41.52
C SER A 297 -3.55 4.71 42.14
N ALA A 298 -2.56 4.03 41.54
CA ALA A 298 -2.14 2.74 42.08
C ALA A 298 -1.59 2.88 43.49
N LEU A 299 -0.73 3.88 43.71
CA LEU A 299 -0.11 4.03 45.03
C LEU A 299 -1.13 4.44 46.08
N THR A 300 -2.06 5.33 45.72
CA THR A 300 -3.10 5.70 46.68
C THR A 300 -4.00 4.52 47.02
N SER A 301 -4.39 3.72 46.02
CA SER A 301 -5.18 2.53 46.29
C SER A 301 -4.44 1.57 47.19
N ASN A 302 -3.16 1.36 46.92
CA ASN A 302 -2.37 0.41 47.72
C ASN A 302 -2.25 0.89 49.16
N ILE A 303 -1.94 2.17 49.36
CA ILE A 303 -1.79 2.66 50.73
C ILE A 303 -3.13 2.64 51.46
N PHE A 304 -4.24 2.88 50.74
CA PHE A 304 -5.54 2.77 51.38
C PHE A 304 -5.83 1.34 51.82
N LEU A 305 -5.54 0.37 50.97
CA LEU A 305 -5.74 -1.03 51.35
C LEU A 305 -4.87 -1.41 52.55
N ILE A 306 -3.61 -0.97 52.55
CA ILE A 306 -2.72 -1.31 53.66
C ILE A 306 -3.20 -0.67 54.96
N SER A 307 -3.59 0.60 54.90
CA SER A 307 -4.08 1.27 56.11
C SER A 307 -5.34 0.60 56.62
N GLN A 308 -6.25 0.21 55.72
CA GLN A 308 -7.48 -0.45 56.16
C GLN A 308 -7.18 -1.81 56.78
N ILE A 309 -6.27 -2.57 56.18
CA ILE A 309 -5.93 -3.89 56.73
C ILE A 309 -5.28 -3.75 58.10
N LEU A 310 -4.38 -2.78 58.26
CA LEU A 310 -3.71 -2.62 59.55
C LEU A 310 -4.67 -2.10 60.62
N PHE A 311 -5.63 -1.26 60.23
CA PHE A 311 -6.65 -0.82 61.18
C PHE A 311 -7.59 -1.97 61.52
N GLN A 312 -7.77 -2.92 60.60
CA GLN A 312 -8.60 -4.08 60.89
C GLN A 312 -7.90 -5.04 61.85
N LYS A 313 -6.59 -5.25 61.65
CA LYS A 313 -5.86 -6.17 62.52
C LYS A 313 -5.77 -5.64 63.95
N TYR A 314 -5.25 -4.43 64.11
CA TYR A 314 -5.16 -3.80 65.42
C TYR A 314 -6.29 -2.78 65.56
N PRO A 315 -7.17 -2.94 66.55
CA PRO A 315 -8.32 -2.02 66.67
C PRO A 315 -7.89 -0.57 66.90
N THR A 316 -7.11 -0.33 67.96
CA THR A 316 -6.63 1.01 68.26
C THR A 316 -5.22 0.94 68.82
N ASN A 317 -4.38 1.87 68.38
CA ASN A 317 -3.01 2.04 68.85
C ASN A 317 -2.62 3.47 68.58
N PRO A 318 -1.60 4.00 69.27
CA PRO A 318 -1.22 5.41 69.03
C PRO A 318 -0.94 5.72 67.56
N LEU A 319 -0.01 5.01 66.94
CA LEU A 319 0.32 5.30 65.55
C LEU A 319 -0.83 4.96 64.62
N ILE A 320 -1.51 3.83 64.87
CA ILE A 320 -2.60 3.40 63.99
C ILE A 320 -3.79 4.35 64.12
N ARG A 321 -4.04 4.89 65.32
CA ARG A 321 -5.11 5.87 65.46
C ARG A 321 -4.72 7.22 64.89
N LEU A 322 -3.43 7.58 64.96
CA LEU A 322 -3.00 8.87 64.43
C LEU A 322 -3.00 8.89 62.90
N ILE A 323 -2.63 7.78 62.27
CA ILE A 323 -2.59 7.75 60.81
C ILE A 323 -4.02 7.74 60.24
N GLY A 324 -4.98 7.20 60.98
CA GLY A 324 -6.35 7.17 60.51
C GLY A 324 -7.32 6.48 61.45
N VAL A 325 -8.53 7.02 61.55
CA VAL A 325 -9.60 6.42 62.33
C VAL A 325 -10.74 6.12 61.35
N TRP A 326 -10.90 4.85 61.00
CA TRP A 326 -11.87 4.47 59.99
C TRP A 326 -13.29 4.51 60.54
N GLY A 327 -14.23 4.92 59.69
CA GLY A 327 -15.63 4.99 60.06
C GLY A 327 -16.50 4.87 58.84
N ILE A 328 -17.81 4.99 59.07
CA ILE A 328 -18.78 4.91 58.00
C ILE A 328 -19.54 6.23 57.87
N GLN A 336 -16.69 2.62 53.70
CA GLN A 336 -15.88 2.95 54.86
C GLN A 336 -14.88 4.06 54.55
N MET A 337 -14.93 5.13 55.32
CA MET A 337 -14.07 6.29 55.13
C MET A 337 -13.41 6.63 56.45
N ALA A 338 -12.10 6.84 56.42
CA ALA A 338 -11.37 7.21 57.62
C ALA A 338 -11.78 8.61 58.07
N LEU A 339 -11.58 8.86 59.37
CA LEU A 339 -11.86 10.16 59.96
C LEU A 339 -10.67 10.63 60.77
N SER A 340 -10.41 11.93 60.72
CA SER A 340 -9.31 12.56 61.47
C SER A 340 -7.98 11.84 61.23
N GLY A 341 -7.76 11.38 59.99
CA GLY A 341 -6.56 10.68 59.64
C GLY A 341 -5.96 11.21 58.35
N LEU A 342 -4.72 10.80 58.11
CA LEU A 342 -4.03 11.22 56.89
C LEU A 342 -4.67 10.59 55.66
N ALA A 343 -5.02 9.30 55.76
CA ALA A 343 -5.76 8.65 54.68
C ALA A 343 -7.09 9.35 54.44
N TYR A 344 -7.71 9.86 55.51
CA TYR A 344 -8.91 10.67 55.36
C TYR A 344 -8.61 11.98 54.62
N TYR A 345 -7.43 12.56 54.86
CA TYR A 345 -7.07 13.79 54.20
C TYR A 345 -6.81 13.56 52.71
N ILE A 346 -6.30 12.39 52.36
CA ILE A 346 -5.98 12.09 50.96
C ILE A 346 -7.20 11.52 50.26
N GLN A 347 -8.33 11.50 50.94
CA GLN A 347 -9.54 10.97 50.32
C GLN A 347 -10.04 11.91 49.22
N PRO A 348 -10.58 11.38 48.14
CA PRO A 348 -11.12 12.24 47.08
C PRO A 348 -12.40 12.92 47.53
N LEU A 349 -12.74 14.00 46.83
CA LEU A 349 -13.95 14.75 47.11
C LEU A 349 -15.04 14.34 46.12
N MET A 350 -16.15 13.83 46.64
CA MET A 350 -17.19 13.29 45.76
C MET A 350 -18.09 14.38 45.19
N SER A 351 -18.48 15.35 46.02
CA SER A 351 -19.38 16.40 45.57
C SER A 351 -18.94 17.73 46.15
N LEU A 352 -19.66 18.80 45.79
CA LEU A 352 -19.35 20.11 46.32
C LEU A 352 -19.70 20.22 47.80
N SER A 353 -20.53 19.30 48.30
CA SER A 353 -20.88 19.31 49.70
C SER A 353 -19.66 19.12 50.59
N GLU A 354 -18.95 18.02 50.40
CA GLU A 354 -17.73 17.78 51.18
C GLU A 354 -16.65 18.78 50.82
N ALA A 355 -16.71 19.35 49.61
CA ALA A 355 -15.75 20.38 49.21
C ALA A 355 -15.90 21.62 50.09
N LEU A 356 -17.15 22.08 50.28
CA LEU A 356 -17.37 23.24 51.14
C LEU A 356 -17.38 22.87 52.61
N LEU A 357 -17.45 21.57 52.93
CA LEU A 357 -17.49 21.15 54.34
C LEU A 357 -16.18 21.49 55.05
N ASP A 358 -15.08 20.92 54.59
CA ASP A 358 -13.77 21.14 55.20
C ASP A 358 -12.81 21.69 54.16
N PRO A 359 -12.61 23.01 54.10
CA PRO A 359 -11.73 23.54 53.04
C PRO A 359 -10.28 23.18 53.21
N ILE A 360 -9.83 22.87 54.43
CA ILE A 360 -8.42 22.55 54.62
C ILE A 360 -8.08 21.20 53.98
N LYS A 361 -9.00 20.24 54.05
CA LYS A 361 -8.77 18.95 53.40
C LYS A 361 -8.61 19.13 51.90
N THR A 362 -9.45 19.96 51.29
CA THR A 362 -9.32 20.23 49.87
C THR A 362 -8.00 20.95 49.56
N ILE A 363 -7.67 21.96 50.37
CA ILE A 363 -6.50 22.77 50.07
C ILE A 363 -5.21 21.99 50.26
N VAL A 364 -5.23 20.91 51.04
CA VAL A 364 -4.04 20.05 51.10
C VAL A 364 -4.09 18.97 50.02
N TYR A 365 -5.27 18.40 49.76
CA TYR A 365 -5.38 17.27 48.85
C TYR A 365 -5.11 17.68 47.41
N ILE A 366 -5.64 18.84 46.99
CA ILE A 366 -5.44 19.29 45.62
C ILE A 366 -3.96 19.53 45.34
N THR A 367 -3.30 20.29 46.22
CA THR A 367 -1.88 20.56 46.04
C THR A 367 -1.06 19.28 46.13
N PHE A 368 -1.46 18.35 47.02
CA PHE A 368 -0.76 17.08 47.13
C PHE A 368 -0.82 16.31 45.81
N VAL A 369 -2.01 16.14 45.26
CA VAL A 369 -2.14 15.34 44.05
C VAL A 369 -1.45 16.03 42.88
N LEU A 370 -1.54 17.37 42.81
CA LEU A 370 -0.92 18.09 41.71
C LEU A 370 0.60 17.95 41.76
N GLY A 371 1.19 18.20 42.92
CA GLY A 371 2.64 18.05 43.04
C GLY A 371 3.10 16.63 42.81
N SER A 372 2.31 15.65 43.26
CA SER A 372 2.67 14.26 43.02
C SER A 372 2.70 13.96 41.53
N CYS A 373 1.65 14.34 40.80
CA CYS A 373 1.63 14.09 39.36
C CYS A 373 2.77 14.82 38.67
N ALA A 374 3.11 16.03 39.12
CA ALA A 374 4.19 16.79 38.51
C ALA A 374 5.53 16.07 38.69
N VAL A 375 5.85 15.70 39.93
CA VAL A 375 7.13 15.05 40.18
C VAL A 375 7.17 13.67 39.54
N PHE A 376 6.01 13.02 39.40
CA PHE A 376 5.98 11.73 38.72
C PHE A 376 6.24 11.90 37.23
N SER A 377 5.70 12.97 36.64
CA SER A 377 6.02 13.28 35.25
C SER A 377 7.51 13.51 35.07
N LYS A 378 8.12 14.28 35.97
CA LYS A 378 9.55 14.54 35.85
C LYS A 378 10.36 13.25 35.99
N THR A 379 10.04 12.44 37.00
CA THR A 379 10.75 11.18 37.19
C THR A 379 10.59 10.27 35.98
N TRP A 380 9.39 10.24 35.38
CA TRP A 380 9.14 9.35 34.26
C TRP A 380 9.89 9.82 33.02
N ILE A 381 9.91 11.12 32.75
CA ILE A 381 10.68 11.59 31.60
C ILE A 381 12.17 11.44 31.85
N GLU A 382 12.58 11.38 33.13
CA GLU A 382 13.99 11.14 33.41
C GLU A 382 14.36 9.68 33.19
N ILE A 383 13.49 8.74 33.57
CA ILE A 383 13.85 7.32 33.53
C ILE A 383 13.57 6.70 32.17
N SER A 384 12.55 7.18 31.46
CA SER A 384 12.10 6.55 30.22
C SER A 384 12.97 6.91 29.03
N GLY A 385 14.13 7.51 29.24
CA GLY A 385 15.01 7.83 28.13
C GLY A 385 14.52 8.94 27.23
N THR A 386 13.56 9.74 27.70
CA THR A 386 13.05 10.88 26.94
C THR A 386 13.65 12.18 27.43
N SER A 387 14.82 12.11 28.05
CA SER A 387 15.47 13.31 28.58
C SER A 387 15.93 14.20 27.42
N PRO A 388 16.09 15.50 27.66
CA PRO A 388 16.62 16.37 26.61
C PRO A 388 18.00 15.95 26.11
N ARG A 389 18.80 15.31 26.97
CA ARG A 389 20.10 14.82 26.54
C ARG A 389 19.97 13.75 25.47
N ASP A 390 19.02 12.82 25.64
CA ASP A 390 18.85 11.76 24.65
C ASP A 390 18.35 12.32 23.33
N ILE A 391 17.46 13.31 23.36
CA ILE A 391 16.96 13.89 22.13
C ILE A 391 18.06 14.69 21.43
N ALA A 392 18.88 15.39 22.20
CA ALA A 392 20.02 16.10 21.61
C ALA A 392 20.99 15.12 20.98
N LYS A 393 21.25 13.99 21.63
CA LYS A 393 22.10 12.96 21.05
C LYS A 393 21.50 12.39 19.78
N GLN A 394 20.18 12.17 19.77
CA GLN A 394 19.52 11.68 18.56
C GLN A 394 19.63 12.70 17.43
N PHE A 395 19.56 13.99 17.76
CA PHE A 395 19.79 15.02 16.76
C PHE A 395 21.22 14.98 16.24
N LYS A 396 22.18 14.72 17.13
CA LYS A 396 23.57 14.59 16.71
C LYS A 396 23.73 13.44 15.73
N ASP A 397 23.08 12.30 16.00
CA ASP A 397 23.17 11.17 15.10
C ASP A 397 22.49 11.46 13.77
N GLN A 398 21.23 11.88 13.81
CA GLN A 398 20.51 12.18 12.57
C GLN A 398 21.03 13.42 11.87
N GLY A 399 21.83 14.25 12.56
CA GLY A 399 22.34 15.47 11.98
C GLY A 399 21.37 16.63 11.97
N MET A 400 20.19 16.46 12.56
CA MET A 400 19.21 17.54 12.61
C MET A 400 19.72 18.67 13.49
N VAL A 401 19.33 19.89 13.11
CA VAL A 401 19.73 21.10 13.83
C VAL A 401 18.62 22.14 13.66
N ILE A 402 18.61 23.12 14.57
CA ILE A 402 17.62 24.20 14.52
C ILE A 402 17.88 25.05 13.29
N ASN A 403 16.82 25.71 12.80
CA ASN A 403 16.95 26.57 11.64
C ASN A 403 17.90 27.74 11.93
N GLY A 404 17.53 28.59 12.88
CA GLY A 404 18.30 29.80 13.14
C GLY A 404 19.08 29.77 14.44
N LYS A 405 19.65 28.61 14.79
CA LYS A 405 20.44 28.47 16.00
C LYS A 405 21.67 27.65 15.69
N ARG A 406 22.65 27.68 16.60
CA ARG A 406 23.91 26.98 16.43
C ARG A 406 23.73 25.50 16.80
N GLU A 407 24.85 24.78 16.90
CA GLU A 407 24.82 23.34 17.14
C GLU A 407 25.21 22.97 18.57
N THR A 408 25.88 23.87 19.28
CA THR A 408 26.38 23.60 20.62
C THR A 408 25.34 23.92 21.71
N SER A 409 24.17 24.42 21.32
CA SER A 409 23.17 24.84 22.28
C SER A 409 21.85 24.06 22.18
N ILE A 410 21.84 22.94 21.46
CA ILE A 410 20.61 22.15 21.36
C ILE A 410 20.20 21.63 22.73
N TYR A 411 21.15 21.08 23.49
CA TYR A 411 20.83 20.60 24.82
C TYR A 411 20.42 21.73 25.76
N ARG A 412 21.09 22.88 25.64
CA ARG A 412 20.73 24.04 26.44
C ARG A 412 19.30 24.49 26.17
N GLU A 413 18.88 24.50 24.90
CA GLU A 413 17.52 24.89 24.57
C GLU A 413 16.51 23.83 24.98
N LEU A 414 16.85 22.55 24.83
CA LEU A 414 15.94 21.47 25.21
C LEU A 414 15.71 21.43 26.70
N LYS A 415 16.72 21.81 27.50
CA LYS A 415 16.54 21.88 28.94
C LYS A 415 15.50 22.93 29.32
N LYS A 416 15.27 23.91 28.45
CA LYS A 416 14.30 24.96 28.70
C LYS A 416 12.93 24.66 28.09
N ILE A 417 12.76 23.50 27.46
CA ILE A 417 11.49 23.21 26.80
C ILE A 417 10.88 21.91 27.34
N ILE A 418 11.69 20.88 27.52
CA ILE A 418 11.16 19.56 27.88
C ILE A 418 10.68 19.49 29.32
N PRO A 419 11.50 19.86 30.32
CA PRO A 419 11.07 19.65 31.71
C PRO A 419 9.83 20.43 32.09
N THR A 420 9.77 21.70 31.71
CA THR A 420 8.57 22.48 32.01
C THR A 420 7.34 21.88 31.34
N ALA A 421 7.50 21.36 30.12
CA ALA A 421 6.39 20.74 29.43
C ALA A 421 5.90 19.50 30.17
N ALA A 422 6.83 18.66 30.60
CA ALA A 422 6.44 17.43 31.31
C ALA A 422 5.75 17.76 32.63
N ALA A 423 6.34 18.67 33.41
CA ALA A 423 5.76 19.04 34.70
C ALA A 423 4.37 19.64 34.51
N PHE A 424 4.22 20.52 33.51
CA PHE A 424 2.93 21.15 33.28
C PHE A 424 1.89 20.16 32.79
N GLY A 425 2.30 19.20 31.96
CA GLY A 425 1.38 18.15 31.57
C GLY A 425 0.89 17.34 32.74
N GLY A 426 1.82 16.96 33.64
CA GLY A 426 1.42 16.24 34.83
C GLY A 426 0.45 17.04 35.69
N ALA A 427 0.75 18.32 35.90
CA ALA A 427 -0.13 19.16 36.70
C ALA A 427 -1.51 19.29 36.07
N THR A 428 -1.56 19.40 34.74
CA THR A 428 -2.85 19.53 34.07
C THR A 428 -3.66 18.24 34.16
N ILE A 429 -2.99 17.08 34.01
CA ILE A 429 -3.68 15.81 34.22
C ILE A 429 -4.25 15.73 35.63
N GLY A 430 -3.46 16.16 36.62
CA GLY A 430 -3.96 16.16 37.99
C GLY A 430 -5.17 17.05 38.17
N ALA A 431 -5.13 18.25 37.57
CA ALA A 431 -6.26 19.17 37.68
C ALA A 431 -7.51 18.60 37.05
N LEU A 432 -7.39 17.98 35.87
CA LEU A 432 -8.56 17.42 35.22
C LEU A 432 -9.11 16.22 35.99
N SER A 433 -8.21 15.41 36.58
CA SER A 433 -8.68 14.31 37.42
C SER A 433 -9.44 14.83 38.63
N VAL A 434 -8.94 15.88 39.27
CA VAL A 434 -9.63 16.46 40.42
C VAL A 434 -11.00 16.98 40.00
N GLY A 435 -11.04 17.70 38.88
CA GLY A 435 -12.32 18.21 38.40
C GLY A 435 -13.32 17.12 38.11
N SER A 436 -12.88 16.04 37.46
CA SER A 436 -13.79 14.94 37.16
C SER A 436 -14.28 14.26 38.43
N ASP A 437 -13.39 14.00 39.39
CA ASP A 437 -13.82 13.37 40.63
C ASP A 437 -14.73 14.28 41.43
N LEU A 438 -14.58 15.60 41.28
CA LEU A 438 -15.41 16.52 42.04
C LEU A 438 -16.81 16.65 41.43
N LEU A 439 -16.88 16.93 40.13
CA LEU A 439 -18.18 17.06 39.48
C LEU A 439 -18.92 15.74 39.38
N GLY A 440 -18.23 14.62 39.57
CA GLY A 440 -18.87 13.31 39.59
C GLY A 440 -19.56 12.92 38.30
N THR A 441 -18.78 12.70 37.24
CA THR A 441 -19.33 12.18 36.01
C THR A 441 -19.46 10.65 36.10
N LEU A 442 -19.97 10.05 35.02
CA LEU A 442 -20.23 8.62 35.03
C LEU A 442 -18.98 7.78 35.22
N GLY A 443 -17.82 8.31 34.88
CA GLY A 443 -16.58 7.57 35.03
C GLY A 443 -15.47 8.48 35.52
N SER A 444 -14.46 7.87 36.12
CA SER A 444 -13.32 8.63 36.62
C SER A 444 -12.57 9.29 35.47
N GLY A 445 -11.99 10.46 35.76
CA GLY A 445 -11.29 11.21 34.73
C GLY A 445 -10.10 10.47 34.16
N ALA A 446 -9.43 9.66 34.97
CA ALA A 446 -8.27 8.92 34.50
C ALA A 446 -8.66 7.96 33.37
N SER A 447 -9.78 7.26 33.53
CA SER A 447 -10.19 6.29 32.52
C SER A 447 -10.57 6.97 31.21
N ILE A 448 -11.35 8.05 31.29
CA ILE A 448 -11.71 8.77 30.07
C ILE A 448 -10.46 9.33 29.40
N LEU A 449 -9.50 9.82 30.20
CA LEU A 449 -8.26 10.33 29.64
C LEU A 449 -7.49 9.25 28.91
N MET A 450 -7.38 8.07 29.53
CA MET A 450 -6.66 6.96 28.90
C MET A 450 -7.33 6.55 27.59
N ALA A 451 -8.65 6.41 27.61
CA ALA A 451 -9.35 5.98 26.40
C ALA A 451 -9.21 7.01 25.28
N THR A 452 -9.43 8.29 25.61
CA THR A 452 -9.32 9.33 24.62
C THR A 452 -7.90 9.42 24.06
N THR A 453 -6.89 9.27 24.92
CA THR A 453 -5.51 9.34 24.45
C THR A 453 -5.17 8.17 23.53
N THR A 454 -5.61 6.96 23.88
CA THR A 454 -5.34 5.82 23.01
C THR A 454 -6.01 5.99 21.66
N ILE A 455 -7.28 6.39 21.65
CA ILE A 455 -7.96 6.58 20.36
C ILE A 455 -7.31 7.72 19.57
N TYR A 456 -6.84 8.75 20.26
CA TYR A 456 -6.19 9.85 19.57
C TYR A 456 -4.88 9.40 18.96
N GLY A 457 -4.13 8.53 19.64
CA GLY A 457 -2.93 7.98 19.04
C GLY A 457 -3.23 7.15 17.81
N TYR A 458 -4.28 6.33 17.88
CA TYR A 458 -4.71 5.59 16.70
C TYR A 458 -4.99 6.53 15.54
N TYR A 459 -5.80 7.56 15.78
CA TYR A 459 -6.16 8.49 14.71
C TYR A 459 -4.93 9.21 14.17
N GLU A 460 -4.00 9.57 15.06
CA GLU A 460 -2.81 10.30 14.64
C GLU A 460 -1.95 9.44 13.73
N ALA A 461 -1.74 8.17 14.09
CA ALA A 461 -1.02 7.26 13.21
C ALA A 461 -1.75 7.12 11.88
N ALA A 462 -3.07 6.95 11.91
CA ALA A 462 -3.83 6.77 10.68
C ALA A 462 -3.75 7.99 9.77
N ALA A 463 -3.73 9.19 10.35
CA ALA A 463 -3.70 10.41 9.54
C ALA A 463 -2.30 10.69 9.02
N LYS A 464 -1.28 10.40 9.83
CA LYS A 464 0.09 10.59 9.37
C LYS A 464 0.41 9.63 8.23
N GLU A 465 -0.03 8.38 8.34
CA GLU A 465 0.15 7.44 7.23
C GLU A 465 -0.70 7.84 6.04
N GLY A 466 -1.96 8.19 6.27
CA GLY A 466 -2.85 8.59 5.19
C GLY A 466 -3.79 7.48 4.76
N GLY A 467 -5.05 7.57 5.18
CA GLY A 467 -6.01 6.56 4.82
C GLY A 467 -7.41 6.99 5.23
N PHE A 468 -8.38 6.18 4.81
CA PHE A 468 -9.78 6.44 5.11
C PHE A 468 -10.09 6.19 6.59
N VAL B 26 5.30 30.89 42.52
CA VAL B 26 4.44 31.59 41.58
C VAL B 26 5.13 31.69 40.23
N GLU B 27 6.46 31.58 40.24
CA GLU B 27 7.21 31.63 38.99
C GLU B 27 6.91 30.44 38.10
N PHE B 28 6.58 29.30 38.69
CA PHE B 28 6.23 28.11 37.90
C PHE B 28 5.01 28.38 37.02
N VAL B 29 4.00 29.06 37.58
CA VAL B 29 2.81 29.39 36.81
C VAL B 29 3.16 30.38 35.69
N ARG B 30 4.07 31.31 35.95
CA ARG B 30 4.49 32.24 34.91
C ARG B 30 5.19 31.51 33.77
N GLU B 31 6.09 30.59 34.11
CA GLU B 31 6.76 29.79 33.08
C GLU B 31 5.74 28.99 32.28
N GLY B 32 4.77 28.37 32.95
CA GLY B 32 3.77 27.60 32.24
C GLY B 32 2.93 28.45 31.32
N THR B 33 2.54 29.65 31.77
CA THR B 33 1.75 30.53 30.93
C THR B 33 2.55 30.99 29.71
N GLN B 34 3.82 31.33 29.92
CA GLN B 34 4.66 31.71 28.78
C GLN B 34 4.84 30.55 27.83
N PHE B 35 4.86 29.32 28.34
CA PHE B 35 4.98 28.14 27.48
C PHE B 35 3.72 27.94 26.65
N LEU B 36 2.54 28.03 27.27
CA LEU B 36 1.31 27.89 26.52
C LEU B 36 1.10 29.04 25.55
N ALA B 37 1.66 30.21 25.85
CA ALA B 37 1.59 31.32 24.91
C ALA B 37 2.31 30.98 23.61
N LYS B 38 3.40 30.22 23.71
CA LYS B 38 4.13 29.79 22.53
C LYS B 38 3.59 28.52 21.92
N CYS B 39 2.56 27.91 22.52
CA CYS B 39 1.97 26.70 21.98
C CYS B 39 1.19 27.00 20.71
N LYS B 40 0.71 25.95 20.05
CA LYS B 40 -0.04 26.07 18.80
C LYS B 40 -1.48 25.67 19.07
N LYS B 41 -2.34 26.66 19.28
CA LYS B 41 -3.75 26.39 19.52
C LYS B 41 -4.42 25.88 18.27
N PRO B 42 -5.28 24.86 18.39
CA PRO B 42 -5.93 24.29 17.21
C PRO B 42 -7.08 25.16 16.72
N ASP B 43 -7.22 25.23 15.40
CA ASP B 43 -8.28 25.99 14.79
C ASP B 43 -9.56 25.15 14.71
N LEU B 44 -10.64 25.78 14.23
CA LEU B 44 -11.94 25.11 14.24
C LEU B 44 -12.04 24.07 13.13
N LYS B 45 -11.49 24.36 11.95
CA LYS B 45 -11.62 23.42 10.84
C LYS B 45 -10.84 22.14 11.08
N GLU B 46 -9.79 22.20 11.91
CA GLU B 46 -9.11 20.98 12.33
C GLU B 46 -9.81 20.36 13.53
N TYR B 47 -10.31 21.20 14.43
CA TYR B 47 -11.03 20.72 15.61
C TYR B 47 -12.22 19.85 15.22
N THR B 48 -12.92 20.20 14.15
CA THR B 48 -14.08 19.42 13.75
C THR B 48 -13.67 18.03 13.27
N LYS B 49 -12.55 17.94 12.55
CA LYS B 49 -12.08 16.62 12.11
C LYS B 49 -11.61 15.80 13.30
N ILE B 50 -10.90 16.43 14.24
CA ILE B 50 -10.45 15.71 15.44
C ILE B 50 -11.65 15.15 16.19
N VAL B 51 -12.65 15.99 16.45
CA VAL B 51 -13.79 15.56 17.25
C VAL B 51 -14.59 14.50 16.51
N LYS B 52 -14.73 14.65 15.18
CA LYS B 52 -15.44 13.63 14.43
C LYS B 52 -14.74 12.28 14.53
N ALA B 53 -13.43 12.24 14.24
CA ALA B 53 -12.72 10.98 14.26
C ALA B 53 -12.77 10.34 15.64
N VAL B 54 -12.44 11.10 16.68
CA VAL B 54 -12.38 10.54 18.02
C VAL B 54 -13.77 10.10 18.49
N GLY B 55 -14.79 10.91 18.25
CA GLY B 55 -16.12 10.54 18.68
C GLY B 55 -16.65 9.32 17.97
N ILE B 56 -16.39 9.20 16.66
CA ILE B 56 -16.84 8.02 15.94
C ILE B 56 -16.15 6.78 16.46
N GLY B 57 -14.83 6.84 16.64
CA GLY B 57 -14.13 5.68 17.19
C GLY B 57 -14.64 5.29 18.56
N PHE B 58 -14.81 6.27 19.44
CA PHE B 58 -15.23 5.99 20.81
C PHE B 58 -16.64 5.42 20.85
N ILE B 59 -17.56 6.01 20.08
CA ILE B 59 -18.93 5.52 20.08
C ILE B 59 -19.00 4.13 19.46
N ALA B 60 -18.17 3.85 18.45
CA ALA B 60 -18.17 2.52 17.87
C ALA B 60 -17.73 1.47 18.89
N VAL B 61 -16.62 1.74 19.58
CA VAL B 61 -16.14 0.80 20.60
C VAL B 61 -17.20 0.63 21.68
N GLY B 62 -17.78 1.73 22.15
CA GLY B 62 -18.78 1.64 23.20
C GLY B 62 -20.00 0.84 22.80
N ILE B 63 -20.54 1.10 21.61
CA ILE B 63 -21.74 0.41 21.17
C ILE B 63 -21.46 -1.07 20.97
N ILE B 64 -20.30 -1.42 20.44
CA ILE B 64 -19.95 -2.84 20.32
C ILE B 64 -19.95 -3.49 21.69
N GLY B 65 -19.28 -2.87 22.65
CA GLY B 65 -19.24 -3.43 24.00
C GLY B 65 -20.63 -3.57 24.62
N TYR B 66 -21.46 -2.54 24.46
CA TYR B 66 -22.78 -2.58 25.07
C TYR B 66 -23.66 -3.65 24.44
N ALA B 67 -23.61 -3.78 23.11
CA ALA B 67 -24.44 -4.79 22.46
C ALA B 67 -23.99 -6.20 22.82
N ILE B 68 -22.67 -6.43 22.91
CA ILE B 68 -22.19 -7.75 23.27
C ILE B 68 -22.48 -8.05 24.75
N LYS B 69 -22.62 -7.00 25.57
CA LYS B 69 -23.00 -7.25 26.96
C LYS B 69 -24.50 -7.43 27.11
N LEU B 70 -25.29 -6.94 26.16
CA LEU B 70 -26.73 -7.10 26.26
C LEU B 70 -27.21 -8.43 25.71
N ILE B 71 -26.68 -8.84 24.55
CA ILE B 71 -27.16 -10.06 23.91
C ILE B 71 -26.99 -11.26 24.82
N HIS B 72 -25.91 -11.30 25.61
CA HIS B 72 -25.51 -12.52 26.30
C HIS B 72 -26.21 -12.74 27.63
N ILE B 73 -27.16 -11.90 28.02
CA ILE B 73 -27.88 -12.17 29.27
C ILE B 73 -28.96 -13.23 29.07
N PRO B 74 -29.91 -13.06 28.14
CA PRO B 74 -30.93 -14.10 27.99
C PRO B 74 -30.37 -15.41 27.48
N ILE B 75 -29.29 -15.39 26.70
CA ILE B 75 -28.69 -16.63 26.24
C ILE B 75 -28.00 -17.35 27.39
N ARG B 76 -27.31 -16.61 28.26
CA ARG B 76 -26.74 -17.24 29.45
C ARG B 76 -27.83 -17.71 30.41
N TYR B 77 -29.04 -17.17 30.30
CA TYR B 77 -30.14 -17.74 31.07
C TYR B 77 -30.63 -19.05 30.44
N VAL B 78 -30.83 -19.05 29.13
CA VAL B 78 -31.41 -20.21 28.45
C VAL B 78 -30.48 -21.41 28.55
N ILE B 79 -29.18 -21.20 28.27
CA ILE B 79 -28.25 -22.32 28.26
C ILE B 79 -28.07 -22.89 29.67
N VAL B 80 -27.58 -22.07 30.59
CA VAL B 80 -27.32 -22.50 31.95
C VAL B 80 -28.63 -22.78 32.68
N ARG C 51 4.26 -19.61 11.08
CA ARG C 51 3.94 -20.85 11.77
C ARG C 51 2.42 -21.03 11.86
N VAL C 52 1.71 -19.92 12.12
CA VAL C 52 0.26 -19.91 12.14
C VAL C 52 -0.24 -18.66 11.42
N ASP C 53 -1.39 -18.77 10.76
CA ASP C 53 -2.03 -17.68 10.05
C ASP C 53 -3.18 -17.11 10.87
N PRO C 54 -3.61 -15.87 10.57
CA PRO C 54 -4.73 -15.29 11.34
C PRO C 54 -6.00 -16.11 11.32
N LEU C 55 -6.38 -16.65 10.16
CA LEU C 55 -7.58 -17.48 10.08
C LEU C 55 -7.47 -18.70 10.99
N VAL C 56 -6.25 -19.21 11.20
CA VAL C 56 -6.06 -20.31 12.14
C VAL C 56 -6.48 -19.87 13.54
N VAL C 57 -6.03 -18.69 13.98
CA VAL C 57 -6.38 -18.20 15.31
C VAL C 57 -7.89 -18.01 15.43
N LEU C 58 -8.51 -17.40 14.42
CA LEU C 58 -9.96 -17.20 14.47
C LEU C 58 -10.70 -18.53 14.55
N PHE C 59 -10.29 -19.51 13.74
CA PHE C 59 -10.97 -20.80 13.74
C PHE C 59 -10.82 -21.52 15.06
N LEU C 60 -9.63 -21.47 15.66
CA LEU C 60 -9.43 -22.07 16.97
C LEU C 60 -10.31 -21.41 18.03
N ALA C 61 -10.34 -20.08 18.06
CA ALA C 61 -11.12 -19.39 19.07
C ALA C 61 -12.60 -19.72 18.93
N VAL C 62 -13.11 -19.74 17.69
CA VAL C 62 -14.52 -20.03 17.49
C VAL C 62 -14.84 -21.47 17.85
N GLY C 63 -13.98 -22.41 17.46
CA GLY C 63 -14.18 -23.79 17.86
C GLY C 63 -14.23 -23.93 19.37
N PHE C 64 -13.35 -23.22 20.07
CA PHE C 64 -13.30 -23.32 21.52
C PHE C 64 -14.59 -22.79 22.17
N ILE C 65 -15.01 -21.59 21.77
CA ILE C 65 -16.22 -21.02 22.34
C ILE C 65 -17.41 -21.93 22.08
N PHE C 66 -17.54 -22.41 20.84
CA PHE C 66 -18.66 -23.28 20.52
C PHE C 66 -18.58 -24.60 21.28
N SER C 67 -17.37 -25.08 21.56
CA SER C 67 -17.25 -26.31 22.34
C SER C 67 -17.74 -26.09 23.77
N VAL C 68 -17.39 -24.96 24.37
CA VAL C 68 -17.88 -24.69 25.73
C VAL C 68 -19.40 -24.56 25.75
N VAL C 69 -19.96 -23.86 24.76
CA VAL C 69 -21.41 -23.69 24.75
C VAL C 69 -22.11 -25.04 24.52
N ALA C 70 -21.55 -25.87 23.64
CA ALA C 70 -22.12 -27.19 23.44
C ALA C 70 -22.04 -28.02 24.71
N LEU C 71 -20.95 -27.89 25.46
CA LEU C 71 -20.83 -28.62 26.72
C LEU C 71 -21.92 -28.20 27.71
N HIS C 72 -22.14 -26.89 27.84
CA HIS C 72 -23.22 -26.41 28.70
C HIS C 72 -24.57 -26.97 28.26
N VAL C 73 -24.88 -26.87 26.96
CA VAL C 73 -26.23 -27.29 26.55
C VAL C 73 -26.38 -28.79 26.68
N ILE C 74 -25.31 -29.56 26.49
CA ILE C 74 -25.38 -31.00 26.70
C ILE C 74 -25.64 -31.31 28.16
N SER C 75 -24.93 -30.65 29.07
CA SER C 75 -25.19 -30.86 30.50
C SER C 75 -26.63 -30.53 30.85
N LYS C 76 -27.13 -29.40 30.32
CA LYS C 76 -28.50 -29.00 30.67
C LYS C 76 -29.51 -30.01 30.14
N VAL C 77 -29.37 -30.43 28.87
CA VAL C 77 -30.35 -31.34 28.30
C VAL C 77 -30.26 -32.72 28.97
N ALA C 78 -29.07 -33.09 29.43
CA ALA C 78 -28.92 -34.36 30.13
C ALA C 78 -29.58 -34.30 31.50
N GLY C 79 -29.41 -33.19 32.22
CA GLY C 79 -30.08 -33.02 33.49
C GLY C 79 -31.59 -32.91 33.36
N LYS C 80 -32.07 -32.40 32.22
CA LYS C 80 -33.51 -32.23 32.04
C LYS C 80 -34.17 -33.51 31.57
N LEU C 81 -33.49 -34.29 30.72
CA LEU C 81 -34.12 -35.48 30.17
C LEU C 81 -34.07 -36.66 31.12
N PHE C 82 -32.88 -37.08 31.54
CA PHE C 82 -32.74 -38.23 32.42
C PHE C 82 -32.41 -37.79 33.85
N ASN D 18 -30.49 -13.34 40.23
CA ASN D 18 -31.35 -13.64 39.09
C ASN D 18 -32.36 -12.52 38.86
N TYR D 19 -32.62 -12.21 37.60
CA TYR D 19 -33.50 -11.11 37.28
C TYR D 19 -34.96 -11.56 37.25
N GLU D 20 -35.85 -10.58 37.07
CA GLU D 20 -37.27 -10.82 36.87
C GLU D 20 -37.67 -10.15 35.57
N TYR D 21 -37.95 -10.95 34.55
CA TYR D 21 -38.28 -10.39 33.24
C TYR D 21 -39.67 -9.78 33.27
N ASP D 22 -39.86 -8.74 32.45
CA ASP D 22 -41.14 -8.06 32.40
C ASP D 22 -42.21 -9.02 31.89
N GLU D 23 -43.26 -9.20 32.69
CA GLU D 23 -44.28 -10.20 32.41
C GLU D 23 -45.55 -9.62 31.80
N ALA D 24 -45.89 -8.37 32.12
CA ALA D 24 -47.16 -7.77 31.69
C ALA D 24 -46.96 -6.67 30.66
N SER D 25 -45.80 -6.64 30.00
CA SER D 25 -45.50 -5.65 28.96
C SER D 25 -45.65 -4.22 29.50
N GLU D 26 -44.80 -3.89 30.47
CA GLU D 26 -44.85 -2.59 31.11
C GLU D 26 -43.55 -1.81 31.05
N THR D 27 -42.46 -2.44 30.62
CA THR D 27 -41.22 -1.66 30.59
C THR D 27 -40.46 -1.78 29.28
N TRP D 28 -40.64 -2.86 28.53
CA TRP D 28 -39.96 -2.95 27.25
C TRP D 28 -40.45 -1.93 26.22
N PRO D 29 -41.72 -1.48 26.26
CA PRO D 29 -42.09 -0.38 25.36
C PRO D 29 -41.21 0.85 25.52
N SER D 30 -40.95 1.28 26.75
CA SER D 30 -40.11 2.46 26.95
C SER D 30 -38.70 2.24 26.42
N PHE D 31 -38.14 1.06 26.66
CA PHE D 31 -36.78 0.79 26.22
C PHE D 31 -36.69 0.80 24.70
N ILE D 32 -37.61 0.11 24.02
CA ILE D 32 -37.55 0.09 22.57
C ILE D 32 -37.84 1.46 22.00
N LEU D 33 -38.70 2.24 22.66
CA LEU D 33 -38.97 3.60 22.19
C LEU D 33 -37.72 4.45 22.27
N THR D 34 -36.96 4.33 23.37
CA THR D 34 -35.71 5.08 23.47
C THR D 34 -34.71 4.61 22.42
N GLY D 35 -34.61 3.31 22.21
CA GLY D 35 -33.70 2.79 21.19
C GLY D 35 -34.06 3.29 19.80
N LEU D 36 -35.34 3.51 19.55
CA LEU D 36 -35.75 4.05 18.26
C LEU D 36 -35.49 5.55 18.16
N LEU D 37 -35.76 6.30 19.23
CA LEU D 37 -35.58 7.74 19.19
C LEU D 37 -34.10 8.11 19.05
N MET D 38 -33.23 7.43 19.80
CA MET D 38 -31.81 7.76 19.75
C MET D 38 -31.17 7.40 18.43
N VAL D 39 -31.93 6.81 17.50
CA VAL D 39 -31.44 6.55 16.15
C VAL D 39 -32.13 7.50 15.19
N VAL D 40 -33.42 7.75 15.42
CA VAL D 40 -34.20 8.56 14.48
C VAL D 40 -33.84 10.04 14.59
N GLY D 41 -33.68 10.55 15.81
CA GLY D 41 -33.41 11.95 16.04
C GLY D 41 -32.25 12.51 15.24
N PRO D 42 -31.04 11.97 15.47
CA PRO D 42 -29.87 12.48 14.73
C PRO D 42 -30.00 12.31 13.23
N MET D 43 -30.62 11.22 12.76
CA MET D 43 -30.80 11.04 11.32
C MET D 43 -31.71 12.12 10.74
N THR D 44 -32.81 12.41 11.42
CA THR D 44 -33.68 13.50 10.98
C THR D 44 -32.94 14.82 11.00
N LEU D 45 -32.12 15.05 12.03
CA LEU D 45 -31.39 16.30 12.13
C LEU D 45 -30.41 16.46 10.97
N LEU D 46 -29.69 15.40 10.62
CA LEU D 46 -28.73 15.48 9.52
C LEU D 46 -29.43 15.59 8.18
N GLN D 47 -30.59 14.94 8.01
CA GLN D 47 -31.32 15.07 6.77
C GLN D 47 -31.88 16.49 6.61
N ILE D 48 -32.31 17.10 7.72
CA ILE D 48 -32.77 18.48 7.66
C ILE D 48 -31.61 19.42 7.35
N TYR D 49 -30.45 19.19 7.98
CA TYR D 49 -29.30 20.03 7.70
C TYR D 49 -28.80 19.82 6.27
N GLN D 50 -29.01 18.64 5.72
CA GLN D 50 -28.60 18.36 4.35
C GLN D 50 -29.43 19.16 3.35
N PHE D 68 -17.09 23.91 -13.81
CA PHE D 68 -15.82 24.64 -13.81
C PHE D 68 -15.13 24.51 -15.16
N ASN D 69 -14.89 23.27 -15.58
CA ASN D 69 -14.22 22.95 -16.83
C ASN D 69 -15.28 22.53 -17.85
N GLU D 70 -15.38 23.28 -18.93
CA GLU D 70 -16.45 23.05 -19.90
C GLU D 70 -16.18 21.75 -20.66
N GLU D 71 -17.20 20.88 -20.70
CA GLU D 71 -17.12 19.60 -21.39
C GLU D 71 -18.20 19.54 -22.45
N VAL D 72 -17.80 19.74 -23.70
CA VAL D 72 -18.75 19.84 -24.81
C VAL D 72 -18.90 18.52 -25.57
N PHE D 73 -18.27 17.45 -25.11
CA PHE D 73 -18.45 16.14 -25.73
C PHE D 73 -19.52 15.31 -25.04
N LYS D 74 -19.98 15.71 -23.84
CA LYS D 74 -20.95 14.92 -23.11
C LYS D 74 -22.30 14.84 -23.82
N ASN D 75 -22.54 15.71 -24.79
CA ASN D 75 -23.78 15.66 -25.54
C ASN D 75 -23.62 14.96 -26.89
N LEU D 76 -22.51 15.22 -27.58
CA LEU D 76 -22.25 14.60 -28.87
C LEU D 76 -21.79 13.15 -28.75
N ASN D 77 -21.40 12.71 -27.56
CA ASN D 77 -21.00 11.32 -27.37
C ASN D 77 -22.19 10.38 -27.52
N GLU D 78 -23.31 10.69 -26.87
CA GLU D 78 -24.46 9.81 -26.87
C GLU D 78 -25.27 9.88 -28.16
N GLU D 79 -24.88 10.73 -29.11
CA GLU D 79 -25.64 10.84 -30.35
C GLU D 79 -25.11 9.95 -31.46
N TYR D 80 -23.85 9.50 -31.35
CA TYR D 80 -23.25 8.65 -32.37
C TYR D 80 -22.96 7.23 -31.88
N THR D 81 -22.98 7.00 -30.57
CA THR D 81 -22.75 5.65 -30.07
C THR D 81 -23.85 4.72 -30.56
N SER D 82 -23.46 3.54 -31.03
CA SER D 82 -24.41 2.60 -31.60
C SER D 82 -25.42 2.12 -30.56
N ASP D 83 -26.50 1.50 -31.04
CA ASP D 83 -27.60 1.13 -30.16
C ASP D 83 -27.22 -0.03 -29.24
N GLU D 84 -26.45 -1.00 -29.74
CA GLU D 84 -26.07 -2.14 -28.92
C GLU D 84 -25.28 -1.70 -27.70
N ILE D 85 -24.38 -0.72 -27.85
CA ILE D 85 -23.65 -0.21 -26.71
C ILE D 85 -24.58 0.44 -25.69
N LYS D 86 -25.62 1.12 -26.17
CA LYS D 86 -26.58 1.74 -25.25
C LYS D 86 -27.33 0.66 -24.47
N GLN D 87 -27.78 -0.38 -25.17
CA GLN D 87 -28.41 -1.49 -24.47
C GLN D 87 -27.49 -2.13 -23.46
N PHE D 88 -26.20 -2.25 -23.79
CA PHE D 88 -25.24 -2.80 -22.84
C PHE D 88 -25.13 -1.90 -21.60
N ARG D 89 -24.78 -0.64 -21.82
CA ARG D 89 -24.60 0.31 -20.72
C ARG D 89 -25.86 0.42 -19.86
N ARG D 90 -27.04 0.18 -20.44
CA ARG D 90 -28.24 0.13 -19.62
C ARG D 90 -28.34 -1.20 -18.86
N LYS D 91 -27.88 -2.29 -19.47
CA LYS D 91 -27.94 -3.59 -18.82
C LYS D 91 -27.05 -3.63 -17.58
N PHE D 92 -25.75 -3.44 -17.78
CA PHE D 92 -24.80 -3.49 -16.66
C PHE D 92 -23.99 -2.20 -16.58
N ASN D 107 -33.87 6.01 2.88
CA ASN D 107 -34.60 7.18 3.40
C ASN D 107 -35.89 6.76 4.09
N ILE D 108 -36.44 5.62 3.67
CA ILE D 108 -37.68 5.12 4.25
C ILE D 108 -37.51 4.74 5.72
N ILE D 109 -36.26 4.60 6.17
CA ILE D 109 -36.01 4.22 7.56
C ILE D 109 -36.57 5.27 8.51
N ILE D 110 -36.46 6.56 8.14
CA ILE D 110 -36.98 7.62 9.00
C ILE D 110 -38.49 7.50 9.14
N ILE D 111 -39.19 7.27 8.02
CA ILE D 111 -40.64 7.19 8.06
C ILE D 111 -41.09 5.98 8.87
N VAL D 112 -40.46 4.83 8.64
CA VAL D 112 -40.89 3.64 9.37
C VAL D 112 -40.58 3.79 10.85
N GLY D 113 -39.44 4.42 11.19
CA GLY D 113 -39.14 4.66 12.59
C GLY D 113 -40.14 5.58 13.25
N TRP D 114 -40.56 6.63 12.53
CA TRP D 114 -41.52 7.55 13.12
C TRP D 114 -42.88 6.90 13.31
N ILE D 115 -43.33 6.08 12.36
CA ILE D 115 -44.64 5.46 12.55
C ILE D 115 -44.58 4.41 13.66
N LEU D 116 -43.46 3.69 13.76
CA LEU D 116 -43.32 2.75 14.88
C LEU D 116 -43.27 3.49 16.21
N VAL D 117 -42.64 4.67 16.25
CA VAL D 117 -42.64 5.49 17.45
C VAL D 117 -44.06 5.90 17.82
N ALA D 118 -44.86 6.27 16.81
CA ALA D 118 -46.25 6.62 17.07
C ALA D 118 -47.02 5.42 17.64
N ILE D 119 -46.83 4.24 17.05
CA ILE D 119 -47.50 3.04 17.55
C ILE D 119 -47.11 2.78 19.00
N LEU D 120 -45.81 2.88 19.30
CA LEU D 120 -45.36 2.59 20.66
C LEU D 120 -45.90 3.61 21.64
N LEU D 121 -45.95 4.89 21.26
CA LEU D 121 -46.48 5.90 22.15
C LEU D 121 -47.96 5.68 22.43
N GLN D 122 -48.73 5.36 21.39
CA GLN D 122 -50.14 5.05 21.58
C GLN D 122 -50.31 3.83 22.48
N ARG D 123 -49.50 2.79 22.27
CA ARG D 123 -49.62 1.58 23.06
C ARG D 123 -49.27 1.82 24.52
N ILE D 124 -48.28 2.68 24.77
CA ILE D 124 -47.85 2.91 26.15
C ILE D 124 -48.85 3.82 26.87
N ASN D 125 -49.39 4.81 26.16
CA ASN D 125 -50.36 5.69 26.80
C ASN D 125 -51.74 5.07 26.90
N SER D 126 -52.00 3.98 26.17
CA SER D 126 -53.28 3.30 26.25
C SER D 126 -53.35 2.30 27.40
N ASN D 127 -52.22 1.99 28.02
CA ASN D 127 -52.21 1.02 29.11
C ASN D 127 -52.72 1.65 30.40
N ASP D 128 -53.23 0.81 31.29
CA ASP D 128 -53.75 1.30 32.57
C ASP D 128 -52.61 1.59 33.55
N ALA D 129 -51.55 0.79 33.52
CA ALA D 129 -50.41 0.99 34.41
C ALA D 129 -49.61 2.22 34.02
N GLN D 216 -39.04 -2.81 52.96
CA GLN D 216 -39.08 -3.32 51.60
C GLN D 216 -37.67 -3.48 51.04
N SER D 217 -37.44 -4.59 50.34
CA SER D 217 -36.15 -4.88 49.73
C SER D 217 -36.20 -4.66 48.23
N THR D 218 -35.03 -4.47 47.64
CA THR D 218 -34.93 -4.21 46.21
C THR D 218 -35.17 -5.51 45.42
N SER D 219 -35.67 -5.34 44.20
CA SER D 219 -35.94 -6.45 43.30
C SER D 219 -35.52 -6.05 41.90
N HIS D 220 -34.45 -6.68 41.40
CA HIS D 220 -33.96 -6.37 40.07
C HIS D 220 -34.96 -6.84 39.00
N GLY D 221 -34.83 -6.24 37.83
CA GLY D 221 -35.68 -6.63 36.70
C GLY D 221 -35.09 -6.15 35.40
N ILE D 222 -35.02 -7.07 34.44
CA ILE D 222 -34.51 -6.80 33.12
C ILE D 222 -35.67 -6.45 32.20
N ALA D 223 -35.45 -5.45 31.34
CA ALA D 223 -36.52 -4.82 30.60
C ALA D 223 -37.06 -5.66 29.45
N LEU D 224 -36.37 -6.73 29.06
CA LEU D 224 -36.86 -7.55 27.96
C LEU D 224 -38.09 -8.35 28.40
N PRO D 225 -39.00 -8.65 27.48
CA PRO D 225 -40.20 -9.40 27.84
C PRO D 225 -39.87 -10.82 28.27
N ARG D 226 -40.93 -11.55 28.64
CA ARG D 226 -40.77 -12.85 29.28
C ARG D 226 -40.78 -14.00 28.28
N PHE D 227 -41.68 -13.95 27.28
CA PHE D 227 -41.83 -15.06 26.36
C PHE D 227 -40.54 -15.34 25.58
N LEU D 228 -39.62 -14.39 25.54
CA LEU D 228 -38.36 -14.61 24.83
C LEU D 228 -37.53 -15.70 25.46
N VAL D 229 -37.76 -16.03 26.73
CA VAL D 229 -36.97 -17.04 27.42
C VAL D 229 -37.86 -18.11 28.03
N ASP D 230 -39.10 -17.75 28.36
CA ASP D 230 -39.99 -18.67 29.04
C ASP D 230 -41.06 -19.28 28.15
N GLY D 231 -41.35 -18.69 26.99
CA GLY D 231 -42.37 -19.20 26.10
C GLY D 231 -41.95 -20.47 25.42
N SER D 232 -42.72 -20.84 24.41
CA SER D 232 -42.41 -22.03 23.61
C SER D 232 -41.28 -21.79 22.63
N ALA D 233 -40.75 -20.58 22.55
CA ALA D 233 -39.67 -20.24 21.63
C ALA D 233 -38.33 -20.10 22.34
N SER D 234 -38.07 -20.94 23.33
CA SER D 234 -36.83 -20.83 24.09
C SER D 234 -35.62 -21.36 23.31
N PRO D 235 -35.66 -22.53 22.68
CA PRO D 235 -34.44 -23.02 22.02
C PRO D 235 -34.19 -22.39 20.66
N LEU D 236 -35.20 -21.74 20.06
CA LEU D 236 -35.00 -21.11 18.77
C LEU D 236 -33.95 -20.01 18.85
N LEU D 237 -33.99 -19.22 19.93
CA LEU D 237 -33.01 -18.15 20.10
C LEU D 237 -31.59 -18.71 20.23
N VAL D 238 -31.41 -19.73 21.06
CA VAL D 238 -30.07 -20.27 21.24
C VAL D 238 -29.59 -20.92 19.95
N VAL D 239 -30.47 -21.53 19.17
CA VAL D 239 -30.05 -22.13 17.91
C VAL D 239 -29.66 -21.06 16.90
N CYS D 240 -30.44 -19.98 16.83
CA CYS D 240 -30.09 -18.88 15.93
C CYS D 240 -28.75 -18.28 16.32
N TYR D 241 -28.49 -18.11 17.60
CA TYR D 241 -27.21 -17.54 18.02
C TYR D 241 -26.06 -18.50 17.73
N VAL D 242 -26.25 -19.79 18.00
CA VAL D 242 -25.21 -20.75 17.71
C VAL D 242 -24.89 -20.76 16.21
N ALA D 243 -25.91 -20.62 15.36
CA ALA D 243 -25.67 -20.51 13.93
C ALA D 243 -24.86 -19.24 13.62
N LEU D 244 -25.33 -18.10 14.12
CA LEU D 244 -24.65 -16.83 13.82
C LEU D 244 -23.23 -16.79 14.35
N LEU D 245 -22.89 -17.67 15.29
CA LEU D 245 -21.51 -17.71 15.77
C LEU D 245 -20.69 -18.78 15.06
N GLY D 246 -21.32 -19.85 14.59
CA GLY D 246 -20.58 -20.96 14.04
C GLY D 246 -20.41 -20.97 12.54
N LEU D 247 -21.35 -20.38 11.81
CA LEU D 247 -21.27 -20.37 10.35
C LEU D 247 -21.09 -18.99 9.76
N ILE D 248 -22.00 -18.06 10.04
CA ILE D 248 -22.04 -16.81 9.28
C ILE D 248 -20.77 -15.99 9.49
N LEU D 249 -20.21 -16.00 10.70
CA LEU D 249 -19.00 -15.21 10.93
C LEU D 249 -17.78 -15.80 10.21
N PRO D 250 -17.36 -17.04 10.48
CA PRO D 250 -16.15 -17.53 9.81
C PRO D 250 -16.29 -17.61 8.31
N TYR D 251 -17.48 -17.97 7.82
CA TYR D 251 -17.69 -18.07 6.38
C TYR D 251 -17.45 -16.73 5.70
N PHE D 252 -18.11 -15.67 6.19
CA PHE D 252 -17.97 -14.37 5.54
C PHE D 252 -16.57 -13.80 5.71
N VAL D 253 -15.98 -13.96 6.89
CA VAL D 253 -14.63 -13.43 7.07
C VAL D 253 -13.65 -14.16 6.17
N SER D 254 -13.80 -15.47 6.02
CA SER D 254 -12.89 -16.22 5.15
C SER D 254 -13.08 -15.84 3.69
N ARG D 255 -14.33 -15.68 3.25
CA ARG D 255 -14.55 -15.24 1.87
C ARG D 255 -13.91 -13.89 1.62
N TRP D 256 -14.14 -12.92 2.51
CA TRP D 256 -13.57 -11.60 2.29
C TRP D 256 -12.05 -11.63 2.34
N TRP D 257 -11.47 -12.45 3.22
CA TRP D 257 -10.02 -12.51 3.31
C TRP D 257 -9.42 -13.11 2.05
N ALA D 258 -10.01 -14.21 1.56
CA ALA D 258 -9.50 -14.78 0.32
C ALA D 258 -9.69 -13.83 -0.86
N ARG D 259 -10.73 -13.00 -0.83
CA ARG D 259 -10.94 -12.08 -1.94
C ARG D 259 -9.98 -10.90 -1.90
N THR D 260 -9.60 -10.44 -0.70
CA THR D 260 -8.68 -9.31 -0.62
C THR D 260 -7.23 -9.74 -0.42
N GLN D 261 -6.95 -11.04 -0.42
CA GLN D 261 -5.56 -11.49 -0.37
C GLN D 261 -4.97 -11.61 -1.77
N SER D 262 -5.73 -12.16 -2.71
CA SER D 262 -5.23 -12.42 -4.06
C SER D 262 -4.95 -11.14 -4.83
N TYR D 263 -5.90 -10.22 -4.82
CA TYR D 263 -5.84 -9.06 -5.69
C TYR D 263 -4.62 -8.19 -5.39
N THR D 264 -3.83 -7.91 -6.44
CA THR D 264 -2.64 -7.10 -6.32
C THR D 264 -3.02 -5.64 -6.06
N LYS D 265 -2.02 -4.86 -5.64
CA LYS D 265 -2.29 -3.49 -5.23
C LYS D 265 -2.72 -2.63 -6.42
N LYS D 266 -2.17 -2.89 -7.61
CA LYS D 266 -2.52 -2.07 -8.76
C LYS D 266 -3.96 -2.28 -9.18
N GLY D 267 -4.55 -3.44 -8.84
CA GLY D 267 -5.94 -3.69 -9.15
C GLY D 267 -6.16 -4.84 -10.10
N ILE D 268 -5.20 -5.76 -10.18
CA ILE D 268 -5.30 -6.91 -11.06
C ILE D 268 -5.05 -8.19 -10.27
N HIS D 269 -5.44 -9.31 -10.87
CA HIS D 269 -5.26 -10.63 -10.28
C HIS D 269 -3.77 -10.94 -10.10
N ASN D 270 -3.48 -12.05 -9.41
CA ASN D 270 -2.10 -12.49 -9.29
C ASN D 270 -1.65 -13.30 -10.51
N VAL D 271 -2.54 -14.09 -11.10
CA VAL D 271 -2.13 -14.89 -12.26
C VAL D 271 -1.81 -13.97 -13.43
N THR D 272 -2.54 -12.88 -13.58
CA THR D 272 -2.24 -11.93 -14.66
C THR D 272 -0.88 -11.28 -14.46
N ALA D 273 -0.58 -10.83 -13.23
CA ALA D 273 0.72 -10.19 -12.99
C ALA D 273 1.86 -11.20 -13.17
N SER D 274 1.64 -12.43 -12.71
CA SER D 274 2.66 -13.46 -12.91
C SER D 274 2.89 -13.74 -14.39
N ASN D 275 1.81 -13.78 -15.18
CA ASN D 275 1.98 -14.03 -16.61
C ASN D 275 2.68 -12.86 -17.30
N PHE D 276 2.37 -11.63 -16.92
CA PHE D 276 3.03 -10.49 -17.53
C PHE D 276 4.52 -10.48 -17.21
N VAL D 277 4.87 -10.78 -15.96
CA VAL D 277 6.29 -10.81 -15.62
C VAL D 277 6.99 -11.97 -16.32
N SER D 278 6.34 -13.13 -16.37
CA SER D 278 6.96 -14.29 -17.03
C SER D 278 7.03 -14.10 -18.53
N ASN D 279 6.29 -13.15 -19.08
CA ASN D 279 6.42 -12.86 -20.51
C ASN D 279 7.45 -11.77 -20.77
N LEU D 280 7.62 -10.81 -19.86
CA LEU D 280 8.70 -9.85 -20.04
C LEU D 280 10.07 -10.41 -19.71
N VAL D 281 10.16 -11.43 -18.86
CA VAL D 281 11.47 -11.97 -18.49
C VAL D 281 12.13 -12.63 -19.69
N ASN D 282 11.49 -13.66 -20.25
CA ASN D 282 12.03 -14.34 -21.42
C ASN D 282 11.44 -13.72 -22.69
N TYR D 283 11.78 -12.45 -22.90
CA TYR D 283 11.36 -11.70 -24.08
C TYR D 283 12.60 -11.33 -24.86
N LYS D 284 12.79 -11.99 -26.00
CA LYS D 284 13.95 -11.70 -26.84
C LYS D 284 13.87 -10.27 -27.36
N PRO D 285 14.94 -9.48 -27.24
CA PRO D 285 14.92 -8.12 -27.79
C PRO D 285 14.93 -8.09 -29.31
N SER D 286 14.83 -9.23 -29.99
CA SER D 286 14.86 -9.23 -31.44
C SER D 286 13.52 -8.81 -32.03
N GLU D 287 12.43 -9.35 -31.50
CA GLU D 287 11.11 -9.10 -32.05
C GLU D 287 10.66 -7.67 -31.76
N ILE D 288 10.40 -6.91 -32.80
CA ILE D 288 9.94 -5.53 -32.65
C ILE D 288 8.53 -5.54 -32.10
N VAL D 289 8.28 -4.74 -31.06
CA VAL D 289 6.96 -4.70 -30.45
C VAL D 289 5.98 -4.08 -31.44
N THR D 290 4.85 -4.74 -31.63
CA THR D 290 3.84 -4.27 -32.55
C THR D 290 2.55 -4.15 -31.75
N THR D 291 1.41 -3.92 -32.39
CA THR D 291 0.16 -4.02 -31.65
C THR D 291 -0.25 -5.47 -31.46
N ASP D 292 0.02 -6.31 -32.45
CA ASP D 292 -0.37 -7.72 -32.36
C ASP D 292 0.29 -8.39 -31.16
N LEU D 293 1.53 -8.06 -30.86
CA LEU D 293 2.19 -8.73 -29.75
C LEU D 293 1.55 -8.36 -28.43
N ILE D 294 1.17 -7.09 -28.25
CA ILE D 294 0.55 -6.72 -26.99
C ILE D 294 -0.86 -7.30 -26.90
N LEU D 295 -1.58 -7.39 -28.03
CA LEU D 295 -2.88 -8.05 -27.97
C LEU D 295 -2.73 -9.52 -27.63
N HIS D 296 -1.67 -10.16 -28.12
CA HIS D 296 -1.43 -11.57 -27.79
C HIS D 296 -1.03 -11.74 -26.34
N TRP D 297 -0.38 -10.73 -25.76
CA TRP D 297 -0.10 -10.79 -24.33
C TRP D 297 -1.36 -10.56 -23.51
N LEU D 298 -2.27 -9.75 -24.00
CA LEU D 298 -3.47 -9.43 -23.23
C LEU D 298 -4.50 -10.55 -23.32
N SER D 299 -4.53 -11.29 -24.42
CA SER D 299 -5.48 -12.40 -24.50
C SER D 299 -5.10 -13.56 -23.59
N PHE D 300 -3.96 -13.48 -22.91
CA PHE D 300 -3.54 -14.49 -21.94
C PHE D 300 -3.85 -14.07 -20.51
N ALA D 301 -4.75 -13.12 -20.31
CA ALA D 301 -5.09 -12.71 -18.96
C ALA D 301 -5.93 -13.77 -18.29
N HIS D 302 -6.03 -13.68 -16.96
CA HIS D 302 -6.81 -14.64 -16.19
C HIS D 302 -8.19 -14.11 -15.84
N GLU D 303 -8.34 -12.79 -15.71
CA GLU D 303 -9.63 -12.21 -15.39
C GLU D 303 -10.60 -12.32 -16.55
N PHE D 304 -10.16 -12.78 -17.72
CA PHE D 304 -11.07 -13.08 -18.81
C PHE D 304 -11.60 -14.51 -18.73
N LYS D 305 -10.99 -15.36 -17.91
CA LYS D 305 -11.45 -16.74 -17.79
C LYS D 305 -12.61 -16.87 -16.81
N GLN D 306 -12.57 -16.13 -15.69
CA GLN D 306 -13.68 -16.18 -14.75
C GLN D 306 -14.98 -15.70 -15.36
N PHE D 307 -14.91 -14.67 -16.21
CA PHE D 307 -16.13 -14.11 -16.80
C PHE D 307 -16.82 -15.13 -17.70
N PHE D 308 -16.05 -15.92 -18.43
CA PHE D 308 -16.59 -16.91 -19.37
C PHE D 308 -15.76 -18.18 -19.27
N PRO D 309 -16.03 -19.03 -18.28
CA PRO D 309 -15.22 -20.24 -18.09
C PRO D 309 -15.32 -21.24 -19.23
N ASP D 310 -16.04 -20.92 -20.30
CA ASP D 310 -16.22 -21.85 -21.41
C ASP D 310 -15.41 -21.49 -22.64
N LEU D 311 -14.79 -20.31 -22.68
CA LEU D 311 -14.06 -19.88 -23.86
C LEU D 311 -12.56 -20.10 -23.69
N GLN D 312 -11.83 -19.87 -24.77
CA GLN D 312 -10.39 -20.08 -24.86
C GLN D 312 -9.66 -18.80 -25.25
N PRO D 313 -8.36 -18.70 -24.94
CA PRO D 313 -7.65 -17.44 -25.22
C PRO D 313 -7.64 -17.03 -26.68
N THR D 314 -7.54 -17.96 -27.63
CA THR D 314 -7.57 -17.58 -29.03
C THR D 314 -8.89 -16.92 -29.40
N ASP D 315 -9.98 -17.35 -28.76
CA ASP D 315 -11.25 -16.67 -28.97
C ASP D 315 -11.21 -15.24 -28.47
N PHE D 316 -10.56 -15.02 -27.32
CA PHE D 316 -10.41 -13.66 -26.83
C PHE D 316 -9.60 -12.80 -27.79
N GLU D 317 -8.54 -13.37 -28.37
CA GLU D 317 -7.75 -12.63 -29.35
C GLU D 317 -8.60 -12.27 -30.57
N LYS D 318 -9.37 -13.23 -31.08
CA LYS D 318 -10.21 -12.93 -32.23
C LYS D 318 -11.25 -11.87 -31.91
N LEU D 319 -11.80 -11.90 -30.70
CA LEU D 319 -12.75 -10.88 -30.29
C LEU D 319 -12.11 -9.49 -30.26
N LEU D 320 -10.93 -9.39 -29.63
CA LEU D 320 -10.28 -8.10 -29.53
C LEU D 320 -9.91 -7.56 -30.91
N GLN D 321 -9.48 -8.45 -31.81
CA GLN D 321 -9.21 -8.02 -33.18
C GLN D 321 -10.47 -7.52 -33.86
N ASP D 322 -11.59 -8.23 -33.67
CA ASP D 322 -12.85 -7.79 -34.27
C ASP D 322 -13.30 -6.46 -33.70
N HIS D 323 -12.89 -6.14 -32.48
CA HIS D 323 -13.21 -4.82 -31.94
C HIS D 323 -12.33 -3.74 -32.53
N ILE D 324 -11.02 -4.01 -32.61
CA ILE D 324 -10.11 -2.99 -33.13
C ILE D 324 -10.42 -2.66 -34.58
N ASN D 325 -10.58 -3.68 -35.42
CA ASN D 325 -10.79 -3.40 -36.84
C ASN D 325 -12.23 -3.06 -37.18
N ARG D 326 -13.04 -2.67 -36.20
CA ARG D 326 -14.43 -2.27 -36.40
C ARG D 326 -15.22 -3.38 -37.11
N ARG D 327 -15.21 -4.56 -36.51
CA ARG D 327 -15.90 -5.72 -37.04
C ARG D 327 -16.95 -6.20 -36.05
N ASP D 328 -17.89 -6.99 -36.55
CA ASP D 328 -18.99 -7.50 -35.75
C ASP D 328 -18.71 -8.93 -35.34
N SER D 329 -18.93 -9.24 -34.06
CA SER D 329 -18.74 -10.59 -33.56
C SER D 329 -19.92 -11.50 -33.86
N GLY D 330 -21.12 -10.94 -33.98
CA GLY D 330 -22.30 -11.74 -34.29
C GLY D 330 -23.09 -12.20 -33.09
N LYS D 331 -22.49 -13.02 -32.23
CA LYS D 331 -23.23 -13.59 -31.12
C LYS D 331 -22.56 -13.29 -29.78
N LEU D 332 -21.26 -13.01 -29.80
CA LEU D 332 -20.48 -12.78 -28.59
C LEU D 332 -20.30 -11.30 -28.28
N ASN D 333 -21.25 -10.46 -28.67
CA ASN D 333 -21.08 -9.03 -28.48
C ASN D 333 -21.08 -8.66 -27.01
N ASN D 334 -21.96 -9.26 -26.22
CA ASN D 334 -22.01 -8.95 -24.80
C ASN D 334 -20.88 -9.57 -24.02
N ALA D 335 -20.01 -10.34 -24.67
CA ALA D 335 -18.72 -10.72 -24.10
C ALA D 335 -17.60 -9.81 -24.57
N LYS D 336 -17.64 -9.41 -25.84
CA LYS D 336 -16.62 -8.52 -26.38
C LYS D 336 -16.66 -7.18 -25.67
N PHE D 337 -17.86 -6.67 -25.39
CA PHE D 337 -17.95 -5.40 -24.68
C PHE D 337 -17.43 -5.53 -23.26
N ARG D 338 -17.66 -6.68 -22.61
CA ARG D 338 -17.08 -6.90 -21.29
C ARG D 338 -15.56 -6.87 -21.32
N ILE D 339 -14.95 -7.64 -22.23
CA ILE D 339 -13.50 -7.72 -22.25
C ILE D 339 -12.89 -6.38 -22.66
N VAL D 340 -13.56 -5.64 -23.55
CA VAL D 340 -13.01 -4.37 -23.98
C VAL D 340 -13.15 -3.31 -22.89
N ALA D 341 -14.24 -3.36 -22.13
CA ALA D 341 -14.36 -2.44 -21.00
C ALA D 341 -13.40 -2.81 -19.88
N LYS D 342 -12.97 -4.07 -19.82
CA LYS D 342 -12.01 -4.47 -18.80
C LYS D 342 -10.57 -4.21 -19.20
N CYS D 343 -10.27 -4.14 -20.50
CA CYS D 343 -8.89 -4.01 -20.97
C CYS D 343 -8.16 -2.80 -20.41
N HIS D 344 -8.88 -1.81 -19.90
CA HIS D 344 -8.24 -0.56 -19.46
C HIS D 344 -7.28 -0.81 -18.29
N SER D 345 -7.78 -1.36 -17.19
CA SER D 345 -6.93 -1.57 -16.03
C SER D 345 -5.81 -2.56 -16.34
N LEU D 346 -6.07 -3.53 -17.21
CA LEU D 346 -5.03 -4.47 -17.61
C LEU D 346 -3.90 -3.74 -18.33
N LEU D 347 -4.24 -2.83 -19.24
CA LEU D 347 -3.18 -2.10 -19.94
C LEU D 347 -2.42 -1.18 -19.00
N HIS D 348 -3.10 -0.59 -18.02
CA HIS D 348 -2.37 0.20 -17.03
C HIS D 348 -1.41 -0.67 -16.22
N GLY D 349 -1.84 -1.87 -15.85
CA GLY D 349 -0.94 -2.77 -15.15
C GLY D 349 0.27 -3.15 -15.98
N LEU D 350 0.05 -3.48 -17.25
CA LEU D 350 1.16 -3.82 -18.12
C LEU D 350 2.13 -2.65 -18.28
N LEU D 351 1.59 -1.44 -18.42
CA LEU D 351 2.45 -0.27 -18.53
C LEU D 351 3.29 -0.10 -17.26
N ASP D 352 2.68 -0.27 -16.10
CA ASP D 352 3.43 -0.10 -14.86
C ASP D 352 4.54 -1.13 -14.74
N ILE D 353 4.26 -2.39 -15.08
CA ILE D 353 5.32 -3.41 -14.97
C ILE D 353 6.42 -3.15 -15.99
N ALA D 354 6.05 -2.77 -17.21
CA ALA D 354 7.06 -2.49 -18.22
C ALA D 354 7.96 -1.33 -17.80
N CYS D 355 7.38 -0.30 -17.18
CA CYS D 355 8.21 0.76 -16.63
C CYS D 355 9.05 0.27 -15.46
N GLY D 356 8.53 -0.70 -14.71
CA GLY D 356 9.33 -1.27 -13.64
C GLY D 356 10.61 -1.90 -14.14
N PHE D 357 10.50 -2.77 -15.15
CA PHE D 357 11.67 -3.50 -15.64
C PHE D 357 12.68 -2.64 -16.38
N ARG D 358 12.48 -1.32 -16.44
CA ARG D 358 13.34 -0.44 -17.22
C ARG D 358 13.41 -0.92 -18.67
N ASN D 359 12.24 -0.97 -19.30
CA ASN D 359 12.11 -1.28 -20.72
C ASN D 359 11.20 -0.24 -21.34
N LEU D 360 11.64 0.37 -22.44
CA LEU D 360 10.90 1.49 -23.00
C LEU D 360 9.99 1.08 -24.16
N ASP D 361 10.46 0.18 -25.02
CA ASP D 361 9.67 -0.20 -26.20
C ASP D 361 8.29 -0.71 -25.81
N ILE D 362 8.22 -1.58 -24.81
CA ILE D 362 6.93 -2.18 -24.45
C ILE D 362 6.01 -1.15 -23.82
N ALA D 363 6.57 -0.20 -23.06
CA ALA D 363 5.74 0.87 -22.51
C ALA D 363 5.15 1.72 -23.62
N LEU D 364 5.97 2.13 -24.58
CA LEU D 364 5.48 2.94 -25.68
C LEU D 364 4.42 2.19 -26.48
N GLY D 365 4.65 0.90 -26.73
CA GLY D 365 3.66 0.10 -27.41
C GLY D 365 2.37 -0.03 -26.62
N ALA D 366 2.46 -0.12 -25.29
CA ALA D 366 1.25 -0.20 -24.49
C ALA D 366 0.42 1.06 -24.61
N ILE D 367 1.07 2.23 -24.57
CA ILE D 367 0.33 3.48 -24.72
C ILE D 367 -0.33 3.56 -26.10
N ASN D 368 0.41 3.18 -27.15
CA ASN D 368 -0.18 3.21 -28.49
C ASN D 368 -1.37 2.26 -28.60
N THR D 369 -1.25 1.05 -28.05
CA THR D 369 -2.37 0.11 -28.12
C THR D 369 -3.55 0.60 -27.29
N PHE D 370 -3.29 1.35 -26.22
CA PHE D 370 -4.40 1.91 -25.44
C PHE D 370 -5.17 2.94 -26.26
N LYS D 371 -4.44 3.85 -26.93
CA LYS D 371 -5.09 4.73 -27.90
C LYS D 371 -5.90 3.91 -28.91
N CYS D 372 -5.28 2.86 -29.43
CA CYS D 372 -5.90 2.07 -30.49
C CYS D 372 -7.23 1.47 -30.05
N ILE D 373 -7.28 0.92 -28.84
CA ILE D 373 -8.52 0.32 -28.36
C ILE D 373 -9.56 1.40 -28.05
N VAL D 374 -9.16 2.46 -27.35
CA VAL D 374 -10.13 3.47 -26.95
C VAL D 374 -10.80 4.10 -28.17
N GLN D 375 -10.08 4.23 -29.27
CA GLN D 375 -10.70 4.86 -30.43
C GLN D 375 -11.22 3.88 -31.47
N ALA D 376 -10.82 2.61 -31.41
CA ALA D 376 -11.26 1.59 -32.35
C ALA D 376 -10.89 1.97 -33.79
N VAL D 377 -9.58 2.02 -34.03
CA VAL D 377 -9.03 2.35 -35.34
C VAL D 377 -7.66 1.68 -35.47
N PRO D 378 -7.33 1.07 -36.60
CA PRO D 378 -6.04 0.37 -36.71
C PRO D 378 -4.89 1.35 -36.83
N LEU D 379 -3.78 1.00 -36.18
CA LEU D 379 -2.63 1.88 -36.11
C LEU D 379 -1.92 1.93 -37.46
N THR D 380 -1.92 3.10 -38.09
CA THR D 380 -1.45 3.31 -39.45
C THR D 380 -0.63 4.58 -39.53
N PRO D 381 -0.07 4.95 -40.70
CA PRO D 381 0.57 6.28 -40.80
C PRO D 381 -0.40 7.44 -40.58
N ASN D 382 -1.48 7.51 -41.37
CA ASN D 382 -2.43 8.60 -41.26
C ASN D 382 -3.64 8.14 -40.44
N CYS D 383 -3.44 8.07 -39.13
CA CYS D 383 -4.50 7.68 -38.22
C CYS D 383 -5.15 8.87 -37.52
N GLN D 384 -4.40 9.96 -37.31
CA GLN D 384 -4.96 11.15 -36.72
C GLN D 384 -6.19 11.63 -37.46
N ILE D 385 -6.28 11.37 -38.77
CA ILE D 385 -7.41 11.82 -39.56
C ILE D 385 -8.46 10.73 -39.75
N LEU D 386 -8.15 9.49 -39.40
CA LEU D 386 -9.12 8.40 -39.42
C LEU D 386 -9.80 8.18 -38.08
N GLN D 387 -9.33 8.84 -37.01
CA GLN D 387 -10.05 8.80 -35.75
C GLN D 387 -11.32 9.65 -35.75
N LEU D 388 -11.60 10.38 -36.84
CA LEU D 388 -12.75 11.27 -36.89
C LEU D 388 -14.06 10.46 -36.85
N PRO D 389 -15.17 11.11 -36.52
CA PRO D 389 -16.43 10.35 -36.39
C PRO D 389 -16.86 9.62 -37.66
N ASN D 390 -17.06 10.33 -38.77
CA ASN D 390 -17.69 9.76 -39.96
C ASN D 390 -16.87 10.06 -41.21
N VAL D 391 -15.89 9.21 -41.50
CA VAL D 391 -15.09 9.29 -42.70
C VAL D 391 -15.06 7.93 -43.37
N ASP D 392 -14.97 7.93 -44.70
CA ASP D 392 -14.92 6.70 -45.49
C ASP D 392 -13.49 6.46 -45.96
N LYS D 393 -12.92 5.32 -45.56
CA LYS D 393 -11.54 5.04 -45.89
C LYS D 393 -11.37 4.79 -47.39
N GLU D 394 -12.27 4.01 -47.98
CA GLU D 394 -12.13 3.60 -49.38
C GLU D 394 -12.12 4.78 -50.34
N HIS D 395 -12.46 5.98 -49.88
CA HIS D 395 -12.36 7.17 -50.71
C HIS D 395 -11.14 8.02 -50.33
N PHE D 396 -10.93 8.22 -49.04
CA PHE D 396 -9.85 9.09 -48.58
C PHE D 396 -8.49 8.50 -48.93
N ILE D 397 -8.30 7.20 -48.70
CA ILE D 397 -7.00 6.58 -48.98
C ILE D 397 -6.68 6.65 -50.46
N THR D 398 -7.71 6.57 -51.31
CA THR D 398 -7.47 6.50 -52.74
C THR D 398 -7.28 7.87 -53.37
N LYS D 399 -8.07 8.86 -52.97
CA LYS D 399 -8.00 10.15 -53.65
C LYS D 399 -6.77 10.94 -53.22
N THR D 400 -6.67 11.25 -51.93
CA THR D 400 -5.58 12.08 -51.42
C THR D 400 -4.55 11.21 -50.69
N GLY D 401 -3.30 11.63 -50.77
CA GLY D 401 -2.23 10.89 -50.14
C GLY D 401 -1.16 11.76 -49.53
N ASP D 402 -1.47 13.04 -49.31
CA ASP D 402 -0.52 13.97 -48.71
C ASP D 402 -0.98 14.51 -47.36
N ILE D 403 -2.25 14.36 -47.02
CA ILE D 403 -2.78 14.84 -45.74
C ILE D 403 -2.54 13.74 -44.71
N HIS D 404 -1.89 14.10 -43.60
CA HIS D 404 -1.54 13.12 -42.57
C HIS D 404 -1.81 13.57 -41.15
N THR D 405 -2.29 14.79 -40.94
CA THR D 405 -2.51 15.27 -39.58
C THR D 405 -3.49 16.44 -39.61
N LEU D 406 -3.88 16.88 -38.41
CA LEU D 406 -4.97 17.84 -38.29
C LEU D 406 -4.63 19.18 -38.94
N GLY D 407 -3.45 19.73 -38.62
CA GLY D 407 -3.08 21.01 -39.19
C GLY D 407 -3.10 20.98 -40.71
N LYS D 408 -2.60 19.89 -41.30
CA LYS D 408 -2.66 19.74 -42.75
C LYS D 408 -4.10 19.70 -43.25
N LEU D 409 -5.03 19.33 -42.38
CA LEU D 409 -6.44 19.36 -42.77
C LEU D 409 -6.99 20.78 -42.70
N PHE D 410 -6.82 21.45 -41.55
CA PHE D 410 -7.36 22.79 -41.36
C PHE D 410 -6.67 23.82 -42.25
N THR D 411 -5.55 23.49 -42.89
CA THR D 411 -4.99 24.39 -43.89
C THR D 411 -5.95 24.56 -45.06
N LEU D 412 -6.82 23.58 -45.30
CA LEU D 412 -7.79 23.66 -46.38
C LEU D 412 -8.96 24.57 -45.99
N GLU D 413 -9.80 24.88 -46.98
CA GLU D 413 -10.96 25.73 -46.75
C GLU D 413 -12.07 24.93 -46.08
N ASP D 414 -13.24 25.57 -45.92
CA ASP D 414 -14.34 24.92 -45.24
C ASP D 414 -15.07 23.93 -46.13
N ALA D 415 -15.26 24.26 -47.41
CA ALA D 415 -15.91 23.33 -48.33
C ALA D 415 -14.94 22.28 -48.84
N LYS D 416 -13.65 22.62 -48.93
CA LYS D 416 -12.67 21.66 -49.42
C LYS D 416 -12.49 20.51 -48.43
N ILE D 417 -12.67 20.77 -47.13
CA ILE D 417 -12.62 19.70 -46.14
C ILE D 417 -13.64 18.63 -46.47
N GLY D 418 -14.89 19.04 -46.70
CA GLY D 418 -15.92 18.09 -47.06
C GLY D 418 -15.67 17.47 -48.43
N GLU D 419 -15.14 18.25 -49.37
CA GLU D 419 -14.86 17.72 -50.69
C GLU D 419 -13.82 16.60 -50.64
N VAL D 420 -12.85 16.72 -49.74
CA VAL D 420 -11.80 15.70 -49.63
C VAL D 420 -12.27 14.52 -48.79
N LEU D 421 -12.99 14.79 -47.71
CA LEU D 421 -13.44 13.71 -46.83
C LEU D 421 -14.57 12.90 -47.45
N GLY D 422 -15.30 13.47 -48.40
CA GLY D 422 -16.35 12.75 -49.09
C GLY D 422 -17.51 12.35 -48.19
N ILE D 423 -18.25 13.34 -47.69
CA ILE D 423 -19.43 13.05 -46.89
C ILE D 423 -20.65 13.78 -47.45
N LYS D 424 -20.46 14.98 -47.97
CA LYS D 424 -21.48 15.75 -48.68
C LYS D 424 -22.77 15.84 -47.86
N ASP D 425 -22.64 16.41 -46.67
CA ASP D 425 -23.80 16.65 -45.80
C ASP D 425 -23.44 17.76 -44.83
N GLN D 426 -24.01 18.94 -45.04
CA GLN D 426 -23.62 20.11 -44.25
C GLN D 426 -24.01 19.92 -42.78
N ALA D 427 -25.24 19.48 -42.53
CA ALA D 427 -25.70 19.27 -41.16
C ALA D 427 -24.84 18.25 -40.42
N LYS D 428 -24.15 17.37 -41.15
CA LYS D 428 -23.21 16.45 -40.53
C LYS D 428 -21.76 16.90 -40.68
N LEU D 429 -21.45 17.66 -41.73
CA LEU D 429 -20.11 18.22 -41.85
C LEU D 429 -19.79 19.15 -40.69
N ASN D 430 -20.78 19.93 -40.25
CA ASN D 430 -20.56 20.77 -39.06
C ASN D 430 -20.25 19.90 -37.85
N GLU D 431 -20.88 18.72 -37.75
CA GLU D 431 -20.61 17.84 -36.62
C GLU D 431 -19.17 17.33 -36.64
N THR D 432 -18.71 16.84 -37.79
CA THR D 432 -17.36 16.30 -37.84
C THR D 432 -16.32 17.41 -37.66
N LEU D 433 -16.59 18.62 -38.14
CA LEU D 433 -15.67 19.71 -37.86
C LEU D 433 -15.66 20.08 -36.38
N ARG D 434 -16.84 20.05 -35.74
CA ARG D 434 -16.89 20.30 -34.31
C ARG D 434 -16.14 19.23 -33.50
N VAL D 435 -16.11 18.00 -33.99
CA VAL D 435 -15.30 16.99 -33.31
C VAL D 435 -13.82 17.19 -33.61
N ALA D 436 -13.48 17.63 -34.82
CA ALA D 436 -12.08 17.78 -35.21
C ALA D 436 -11.46 19.11 -34.80
N SER D 437 -12.23 19.98 -34.14
CA SER D 437 -11.70 21.27 -33.71
C SER D 437 -11.59 21.34 -32.19
N HIS D 438 -11.46 20.19 -31.52
CA HIS D 438 -11.45 20.21 -30.06
C HIS D 438 -10.46 19.25 -29.41
N ILE D 439 -9.68 18.50 -30.18
CA ILE D 439 -8.80 17.50 -29.57
C ILE D 439 -7.48 18.19 -29.18
N PRO D 440 -7.00 18.00 -27.97
CA PRO D 440 -5.94 18.88 -27.45
C PRO D 440 -4.54 18.54 -27.93
N ASN D 441 -3.90 19.49 -28.59
CA ASN D 441 -2.48 19.40 -28.96
C ASN D 441 -1.67 20.27 -28.00
N LEU D 442 -0.59 19.70 -27.46
CA LEU D 442 0.22 20.40 -26.47
C LEU D 442 1.31 21.21 -27.13
N LYS D 443 2.02 21.97 -26.31
CA LYS D 443 3.15 22.79 -26.74
C LYS D 443 3.85 23.34 -25.50
N ILE D 444 5.19 23.36 -25.52
CA ILE D 444 5.95 23.77 -24.35
C ILE D 444 6.19 25.27 -24.38
N ILE D 445 6.41 25.83 -23.19
CA ILE D 445 6.79 27.23 -23.03
C ILE D 445 8.08 27.39 -22.25
N LYS D 446 8.23 26.68 -21.13
CA LYS D 446 9.44 26.76 -20.32
C LYS D 446 9.53 25.51 -19.46
N ALA D 447 10.72 24.90 -19.43
CA ALA D 447 10.93 23.67 -18.68
C ALA D 447 12.35 23.67 -18.13
N ASP D 448 12.48 23.40 -16.83
CA ASP D 448 13.79 23.37 -16.21
C ASP D 448 13.70 22.58 -14.91
N PHE D 449 14.86 22.23 -14.37
CA PHE D 449 14.95 21.53 -13.10
C PHE D 449 14.72 22.48 -11.94
N LEU D 450 14.47 21.90 -10.78
CA LEU D 450 14.41 22.64 -9.52
C LEU D 450 14.95 21.74 -8.42
N VAL D 451 15.61 22.34 -7.43
CA VAL D 451 16.29 21.55 -6.41
C VAL D 451 15.79 21.87 -5.01
N PRO D 452 14.61 21.36 -4.64
CA PRO D 452 14.25 21.32 -3.21
C PRO D 452 14.93 20.15 -2.53
N GLY D 453 14.54 19.86 -1.28
CA GLY D 453 15.07 18.68 -0.62
C GLY D 453 14.99 17.42 -1.47
N ARG D 454 13.96 17.32 -2.31
CA ARG D 454 13.86 16.28 -3.32
C ARG D 454 13.65 16.94 -4.67
N PRO D 455 14.53 16.75 -5.65
CA PRO D 455 14.39 17.44 -6.93
C PRO D 455 13.12 17.03 -7.65
N TYR D 456 12.53 17.96 -8.38
CA TYR D 456 11.30 17.70 -9.11
C TYR D 456 11.27 18.54 -10.38
N ILE D 457 10.75 17.96 -11.46
CA ILE D 457 10.69 18.65 -12.74
C ILE D 457 9.42 19.49 -12.81
N SER D 458 9.51 20.61 -13.53
CA SER D 458 8.38 21.49 -13.75
C SER D 458 8.28 21.79 -15.23
N LEU D 459 7.06 21.74 -15.75
CA LEU D 459 6.81 21.99 -17.16
C LEU D 459 5.79 23.11 -17.30
N LYS D 460 5.79 23.75 -18.46
CA LYS D 460 4.85 24.83 -18.77
C LYS D 460 4.25 24.57 -20.14
N VAL D 461 3.16 23.80 -20.17
CA VAL D 461 2.49 23.42 -21.39
C VAL D 461 1.39 24.42 -21.70
N LEU D 462 1.06 24.56 -22.98
CA LEU D 462 0.03 25.49 -23.43
C LEU D 462 -0.94 24.73 -24.31
N VAL D 463 -2.01 24.21 -23.70
CA VAL D 463 -2.95 23.36 -24.44
C VAL D 463 -3.63 24.18 -25.52
N ARG D 464 -3.45 23.78 -26.77
CA ARG D 464 -4.00 24.49 -27.90
C ARG D 464 -4.85 23.55 -28.74
N SER D 465 -5.83 24.12 -29.43
CA SER D 465 -6.62 23.36 -30.37
C SER D 465 -5.90 23.25 -31.71
N ALA D 466 -6.44 22.41 -32.58
CA ALA D 466 -5.80 22.18 -33.87
C ALA D 466 -6.01 23.31 -34.86
N LYS D 467 -6.49 24.47 -34.41
CA LYS D 467 -6.80 25.56 -35.31
C LYS D 467 -6.02 26.84 -35.04
N GLN D 468 -5.72 27.13 -33.80
CA GLN D 468 -5.11 28.41 -33.47
C GLN D 468 -3.67 28.45 -33.95
N PRO D 469 -3.25 29.53 -34.60
CA PRO D 469 -1.87 29.64 -35.08
C PRO D 469 -0.85 29.79 -33.95
N LEU D 470 0.40 29.99 -34.33
CA LEU D 470 1.48 30.12 -33.36
C LEU D 470 1.53 31.52 -32.78
N ILE D 471 1.57 31.61 -31.46
CA ILE D 471 1.86 32.85 -30.75
C ILE D 471 3.32 32.77 -30.28
N PRO D 472 4.11 33.81 -30.47
CA PRO D 472 5.50 33.76 -30.01
C PRO D 472 5.56 33.67 -28.49
N THR D 473 6.61 33.01 -28.00
CA THR D 473 6.79 32.89 -26.55
C THR D 473 7.07 34.24 -25.92
N SER D 474 7.43 35.24 -26.73
CA SER D 474 7.75 36.57 -26.20
C SER D 474 6.54 37.27 -25.62
N LEU D 475 5.36 37.09 -26.22
CA LEU D 475 4.16 37.78 -25.75
C LEU D 475 3.69 37.27 -24.39
N ILE D 476 4.24 36.17 -23.90
CA ILE D 476 3.90 35.73 -22.55
C ILE D 476 4.35 36.80 -21.55
N PRO D 477 3.45 37.35 -20.74
CA PRO D 477 3.85 38.44 -19.83
C PRO D 477 4.79 38.02 -18.72
N GLU D 478 5.14 36.73 -18.63
CA GLU D 478 6.11 36.21 -17.67
C GLU D 478 5.54 36.21 -16.25
N GLU D 479 4.35 36.78 -16.07
CA GLU D 479 3.73 36.75 -14.75
C GLU D 479 3.10 35.39 -14.47
N ASN D 480 2.51 34.75 -15.48
CA ASN D 480 1.90 33.44 -15.27
C ASN D 480 2.95 32.40 -14.93
N LEU D 481 4.14 32.49 -15.55
CA LEU D 481 5.14 31.44 -15.38
C LEU D 481 5.69 31.43 -13.96
N THR D 482 5.98 32.59 -13.40
CA THR D 482 6.63 32.68 -12.10
C THR D 482 5.75 32.09 -11.00
N GLU D 483 6.41 31.57 -9.96
CA GLU D 483 5.77 30.88 -8.86
C GLU D 483 5.77 31.75 -7.60
N PRO D 484 4.69 31.72 -6.81
CA PRO D 484 4.69 32.45 -5.55
C PRO D 484 5.55 31.75 -4.50
N GLN D 485 6.35 32.54 -3.80
CA GLN D 485 7.28 32.01 -2.80
C GLN D 485 6.69 32.25 -1.41
N ASP D 486 5.99 31.24 -0.90
CA ASP D 486 5.40 31.29 0.43
C ASP D 486 5.75 30.02 1.19
N SER D 487 5.59 30.08 2.51
CA SER D 487 5.90 28.91 3.35
C SER D 487 4.94 27.76 3.04
N GLU D 488 3.65 28.06 2.93
CA GLU D 488 2.68 27.03 2.59
C GLU D 488 2.96 26.43 1.22
N SER D 489 3.33 27.27 0.25
CA SER D 489 3.67 26.76 -1.08
C SER D 489 4.98 25.98 -1.04
N GLN D 490 5.96 26.44 -0.26
CA GLN D 490 7.25 25.77 -0.20
C GLN D 490 7.15 24.43 0.51
N ARG D 491 6.17 24.27 1.40
CA ARG D 491 6.03 22.99 2.11
C ARG D 491 5.60 21.88 1.16
N ASP D 492 4.48 22.06 0.48
CA ASP D 492 3.96 21.06 -0.47
C ASP D 492 3.77 21.73 -1.83
N PRO D 493 4.79 21.70 -2.70
CA PRO D 493 4.68 22.41 -3.97
C PRO D 493 3.59 21.87 -4.88
N PHE D 494 3.32 20.56 -4.85
CA PHE D 494 2.31 19.98 -5.74
C PHE D 494 0.89 20.35 -5.33
N ALA D 495 0.71 21.02 -4.18
CA ALA D 495 -0.62 21.44 -3.78
C ALA D 495 -1.21 22.44 -4.76
N MET D 496 -0.38 23.35 -5.29
CA MET D 496 -0.88 24.34 -6.23
C MET D 496 -1.32 23.69 -7.54
N MET D 497 -0.67 22.57 -7.93
CA MET D 497 -1.14 21.82 -9.07
C MET D 497 -2.44 21.09 -8.76
N SER D 498 -2.54 20.52 -7.56
CA SER D 498 -3.71 19.72 -7.19
C SER D 498 -5.01 20.52 -7.18
N LYS D 499 -4.94 21.84 -7.36
CA LYS D 499 -6.14 22.68 -7.34
C LYS D 499 -6.82 22.78 -8.70
N GLN D 500 -6.08 22.57 -9.78
CA GLN D 500 -6.61 22.81 -11.11
C GLN D 500 -7.80 21.89 -11.40
N PRO D 501 -8.68 22.30 -12.31
CA PRO D 501 -9.89 21.51 -12.57
C PRO D 501 -9.58 20.21 -13.29
N LEU D 502 -10.64 19.44 -13.54
CA LEU D 502 -10.51 18.15 -14.18
C LEU D 502 -10.72 18.25 -15.69
N VAL D 503 -10.42 17.15 -16.37
CA VAL D 503 -10.45 17.07 -17.83
C VAL D 503 -11.84 16.59 -18.29
N PRO D 504 -12.29 16.93 -19.49
CA PRO D 504 -13.65 16.57 -19.90
C PRO D 504 -13.83 15.09 -20.17
N TYR D 505 -15.05 14.67 -20.47
CA TYR D 505 -15.28 13.31 -20.94
C TYR D 505 -14.77 13.16 -22.36
N SER D 506 -13.97 12.12 -22.58
CA SER D 506 -13.38 11.87 -23.88
C SER D 506 -14.46 11.57 -24.92
N PHE D 507 -14.05 11.58 -26.18
CA PHE D 507 -14.95 11.28 -27.30
C PHE D 507 -14.59 9.87 -27.77
N ALA D 508 -15.18 8.87 -27.12
CA ALA D 508 -14.91 7.46 -27.40
C ALA D 508 -16.21 6.78 -27.82
N PRO D 509 -16.63 6.94 -29.08
CA PRO D 509 -17.90 6.36 -29.51
C PRO D 509 -17.89 4.85 -29.66
N PHE D 510 -16.83 4.15 -29.23
CA PHE D 510 -16.80 2.70 -29.31
C PHE D 510 -16.34 2.02 -28.04
N PHE D 511 -15.70 2.73 -27.13
CA PHE D 511 -15.49 2.19 -25.80
C PHE D 511 -16.84 2.08 -25.10
N PRO D 512 -17.24 0.90 -24.64
CA PRO D 512 -18.60 0.75 -24.09
C PRO D 512 -18.93 1.73 -22.97
N THR D 513 -18.05 1.88 -21.98
CA THR D 513 -18.32 2.79 -20.88
C THR D 513 -17.95 4.21 -21.28
N LYS D 514 -17.95 5.14 -20.32
CA LYS D 514 -17.56 6.52 -20.54
C LYS D 514 -16.23 6.79 -19.85
N ARG D 515 -15.36 7.53 -20.53
CA ARG D 515 -14.02 7.78 -20.03
C ARG D 515 -13.74 9.26 -19.90
N ARG D 516 -13.04 9.62 -18.83
CA ARG D 516 -12.38 10.91 -18.72
C ARG D 516 -11.02 10.82 -19.39
N GLY D 517 -10.71 11.81 -20.23
CA GLY D 517 -9.39 11.89 -20.82
C GLY D 517 -8.31 11.78 -19.77
N SER D 518 -7.18 11.24 -20.18
CA SER D 518 -6.10 11.03 -19.22
C SER D 518 -4.81 11.52 -19.82
N TRP D 519 -3.77 11.57 -19.01
CA TRP D 519 -2.45 11.98 -19.47
C TRP D 519 -1.40 11.16 -18.73
N CYS D 520 -0.59 10.43 -19.48
CA CYS D 520 0.46 9.60 -18.92
C CYS D 520 1.81 10.18 -19.33
N CYS D 521 2.57 10.66 -18.35
CA CYS D 521 3.88 11.25 -18.59
C CYS D 521 4.95 10.39 -17.91
N LEU D 522 5.84 9.85 -18.72
CA LEU D 522 6.90 8.97 -18.26
C LEU D 522 8.25 9.54 -18.70
N VAL D 523 9.26 9.36 -17.85
CA VAL D 523 10.58 9.92 -18.06
C VAL D 523 11.53 8.79 -18.43
N SER D 524 12.55 9.11 -19.23
CA SER D 524 13.55 8.14 -19.63
C SER D 524 14.90 8.82 -19.69
N SER D 525 15.95 8.03 -19.46
CA SER D 525 17.32 8.52 -19.49
C SER D 525 17.81 8.59 -20.93
N GLN D 526 18.90 9.33 -21.12
CA GLN D 526 19.42 9.61 -22.45
C GLN D 526 20.79 9.00 -22.71
N LYS D 527 21.50 8.55 -21.66
CA LYS D 527 22.82 7.98 -21.88
C LYS D 527 22.75 6.58 -22.46
N ASP D 528 21.89 5.73 -21.92
CA ASP D 528 21.75 4.36 -22.38
C ASP D 528 20.36 4.01 -22.90
N GLY D 529 19.31 4.69 -22.45
CA GLY D 529 17.98 4.46 -22.98
C GLY D 529 17.12 3.51 -22.18
N LYS D 530 16.96 3.77 -20.89
CA LYS D 530 16.12 2.96 -20.02
C LYS D 530 15.25 3.86 -19.15
N ILE D 531 14.05 3.38 -18.84
CA ILE D 531 13.15 4.10 -17.95
C ILE D 531 13.66 3.97 -16.52
N LEU D 532 13.52 5.05 -15.74
CA LEU D 532 14.08 5.09 -14.41
C LEU D 532 13.06 5.46 -13.32
N GLN D 533 11.77 5.34 -13.58
CA GLN D 533 10.76 5.48 -12.53
C GLN D 533 9.44 4.96 -13.05
N THR D 534 8.51 4.75 -12.13
CA THR D 534 7.14 4.42 -12.51
C THR D 534 6.49 5.64 -13.17
N PRO D 535 5.62 5.42 -14.16
CA PRO D 535 5.03 6.55 -14.88
C PRO D 535 3.96 7.25 -14.05
N ILE D 536 4.04 8.58 -13.99
CA ILE D 536 3.09 9.38 -13.23
C ILE D 536 1.93 9.75 -14.13
N ILE D 537 0.72 9.42 -13.70
CA ILE D 537 -0.49 9.60 -14.49
C ILE D 537 -1.24 10.79 -13.94
N ILE D 538 -1.14 11.93 -14.61
CA ILE D 538 -1.80 13.14 -14.15
C ILE D 538 -3.20 13.19 -14.73
N GLU D 539 -4.11 13.81 -13.98
CA GLU D 539 -5.50 13.93 -14.37
C GLU D 539 -5.97 15.36 -14.61
N LYS D 540 -5.39 16.34 -13.92
CA LYS D 540 -5.92 17.69 -13.85
C LYS D 540 -5.14 18.59 -14.80
N LEU D 541 -5.86 19.16 -15.77
CA LEU D 541 -5.26 20.08 -16.73
C LEU D 541 -6.37 20.98 -17.24
N SER D 542 -6.05 22.24 -17.43
CA SER D 542 -7.05 23.26 -17.73
C SER D 542 -7.26 23.36 -19.22
N TYR D 543 -8.33 22.72 -19.71
CA TYR D 543 -8.65 22.73 -21.14
C TYR D 543 -9.39 24.00 -21.55
N LYS D 544 -9.31 25.05 -20.74
CA LYS D 544 -10.13 26.24 -20.97
C LYS D 544 -9.83 26.89 -22.30
N ASN D 545 -8.60 26.76 -22.80
CA ASN D 545 -8.19 27.45 -24.03
C ASN D 545 -8.94 26.98 -25.27
N LEU D 546 -9.76 25.95 -25.17
CA LEU D 546 -10.46 25.39 -26.32
C LEU D 546 -11.87 25.93 -26.49
N ASN D 547 -12.34 26.77 -25.59
CA ASN D 547 -13.73 27.22 -25.62
C ASN D 547 -14.07 27.88 -26.95
N ASP D 548 -15.31 27.67 -27.39
CA ASP D 548 -15.77 28.17 -28.68
C ASP D 548 -15.97 29.67 -28.69
N ASP D 549 -15.63 30.37 -27.60
CA ASP D 549 -15.78 31.81 -27.59
C ASP D 549 -14.68 32.52 -28.36
N LYS D 550 -13.44 32.05 -28.26
CA LYS D 550 -12.33 32.64 -29.00
C LYS D 550 -12.04 31.84 -30.27
N ASP D 551 -13.01 31.85 -31.17
CA ASP D 551 -12.83 31.26 -32.50
C ASP D 551 -12.27 32.25 -33.50
N PHE D 552 -12.12 33.52 -33.13
CA PHE D 552 -11.54 34.51 -34.02
C PHE D 552 -10.07 34.25 -34.31
N PHE D 553 -9.40 33.45 -33.48
CA PHE D 553 -7.98 33.15 -33.66
C PHE D 553 -7.84 31.90 -34.52
N ASP D 554 -8.03 32.08 -35.82
CA ASP D 554 -7.94 30.99 -36.79
C ASP D 554 -6.66 31.12 -37.60
N LYS D 555 -6.27 30.02 -38.23
CA LYS D 555 -5.03 30.00 -39.01
C LYS D 555 -5.28 30.34 -40.48
N ARG D 556 -6.49 30.16 -40.97
CA ARG D 556 -6.78 30.39 -42.38
C ARG D 556 -6.94 31.87 -42.73
N ILE D 557 -6.93 32.75 -41.74
CA ILE D 557 -7.13 34.17 -42.02
C ILE D 557 -5.82 34.82 -42.47
N LYS D 558 -4.70 34.36 -41.92
CA LYS D 558 -3.34 34.84 -42.23
C LYS D 558 -3.29 36.36 -42.40
N MET D 559 -3.79 37.06 -41.37
CA MET D 559 -3.75 38.52 -41.33
C MET D 559 -3.10 39.01 -40.04
N ASP D 560 -2.21 38.21 -39.46
CA ASP D 560 -1.50 38.56 -38.22
C ASP D 560 -2.49 38.87 -37.10
N LEU D 561 -3.26 37.85 -36.74
CA LEU D 561 -4.38 38.01 -35.82
C LEU D 561 -3.95 38.26 -34.38
N THR D 562 -2.66 38.34 -34.08
CA THR D 562 -2.26 38.68 -32.71
C THR D 562 -2.44 40.16 -32.44
N LYS D 563 -2.46 40.99 -33.48
CA LYS D 563 -2.72 42.42 -33.33
C LYS D 563 -4.21 42.70 -33.58
N HIS D 564 -5.05 42.02 -32.80
CA HIS D 564 -6.49 42.12 -32.92
C HIS D 564 -7.08 42.73 -31.66
N GLU D 565 -8.28 43.30 -31.82
CA GLU D 565 -8.96 43.91 -30.69
C GLU D 565 -9.43 42.85 -29.69
N LYS D 566 -9.66 41.63 -30.14
CA LYS D 566 -10.10 40.55 -29.28
C LYS D 566 -8.96 39.76 -28.67
N PHE D 567 -7.76 39.86 -29.22
CA PHE D 567 -6.61 39.13 -28.70
C PHE D 567 -6.18 39.77 -27.38
N ASP D 568 -6.41 39.06 -26.28
CA ASP D 568 -6.01 39.52 -24.96
C ASP D 568 -5.11 38.45 -24.35
N ILE D 569 -3.81 38.74 -24.29
CA ILE D 569 -2.83 37.79 -23.79
C ILE D 569 -3.09 37.38 -22.34
N ASN D 570 -3.91 38.13 -21.62
CA ASN D 570 -4.26 37.80 -20.24
C ASN D 570 -5.29 36.69 -20.14
N ASP D 571 -5.69 36.08 -21.26
CA ASP D 571 -6.73 35.08 -21.26
C ASP D 571 -6.21 33.66 -21.40
N TRP D 572 -5.11 33.47 -22.12
CA TRP D 572 -4.58 32.14 -22.40
C TRP D 572 -4.01 31.54 -21.12
N GLU D 573 -4.68 30.53 -20.58
CA GLU D 573 -4.23 29.92 -19.34
C GLU D 573 -3.17 28.86 -19.62
N ILE D 574 -2.11 28.91 -18.82
CA ILE D 574 -0.92 28.09 -19.01
C ILE D 574 -0.95 27.00 -17.94
N GLY D 575 -1.18 25.76 -18.35
CA GLY D 575 -1.19 24.65 -17.42
C GLY D 575 0.14 24.50 -16.71
N THR D 576 0.15 23.57 -15.76
CA THR D 576 1.35 23.31 -14.96
C THR D 576 1.40 21.85 -14.56
N ILE D 577 2.51 21.19 -14.87
CA ILE D 577 2.71 19.77 -14.59
C ILE D 577 4.02 19.61 -13.84
N LYS D 578 3.97 18.92 -12.71
CA LYS D 578 5.13 18.74 -11.84
C LYS D 578 5.35 17.25 -11.59
N ILE D 579 6.55 16.77 -11.87
CA ILE D 579 6.91 15.37 -11.73
C ILE D 579 8.10 15.28 -10.79
N PRO D 580 8.05 14.50 -9.71
CA PRO D 580 9.25 14.26 -8.92
C PRO D 580 10.25 13.42 -9.70
N LEU D 581 11.53 13.68 -9.47
CA LEU D 581 12.57 13.00 -10.23
C LEU D 581 12.64 11.52 -9.90
N GLY D 582 12.19 11.12 -8.72
CA GLY D 582 12.16 9.71 -8.34
C GLY D 582 13.50 9.10 -8.06
N GLN D 583 14.59 9.86 -8.09
CA GLN D 583 15.92 9.33 -7.84
C GLN D 583 16.77 10.43 -7.20
N PRO D 584 17.72 10.07 -6.33
CA PRO D 584 18.62 11.08 -5.77
C PRO D 584 19.55 11.65 -6.83
N ALA D 585 19.91 12.91 -6.64
CA ALA D 585 20.74 13.60 -7.61
C ALA D 585 22.13 12.94 -7.67
N PRO D 586 22.74 12.89 -8.85
CA PRO D 586 24.09 12.31 -8.94
C PRO D 586 25.10 13.16 -8.21
N GLU D 587 25.98 12.49 -7.47
CA GLU D 587 26.96 13.17 -6.62
C GLU D 587 28.10 13.79 -7.42
N THR D 588 28.30 13.40 -8.67
CA THR D 588 29.40 13.92 -9.46
C THR D 588 29.11 15.37 -9.88
N VAL D 589 30.04 15.94 -10.63
CA VAL D 589 29.91 17.30 -11.15
C VAL D 589 30.06 17.23 -12.66
N GLY D 590 29.00 17.59 -13.38
CA GLY D 590 29.03 17.54 -14.83
C GLY D 590 27.63 17.66 -15.38
N ASP D 591 27.49 17.26 -16.65
CA ASP D 591 26.22 17.32 -17.35
C ASP D 591 25.51 15.98 -17.25
N PHE D 592 24.19 16.04 -17.03
CA PHE D 592 23.36 14.85 -16.94
C PHE D 592 22.10 15.08 -17.76
N PHE D 593 21.87 14.25 -18.76
CA PHE D 593 20.78 14.45 -19.70
C PHE D 593 19.55 13.64 -19.29
N PHE D 594 18.38 14.18 -19.62
CA PHE D 594 17.10 13.54 -19.36
C PHE D 594 16.19 13.75 -20.56
N ARG D 595 15.09 12.99 -20.59
CA ARG D 595 14.13 13.09 -21.68
C ARG D 595 12.76 12.76 -21.15
N VAL D 596 11.85 13.73 -21.18
CA VAL D 596 10.51 13.59 -20.61
C VAL D 596 9.50 13.52 -21.75
N ILE D 597 8.65 12.48 -21.72
CA ILE D 597 7.59 12.28 -22.69
C ILE D 597 6.26 12.48 -21.98
N VAL D 598 5.30 13.09 -22.67
CA VAL D 598 3.95 13.26 -22.17
C VAL D 598 3.02 12.76 -23.26
N LYS D 599 2.52 11.53 -23.12
CA LYS D 599 1.69 10.90 -24.13
C LYS D 599 0.22 10.98 -23.75
N SER D 600 -0.62 11.26 -24.75
CA SER D 600 -2.05 11.22 -24.57
C SER D 600 -2.54 9.78 -24.58
N THR D 601 -3.73 9.55 -24.04
CA THR D 601 -4.24 8.19 -23.93
C THR D 601 -5.69 8.05 -24.37
N ASP D 602 -6.26 9.00 -25.08
CA ASP D 602 -7.59 8.76 -25.60
C ASP D 602 -7.78 9.24 -27.03
N TYR D 603 -6.96 10.17 -27.49
CA TYR D 603 -7.02 10.67 -28.85
C TYR D 603 -5.73 10.31 -29.58
N PHE D 604 -5.60 10.79 -30.82
CA PHE D 604 -4.37 10.59 -31.57
C PHE D 604 -3.71 11.94 -31.81
N THR D 605 -3.64 12.75 -30.77
CA THR D 605 -3.20 14.14 -30.88
C THR D 605 -1.67 14.23 -30.87
N THR D 606 -1.17 15.46 -30.75
CA THR D 606 0.27 15.75 -30.71
C THR D 606 0.74 15.72 -29.26
N ASP D 607 1.92 15.17 -29.03
CA ASP D 607 2.43 15.03 -27.68
C ASP D 607 3.83 15.64 -27.55
N LEU D 608 4.45 15.43 -26.40
CA LEU D 608 5.69 16.11 -26.03
C LEU D 608 6.87 15.15 -26.07
N ASP D 609 7.97 15.62 -26.64
CA ASP D 609 9.23 14.86 -26.69
C ASP D 609 10.37 15.88 -26.58
N ILE D 610 10.89 16.07 -25.37
CA ILE D 610 11.98 17.02 -25.14
C ILE D 610 13.10 16.33 -24.41
N THR D 611 14.32 16.82 -24.63
CA THR D 611 15.50 16.36 -23.92
C THR D 611 16.05 17.50 -23.07
N MET D 612 15.67 17.51 -21.80
CA MET D 612 16.14 18.52 -20.86
C MET D 612 17.38 18.00 -20.17
N ASN D 613 18.21 18.92 -19.69
CA ASN D 613 19.46 18.57 -19.04
C ASN D 613 19.57 19.28 -17.70
N MET D 614 20.12 18.57 -16.72
CA MET D 614 20.42 19.14 -15.42
C MET D 614 21.92 19.39 -15.31
N LYS D 615 22.29 20.60 -14.91
CA LYS D 615 23.69 20.97 -14.75
C LYS D 615 24.00 21.03 -13.27
N VAL D 616 24.44 19.89 -12.72
CA VAL D 616 24.86 19.83 -11.33
C VAL D 616 26.13 20.66 -11.19
N ARG D 617 26.17 21.54 -10.19
CA ARG D 617 27.27 22.47 -10.01
C ARG D 617 27.81 22.52 -8.58
N ASP D 618 27.01 22.16 -7.59
CA ASP D 618 27.42 22.18 -6.18
C ASP D 618 27.94 23.55 -5.76
N ASN E 69 10.01 -24.51 -22.39
CA ASN E 69 10.70 -23.53 -23.23
C ASN E 69 12.20 -23.66 -23.08
N ASP E 70 12.72 -24.87 -23.29
CA ASP E 70 14.13 -25.12 -23.06
C ASP E 70 14.61 -26.25 -23.96
N ALA E 71 15.93 -26.34 -24.10
CA ALA E 71 16.61 -27.44 -24.79
C ALA E 71 17.26 -28.40 -23.81
N HIS E 72 16.82 -28.38 -22.54
CA HIS E 72 17.38 -29.28 -21.54
C HIS E 72 17.02 -30.73 -21.83
N ASP E 73 15.73 -31.02 -21.96
CA ASP E 73 15.30 -32.37 -22.27
C ASP E 73 15.76 -32.84 -23.63
N LEU E 74 16.19 -31.93 -24.50
CA LEU E 74 16.61 -32.32 -25.84
C LEU E 74 17.88 -33.18 -25.78
N TYR E 75 18.81 -32.82 -24.91
CA TYR E 75 20.01 -33.63 -24.75
C TYR E 75 19.66 -35.03 -24.26
N PHE E 76 18.71 -35.14 -23.32
CA PHE E 76 18.28 -36.45 -22.85
C PHE E 76 17.64 -37.26 -23.97
N GLN E 77 16.80 -36.61 -24.79
CA GLN E 77 16.16 -37.31 -25.89
C GLN E 77 17.19 -37.81 -26.89
N ILE E 78 18.18 -36.98 -27.22
CA ILE E 78 19.20 -37.40 -28.17
C ILE E 78 20.06 -38.51 -27.57
N LYS E 79 20.29 -38.46 -26.25
CA LYS E 79 21.04 -39.53 -25.60
C LYS E 79 20.30 -40.85 -25.69
N GLU E 80 18.99 -40.82 -25.41
CA GLU E 80 18.20 -42.04 -25.50
C GLU E 80 18.13 -42.55 -26.94
N MET E 81 18.12 -41.65 -27.91
CA MET E 81 18.15 -42.09 -29.30
C MET E 81 19.50 -42.71 -29.64
N SER E 82 20.59 -42.14 -29.15
CA SER E 82 21.92 -42.66 -29.46
C SER E 82 22.21 -43.97 -28.75
N GLU E 83 21.51 -44.23 -27.63
CA GLU E 83 21.71 -45.47 -26.90
C GLU E 83 21.46 -46.71 -27.74
N ASN E 84 20.70 -46.59 -28.82
CA ASN E 84 20.42 -47.73 -29.70
C ASN E 84 20.56 -47.42 -31.18
N GLU E 85 20.58 -46.14 -31.57
CA GLU E 85 20.62 -45.77 -32.99
C GLU E 85 22.03 -45.58 -33.52
N LYS E 86 23.05 -45.71 -32.68
CA LYS E 86 24.46 -45.57 -33.08
C LYS E 86 24.71 -44.19 -33.70
N ILE E 87 24.51 -43.18 -32.85
CA ILE E 87 24.83 -41.81 -33.24
C ILE E 87 26.30 -41.52 -32.93
N HIS E 88 26.94 -40.73 -33.79
CA HIS E 88 28.35 -40.43 -33.63
C HIS E 88 28.58 -39.68 -32.32
N GLU E 89 29.84 -39.68 -31.88
CA GLU E 89 30.19 -39.18 -30.56
C GLU E 89 30.18 -37.67 -30.47
N LYS E 90 30.40 -36.95 -31.57
CA LYS E 90 30.46 -35.50 -31.52
C LYS E 90 29.10 -34.85 -31.30
N VAL E 91 28.02 -35.48 -31.77
CA VAL E 91 26.69 -34.90 -31.59
C VAL E 91 26.35 -34.81 -30.11
N LEU E 92 26.74 -35.83 -29.34
CA LEU E 92 26.50 -35.79 -27.91
C LEU E 92 27.23 -34.62 -27.26
N LYS E 93 28.51 -34.42 -27.60
CA LYS E 93 29.26 -33.31 -27.04
C LYS E 93 28.66 -31.98 -27.45
N ALA E 94 28.18 -31.88 -28.69
CA ALA E 94 27.57 -30.64 -29.15
C ALA E 94 26.30 -30.32 -28.37
N ALA E 95 25.42 -31.31 -28.21
CA ALA E 95 24.21 -31.11 -27.43
C ALA E 95 24.55 -30.74 -25.99
N LEU E 96 25.61 -31.36 -25.44
CA LEU E 96 26.03 -31.03 -24.08
C LEU E 96 26.47 -29.57 -23.98
N LEU E 97 27.32 -29.13 -24.91
CA LEU E 97 27.78 -27.74 -24.91
C LEU E 97 26.60 -26.79 -25.05
N ASN E 98 25.61 -27.15 -25.87
CA ASN E 98 24.47 -26.26 -26.06
C ASN E 98 23.63 -26.16 -24.78
N ARG E 99 23.42 -27.28 -24.09
CA ARG E 99 22.70 -27.24 -22.82
C ARG E 99 23.44 -26.38 -21.82
N GLY E 100 24.77 -26.52 -21.76
CA GLY E 100 25.54 -25.65 -20.90
C GLY E 100 25.39 -24.18 -21.28
N ALA E 101 25.33 -23.90 -22.58
CA ALA E 101 25.18 -22.51 -23.03
C ALA E 101 23.87 -21.93 -22.53
N GLU E 102 22.77 -22.67 -22.70
CA GLU E 102 21.49 -22.20 -22.20
C GLU E 102 21.54 -21.99 -20.69
N SER E 103 22.23 -22.89 -19.98
CA SER E 103 22.32 -22.76 -18.53
C SER E 103 23.06 -21.47 -18.14
N VAL E 104 24.17 -21.18 -18.80
CA VAL E 104 24.92 -19.97 -18.49
C VAL E 104 24.11 -18.72 -18.80
N ARG E 105 23.40 -18.74 -19.93
CA ARG E 105 22.56 -17.60 -20.29
C ARG E 105 21.50 -17.36 -19.22
N ARG E 106 20.85 -18.42 -18.75
CA ARG E 106 19.81 -18.25 -17.74
C ARG E 106 20.40 -17.77 -16.42
N SER E 107 21.59 -18.27 -16.05
CA SER E 107 22.23 -17.81 -14.82
C SER E 107 22.50 -16.32 -14.89
N LEU E 108 23.07 -15.85 -16.00
CA LEU E 108 23.33 -14.42 -16.14
C LEU E 108 22.05 -13.62 -16.12
N LYS E 109 21.00 -14.11 -16.80
CA LYS E 109 19.74 -13.38 -16.84
C LYS E 109 19.15 -13.21 -15.44
N LEU E 110 19.16 -14.29 -14.65
CA LEU E 110 18.62 -14.18 -13.29
C LEU E 110 19.48 -13.28 -12.42
N LYS E 111 20.81 -13.39 -12.54
CA LYS E 111 21.70 -12.54 -11.76
C LYS E 111 21.46 -11.07 -12.07
N GLU E 112 21.13 -10.75 -13.32
CA GLU E 112 20.90 -9.36 -13.67
C GLU E 112 19.48 -8.90 -13.41
N LEU E 113 18.50 -9.81 -13.34
CA LEU E 113 17.12 -9.41 -13.13
C LEU E 113 16.68 -9.45 -11.67
N ALA E 114 17.48 -10.03 -10.78
CA ALA E 114 17.13 -10.04 -9.36
C ALA E 114 16.78 -8.67 -8.79
N PRO E 115 17.55 -7.60 -9.03
CA PRO E 115 17.25 -6.33 -8.32
C PRO E 115 15.89 -5.74 -8.66
N GLN E 116 15.51 -5.68 -9.94
CA GLN E 116 14.24 -5.05 -10.29
C GLN E 116 13.07 -5.89 -9.80
N ILE E 117 13.20 -7.21 -9.82
CA ILE E 117 12.16 -8.06 -9.26
C ILE E 117 12.01 -7.81 -7.76
N ASN E 118 13.13 -7.69 -7.06
CA ASN E 118 13.07 -7.39 -5.63
C ASN E 118 12.41 -6.05 -5.39
N LEU E 119 12.72 -5.04 -6.22
CA LEU E 119 12.13 -3.73 -6.04
C LEU E 119 10.63 -3.75 -6.28
N LEU E 120 10.20 -4.40 -7.36
CA LEU E 120 8.76 -4.53 -7.59
C LEU E 120 8.07 -5.28 -6.47
N TYR E 121 8.73 -6.31 -5.93
CA TYR E 121 8.12 -7.09 -4.85
C TYR E 121 7.95 -6.23 -3.60
N LYS E 122 8.98 -5.45 -3.26
CA LYS E 122 8.86 -4.56 -2.10
C LYS E 122 7.83 -3.46 -2.36
N ASN E 123 7.65 -3.07 -3.62
CA ASN E 123 6.62 -2.09 -3.94
C ASN E 123 5.22 -2.68 -3.82
N GLY E 124 5.12 -4.01 -3.82
CA GLY E 124 3.84 -4.66 -3.64
C GLY E 124 2.97 -4.63 -4.88
N SER E 125 3.52 -5.05 -6.01
CA SER E 125 2.78 -5.09 -7.26
C SER E 125 3.03 -6.36 -8.05
N ILE E 126 3.59 -7.40 -7.42
CA ILE E 126 3.97 -8.62 -8.12
C ILE E 126 3.44 -9.83 -7.37
N GLY E 127 2.89 -9.62 -6.19
CA GLY E 127 2.41 -10.71 -5.36
C GLY E 127 3.52 -11.23 -4.45
N GLU E 128 3.22 -12.37 -3.83
CA GLU E 128 4.17 -13.00 -2.90
C GLU E 128 4.72 -14.32 -3.40
N ASP E 129 3.89 -15.17 -4.01
CA ASP E 129 4.35 -16.48 -4.45
C ASP E 129 5.43 -16.37 -5.51
N TYR E 130 5.42 -15.30 -6.31
CA TYR E 130 6.42 -15.19 -7.36
C TYR E 130 7.81 -14.95 -6.79
N TRP E 131 7.91 -14.29 -5.64
CA TRP E 131 9.21 -14.12 -5.02
C TRP E 131 9.81 -15.47 -4.63
N LYS E 132 9.00 -16.35 -4.04
CA LYS E 132 9.47 -17.68 -3.68
C LYS E 132 9.79 -18.51 -4.91
N ARG E 133 8.96 -18.41 -5.95
CA ARG E 133 9.24 -19.12 -7.20
C ARG E 133 10.57 -18.68 -7.78
N PHE E 134 10.81 -17.37 -7.77
CA PHE E 134 12.08 -16.83 -8.24
C PHE E 134 13.25 -17.38 -7.42
N GLU E 135 13.12 -17.36 -6.09
CA GLU E 135 14.19 -17.85 -5.24
C GLU E 135 14.48 -19.32 -5.50
N THR E 136 13.44 -20.13 -5.70
CA THR E 136 13.65 -21.52 -6.05
C THR E 136 14.40 -21.66 -7.37
N GLU E 137 14.02 -20.87 -8.37
CA GLU E 137 14.69 -20.93 -9.67
C GLU E 137 16.17 -20.58 -9.55
N VAL E 138 16.50 -19.62 -8.65
CA VAL E 138 17.90 -19.20 -8.51
C VAL E 138 18.80 -20.40 -8.26
N LYS E 139 18.46 -21.24 -7.29
CA LYS E 139 19.28 -22.40 -6.97
C LYS E 139 19.02 -23.58 -7.90
N LEU E 140 17.83 -23.68 -8.49
CA LEU E 140 17.57 -24.79 -9.40
C LEU E 140 18.45 -24.67 -10.65
N ILE E 141 18.69 -23.43 -11.11
CA ILE E 141 19.58 -23.24 -12.24
C ILE E 141 20.98 -23.73 -11.92
N GLU E 142 21.47 -23.42 -10.72
CA GLU E 142 22.81 -23.85 -10.32
C GLU E 142 22.89 -25.36 -10.20
N LEU E 143 21.84 -25.98 -9.67
CA LEU E 143 21.82 -27.44 -9.59
C LEU E 143 21.89 -28.06 -10.98
N GLU E 144 21.10 -27.53 -11.92
CA GLU E 144 21.13 -28.05 -13.28
C GLU E 144 22.51 -27.88 -13.90
N PHE E 145 23.14 -26.73 -13.67
CA PHE E 145 24.46 -26.50 -14.26
C PHE E 145 25.50 -27.44 -13.65
N LYS E 146 25.41 -27.71 -12.35
CA LYS E 146 26.36 -28.63 -11.72
C LYS E 146 26.16 -30.05 -12.24
N ASP E 147 24.90 -30.46 -12.40
CA ASP E 147 24.64 -31.77 -12.99
C ASP E 147 25.21 -31.85 -14.40
N THR E 148 25.04 -30.79 -15.20
CA THR E 148 25.59 -30.78 -16.55
C THR E 148 27.10 -30.87 -16.52
N LEU E 149 27.75 -30.16 -15.60
CA LEU E 149 29.20 -30.19 -15.52
C LEU E 149 29.71 -31.58 -15.12
N GLN E 150 29.01 -32.24 -14.19
CA GLN E 150 29.39 -33.59 -13.82
C GLN E 150 29.22 -34.55 -14.98
N GLU E 151 28.13 -34.41 -15.73
CA GLU E 151 27.93 -35.25 -16.92
C GLU E 151 29.05 -35.01 -17.92
N ALA E 152 29.47 -33.77 -18.09
CA ALA E 152 30.57 -33.47 -18.99
C ALA E 152 31.85 -34.14 -18.52
N GLU E 153 32.17 -34.02 -17.23
CA GLU E 153 33.36 -34.68 -16.69
C GLU E 153 33.31 -36.18 -16.91
N ARG E 154 32.13 -36.78 -16.75
CA ARG E 154 31.99 -38.20 -17.02
C ARG E 154 32.22 -38.51 -18.50
N LEU E 155 31.80 -37.60 -19.39
CA LEU E 155 31.89 -37.88 -20.82
C LEU E 155 33.33 -37.85 -21.31
N GLN E 156 34.16 -36.95 -20.77
CA GLN E 156 35.56 -36.87 -21.15
C GLN E 156 36.40 -36.56 -19.92
N PRO E 157 37.48 -37.30 -19.71
CA PRO E 157 38.32 -37.08 -18.51
C PRO E 157 39.16 -35.82 -18.65
N GLY E 158 39.29 -35.10 -17.53
CA GLY E 158 40.06 -33.88 -17.49
C GLY E 158 39.58 -32.86 -18.51
N TRP E 159 38.27 -32.60 -18.51
CA TRP E 159 37.66 -31.79 -19.55
C TRP E 159 36.66 -30.82 -18.92
N VAL E 160 37.02 -30.26 -17.76
CA VAL E 160 36.13 -29.34 -17.05
C VAL E 160 36.76 -27.96 -16.96
N GLN E 161 38.09 -27.92 -16.87
CA GLN E 161 38.78 -26.64 -16.77
C GLN E 161 38.73 -25.85 -18.07
N LEU E 162 38.37 -26.50 -19.18
CA LEU E 162 38.23 -25.87 -20.48
C LEU E 162 36.77 -25.70 -20.88
N PHE E 163 35.91 -26.59 -20.38
CA PHE E 163 34.51 -26.58 -20.77
C PHE E 163 33.82 -25.30 -20.34
N VAL E 164 34.13 -24.79 -19.15
CA VAL E 164 33.45 -23.60 -18.66
C VAL E 164 33.75 -22.41 -19.56
N MET E 165 35.01 -22.27 -20.00
CA MET E 165 35.34 -21.16 -20.88
C MET E 165 34.73 -21.34 -22.27
N VAL E 166 34.77 -22.55 -22.81
CA VAL E 166 34.16 -22.78 -24.11
C VAL E 166 32.68 -22.42 -24.07
N CYS E 167 32.00 -22.77 -22.98
CA CYS E 167 30.60 -22.42 -22.84
C CYS E 167 30.40 -20.92 -22.70
N LYS E 168 31.23 -20.27 -21.87
CA LYS E 168 31.14 -18.83 -21.70
C LYS E 168 31.29 -18.10 -23.03
N GLU E 169 32.01 -18.70 -23.98
CA GLU E 169 32.14 -18.05 -25.28
C GLU E 169 30.98 -18.39 -26.21
N ILE E 170 30.55 -19.66 -26.27
CA ILE E 170 29.49 -20.00 -27.21
C ILE E 170 28.20 -19.29 -26.84
N CYS E 171 27.93 -19.08 -25.55
CA CYS E 171 26.72 -18.37 -25.16
C CYS E 171 26.64 -17.02 -25.85
N PHE E 172 27.62 -16.15 -25.60
CA PHE E 172 27.60 -14.82 -26.20
C PHE E 172 27.64 -14.88 -27.72
N ASN E 173 28.46 -15.77 -28.27
CA ASN E 173 28.62 -15.78 -29.72
C ASN E 173 27.31 -16.13 -30.41
N GLN E 174 26.61 -17.16 -29.95
CA GLN E 174 25.36 -17.49 -30.62
C GLN E 174 24.25 -16.50 -30.27
N ALA E 175 24.34 -15.81 -29.13
CA ALA E 175 23.40 -14.71 -28.89
C ALA E 175 23.54 -13.64 -29.97
N LEU E 176 24.78 -13.23 -30.25
CA LEU E 176 25.00 -12.27 -31.33
C LEU E 176 24.53 -12.83 -32.67
N SER E 177 24.78 -14.12 -32.92
CA SER E 177 24.37 -14.72 -34.19
C SER E 177 22.87 -14.61 -34.37
N ARG E 178 22.10 -14.91 -33.32
CA ARG E 178 20.64 -14.80 -33.44
C ARG E 178 20.21 -13.34 -33.63
N ARG E 179 20.81 -12.42 -32.88
CA ARG E 179 20.43 -11.02 -33.05
C ARG E 179 20.70 -10.54 -34.46
N TYR E 180 21.73 -11.08 -35.10
CA TYR E 180 22.01 -10.68 -36.48
C TYR E 180 21.10 -11.38 -37.47
N GLN E 181 20.74 -12.63 -37.20
CA GLN E 181 19.82 -13.33 -38.10
C GLN E 181 18.43 -12.74 -38.07
N SER E 182 18.06 -12.04 -37.00
CA SER E 182 16.69 -11.55 -36.87
C SER E 182 16.34 -10.45 -37.86
N ILE E 183 17.30 -9.83 -38.55
CA ILE E 183 16.95 -8.64 -39.34
C ILE E 183 16.21 -9.02 -40.61
N LEU E 184 16.47 -10.20 -41.18
CA LEU E 184 15.79 -10.55 -42.43
C LEU E 184 14.29 -10.65 -42.24
N LYS E 185 13.85 -11.06 -41.05
CA LYS E 185 12.43 -11.01 -40.74
C LYS E 185 12.02 -9.63 -40.27
N ARG E 186 12.84 -8.99 -39.44
CA ARG E 186 12.50 -7.67 -38.91
C ARG E 186 12.26 -6.64 -40.01
N LYS E 187 12.82 -6.85 -41.19
CA LYS E 187 12.77 -5.84 -42.23
C LYS E 187 11.34 -5.58 -42.73
N GLU E 188 10.53 -6.63 -42.89
CA GLU E 188 9.22 -6.45 -43.51
C GLU E 188 8.18 -5.85 -42.58
N VAL E 189 8.40 -5.93 -41.25
CA VAL E 189 7.48 -5.29 -40.32
C VAL E 189 7.46 -3.78 -40.56
N CYS E 190 8.62 -3.20 -40.82
CA CYS E 190 8.68 -1.77 -41.10
C CYS E 190 7.89 -1.42 -42.35
N ILE E 191 8.04 -2.22 -43.41
CA ILE E 191 7.30 -1.97 -44.64
C ILE E 191 5.80 -2.03 -44.38
N LYS E 192 5.36 -3.08 -43.68
CA LYS E 192 3.93 -3.25 -43.45
C LYS E 192 3.37 -2.15 -42.57
N GLU E 193 4.14 -1.68 -41.59
CA GLU E 193 3.62 -0.70 -40.66
C GLU E 193 3.73 0.73 -41.14
N TRP E 194 4.62 1.03 -42.09
CA TRP E 194 4.73 2.37 -42.63
C TRP E 194 4.20 2.50 -44.04
N GLU E 195 3.64 1.43 -44.62
CA GLU E 195 2.99 1.49 -45.92
C GLU E 195 3.94 1.95 -47.02
N LEU E 196 5.18 1.50 -46.96
CA LEU E 196 6.13 1.78 -48.03
C LEU E 196 5.83 0.95 -49.27
N LYS E 197 6.33 1.43 -50.41
CA LYS E 197 6.27 0.73 -51.68
C LYS E 197 7.68 0.76 -52.26
N ILE E 198 8.44 -0.30 -52.04
CA ILE E 198 9.84 -0.36 -52.43
C ILE E 198 9.95 -1.25 -53.67
N ASN E 199 10.50 -0.69 -54.74
CA ASN E 199 10.77 -1.45 -55.95
C ASN E 199 12.06 -2.25 -55.74
N ASN E 200 12.59 -2.83 -56.82
CA ASN E 200 13.86 -3.52 -56.70
C ASN E 200 14.99 -2.53 -56.41
N ASP E 201 16.16 -3.08 -56.08
CA ASP E 201 17.33 -2.33 -55.66
C ASP E 201 17.11 -1.54 -54.38
N GLY E 202 16.04 -1.82 -53.64
CA GLY E 202 15.83 -1.19 -52.35
C GLY E 202 15.56 0.29 -52.37
N ARG E 203 15.36 0.89 -53.54
CA ARG E 203 15.08 2.31 -53.61
C ARG E 203 13.59 2.58 -53.42
N LEU E 204 13.26 3.83 -53.12
CA LEU E 204 11.89 4.24 -52.88
C LEU E 204 11.23 4.69 -54.17
N VAL E 205 10.02 4.21 -54.42
CA VAL E 205 9.24 4.65 -55.57
C VAL E 205 7.93 5.21 -55.02
N ASN E 206 7.95 5.61 -53.75
CA ASN E 206 6.80 6.21 -53.07
C ASN E 206 5.61 5.25 -53.07
N THR F 3 9.02 -36.30 -32.58
CA THR F 3 10.22 -37.09 -32.85
C THR F 3 11.18 -36.34 -33.76
N LEU F 4 12.32 -36.95 -34.06
CA LEU F 4 13.34 -36.30 -34.87
C LEU F 4 14.35 -37.32 -35.37
N GLU F 5 14.60 -37.32 -36.68
CA GLU F 5 15.41 -38.35 -37.31
C GLU F 5 16.88 -37.95 -37.36
N TYR F 6 17.74 -38.93 -37.14
CA TYR F 6 19.19 -38.75 -37.21
C TYR F 6 19.67 -39.18 -38.60
N ASN F 7 20.21 -38.23 -39.35
CA ASN F 7 20.68 -38.52 -40.70
C ASN F 7 21.78 -39.57 -40.66
N ALA F 8 22.06 -40.14 -41.84
CA ALA F 8 23.03 -41.22 -41.95
C ALA F 8 24.44 -40.70 -42.22
N ASN F 9 24.62 -39.99 -43.33
CA ASN F 9 25.95 -39.57 -43.76
C ASN F 9 26.27 -38.14 -43.38
N SER F 10 25.26 -37.27 -43.25
CA SER F 10 25.50 -35.87 -42.93
C SER F 10 25.73 -35.63 -41.45
N LYS F 11 25.22 -36.50 -40.58
CA LYS F 11 25.40 -36.40 -39.14
C LYS F 11 24.79 -35.12 -38.57
N LEU F 12 23.78 -34.57 -39.24
CA LEU F 12 23.02 -33.45 -38.72
C LEU F 12 21.63 -33.93 -38.33
N ILE F 13 21.15 -33.47 -37.17
CA ILE F 13 19.85 -33.86 -36.65
C ILE F 13 18.77 -33.09 -37.41
N THR F 14 17.76 -33.82 -37.89
CA THR F 14 16.66 -33.24 -38.63
C THR F 14 15.34 -33.52 -37.92
N ALA F 15 14.48 -32.52 -37.85
CA ALA F 15 13.17 -32.68 -37.23
C ALA F 15 12.17 -33.19 -38.26
N SER F 16 11.49 -34.30 -37.94
CA SER F 16 10.57 -34.92 -38.86
C SER F 16 9.11 -34.59 -38.58
N ASP F 17 8.81 -33.95 -37.44
CA ASP F 17 7.43 -33.66 -37.10
C ASP F 17 6.85 -32.63 -38.07
N ALA F 18 5.52 -32.51 -38.03
CA ALA F 18 4.81 -31.63 -38.96
C ALA F 18 4.85 -30.18 -38.53
N VAL F 19 4.53 -29.89 -37.27
CA VAL F 19 4.51 -28.53 -36.75
C VAL F 19 5.42 -28.47 -35.53
N VAL F 20 6.26 -27.43 -35.48
CA VAL F 20 7.17 -27.19 -34.37
C VAL F 20 7.22 -25.71 -34.08
N ALA F 21 7.44 -25.34 -32.83
CA ALA F 21 7.58 -23.94 -32.47
C ALA F 21 8.93 -23.42 -32.94
N LEU F 22 9.18 -22.13 -32.70
CA LEU F 22 10.42 -21.53 -33.18
C LEU F 22 11.60 -21.88 -32.29
N SER F 23 11.36 -22.04 -30.99
CA SER F 23 12.46 -22.32 -30.07
C SER F 23 13.16 -23.63 -30.42
N THR F 24 12.37 -24.69 -30.64
CA THR F 24 12.96 -25.98 -30.97
C THR F 24 13.71 -25.91 -32.29
N GLU F 25 13.16 -25.18 -33.27
CA GLU F 25 13.84 -25.05 -34.55
C GLU F 25 15.18 -24.35 -34.39
N THR F 26 15.21 -23.26 -33.62
CA THR F 26 16.46 -22.55 -33.41
C THR F 26 17.49 -23.43 -32.71
N ASN F 27 17.07 -24.16 -31.67
CA ASN F 27 18.02 -25.02 -30.96
C ASN F 27 18.51 -26.14 -31.85
N ILE F 28 17.64 -26.67 -32.71
CA ILE F 28 18.06 -27.74 -33.61
C ILE F 28 19.08 -27.22 -34.62
N ASP F 29 18.86 -26.01 -35.14
CA ASP F 29 19.83 -25.44 -36.07
C ASP F 29 21.16 -25.17 -35.38
N GLN F 30 21.12 -24.71 -34.13
CA GLN F 30 22.35 -24.46 -33.40
C GLN F 30 23.11 -25.76 -33.16
N ILE F 31 22.41 -26.83 -32.81
CA ILE F 31 23.08 -28.12 -32.64
C ILE F 31 23.64 -28.61 -33.96
N ASN F 32 22.92 -28.37 -35.06
CA ASN F 32 23.44 -28.72 -36.38
C ASN F 32 24.77 -28.03 -36.66
N VAL F 33 24.84 -26.72 -36.44
CA VAL F 33 26.06 -26.00 -36.76
C VAL F 33 27.18 -26.40 -35.80
N LEU F 34 26.84 -26.67 -34.54
CA LEU F 34 27.84 -27.12 -33.58
C LEU F 34 28.47 -28.44 -34.02
N THR F 35 27.64 -29.42 -34.37
CA THR F 35 28.19 -30.73 -34.73
C THR F 35 28.90 -30.64 -36.08
N THR F 36 28.43 -29.80 -37.00
CA THR F 36 29.13 -29.62 -38.25
C THR F 36 30.50 -28.99 -38.05
N SER F 37 30.64 -28.12 -37.05
CA SER F 37 31.95 -27.58 -36.73
C SER F 37 32.83 -28.63 -36.06
N LEU F 38 32.24 -29.46 -35.19
CA LEU F 38 33.03 -30.48 -34.51
C LEU F 38 33.56 -31.54 -35.48
N ILE F 39 32.78 -31.87 -36.52
CA ILE F 39 33.28 -32.79 -37.54
C ILE F 39 34.50 -32.19 -38.24
N GLY F 40 34.48 -30.88 -38.48
CA GLY F 40 35.60 -30.25 -39.17
C GLY F 40 36.83 -30.14 -38.29
N GLU F 41 36.67 -29.69 -37.06
CA GLU F 41 37.80 -29.52 -36.14
C GLU F 41 38.21 -30.88 -35.60
N THR F 42 39.44 -31.30 -35.88
CA THR F 42 39.88 -32.65 -35.54
C THR F 42 40.56 -32.74 -34.18
N ASN F 43 41.06 -31.63 -33.65
CA ASN F 43 41.78 -31.68 -32.38
C ASN F 43 40.83 -32.01 -31.24
N PRO F 44 41.22 -32.89 -30.32
CA PRO F 44 40.33 -33.18 -29.18
C PRO F 44 40.22 -32.04 -28.19
N ASN F 45 41.34 -31.40 -27.85
CA ASN F 45 41.33 -30.29 -26.89
C ASN F 45 41.43 -28.97 -27.66
N PHE F 46 40.27 -28.47 -28.07
CA PHE F 46 40.19 -27.23 -28.82
C PHE F 46 40.41 -26.03 -27.91
N THR F 47 40.97 -24.97 -28.47
CA THR F 47 41.22 -23.74 -27.75
C THR F 47 40.49 -22.57 -28.41
N PRO F 48 40.09 -21.55 -27.65
CA PRO F 48 39.40 -20.40 -28.24
C PRO F 48 40.26 -19.58 -29.19
N GLN F 49 41.49 -20.01 -29.45
CA GLN F 49 42.36 -19.28 -30.35
C GLN F 49 41.75 -19.26 -31.75
N PRO F 50 41.66 -18.10 -32.39
CA PRO F 50 40.97 -18.00 -33.68
C PRO F 50 41.71 -18.76 -34.77
N ASN F 51 41.00 -18.97 -35.87
CA ASN F 51 41.56 -19.61 -37.05
C ASN F 51 42.38 -18.60 -37.85
N GLU F 52 43.16 -19.12 -38.80
CA GLU F 52 44.05 -18.30 -39.61
C GLU F 52 43.64 -18.24 -41.07
N ALA F 53 43.51 -19.39 -41.74
CA ALA F 53 43.16 -19.39 -43.15
C ALA F 53 41.79 -18.78 -43.39
N LEU F 54 40.86 -18.99 -42.45
CA LEU F 54 39.54 -18.37 -42.56
C LEU F 54 39.63 -16.86 -42.56
N SER F 55 40.37 -16.30 -41.60
CA SER F 55 40.59 -14.86 -41.57
C SER F 55 41.30 -14.39 -42.83
N LYS F 56 42.18 -15.24 -43.38
CA LYS F 56 42.91 -14.86 -44.59
C LYS F 56 41.97 -14.72 -45.77
N MET F 57 41.11 -15.71 -46.00
CA MET F 57 40.18 -15.62 -47.12
C MET F 57 39.16 -14.51 -46.90
N ILE F 58 38.76 -14.29 -45.64
CA ILE F 58 37.84 -13.19 -45.36
C ILE F 58 38.47 -11.85 -45.75
N LYS F 59 39.71 -11.63 -45.31
CA LYS F 59 40.40 -10.39 -45.65
C LYS F 59 40.60 -10.27 -47.16
N GLY F 60 40.88 -11.40 -47.82
CA GLY F 60 41.03 -11.36 -49.27
C GLY F 60 39.76 -10.91 -49.96
N LEU F 61 38.63 -11.48 -49.59
CA LEU F 61 37.36 -11.04 -50.17
C LEU F 61 37.07 -9.59 -49.85
N PHE F 62 37.37 -9.16 -48.63
CA PHE F 62 37.08 -7.78 -48.25
C PHE F 62 37.93 -6.81 -49.07
N GLU F 63 39.20 -7.14 -49.29
CA GLU F 63 40.05 -6.26 -50.09
C GLU F 63 39.63 -6.27 -51.55
N SER F 64 39.27 -7.45 -52.08
CA SER F 64 38.78 -7.50 -53.46
C SER F 64 37.51 -6.69 -53.63
N GLY F 65 36.67 -6.63 -52.60
CA GLY F 65 35.49 -5.80 -52.69
C GLY F 65 35.81 -4.31 -52.58
N MET F 66 36.69 -3.95 -51.65
CA MET F 66 37.03 -2.55 -51.47
C MET F 66 37.76 -1.98 -52.67
N LYS F 67 38.50 -2.81 -53.41
CA LYS F 67 39.22 -2.33 -54.58
C LYS F 67 38.28 -1.79 -55.66
N ASN F 68 37.03 -2.26 -55.68
CA ASN F 68 36.09 -1.80 -56.70
C ASN F 68 35.76 -0.32 -56.56
N LEU F 69 35.87 0.23 -55.35
CA LEU F 69 35.61 1.66 -55.16
C LEU F 69 36.64 2.51 -55.90
N GLN F 70 37.91 2.09 -55.84
CA GLN F 70 38.94 2.79 -56.61
C GLN F 70 38.68 2.69 -58.09
N GLN F 71 38.12 1.57 -58.54
CA GLN F 71 37.67 1.41 -59.92
C GLN F 71 36.30 2.04 -60.14
N LYS F 72 35.71 2.63 -59.10
CA LYS F 72 34.44 3.33 -59.18
C LYS F 72 33.30 2.41 -59.61
N LYS F 73 33.37 1.14 -59.22
CA LYS F 73 32.31 0.18 -59.48
C LYS F 73 31.47 0.08 -58.21
N LEU F 74 30.31 0.74 -58.22
CA LEU F 74 29.48 0.87 -57.03
C LEU F 74 28.43 -0.23 -56.92
N ASN F 75 28.36 -1.15 -57.87
CA ASN F 75 27.35 -2.19 -57.83
C ASN F 75 27.90 -3.52 -57.32
N GLU F 76 29.09 -3.93 -57.78
CA GLU F 76 29.64 -5.21 -57.38
C GLU F 76 30.39 -5.15 -56.05
N ALA F 77 30.83 -3.96 -55.63
CA ALA F 77 31.52 -3.84 -54.35
C ALA F 77 30.59 -4.22 -53.21
N LEU F 78 29.32 -3.84 -53.30
CA LEU F 78 28.36 -4.21 -52.26
C LEU F 78 28.16 -5.71 -52.23
N LYS F 79 28.06 -6.35 -53.40
CA LYS F 79 27.96 -7.80 -53.44
C LYS F 79 29.17 -8.47 -52.81
N ASN F 80 30.37 -7.94 -53.10
CA ASN F 80 31.59 -8.55 -52.56
C ASN F 80 31.65 -8.41 -51.05
N VAL F 81 31.36 -7.22 -50.53
CA VAL F 81 31.38 -7.04 -49.07
C VAL F 81 30.30 -7.88 -48.41
N SER F 82 29.14 -8.03 -49.06
CA SER F 82 28.10 -8.88 -48.51
C SER F 82 28.53 -10.34 -48.47
N LEU F 83 29.21 -10.79 -49.52
CA LEU F 83 29.71 -12.16 -49.51
C LEU F 83 30.75 -12.37 -48.43
N ALA F 84 31.63 -11.39 -48.23
CA ALA F 84 32.62 -11.49 -47.17
C ALA F 84 31.97 -11.56 -45.80
N ILE F 85 30.94 -10.72 -45.57
CA ILE F 85 30.25 -10.75 -44.29
C ILE F 85 29.53 -12.08 -44.10
N GLU F 86 28.90 -12.59 -45.16
CA GLU F 86 28.20 -13.87 -45.05
C GLU F 86 29.17 -14.99 -44.74
N MET F 87 30.35 -14.99 -45.35
CA MET F 87 31.33 -16.02 -45.06
C MET F 87 31.83 -15.90 -43.62
N ALA F 88 32.14 -14.69 -43.17
CA ALA F 88 32.62 -14.51 -41.80
C ALA F 88 31.52 -14.77 -40.78
N GLN F 89 30.27 -14.81 -41.22
CA GLN F 89 29.17 -15.12 -40.31
C GLN F 89 28.84 -16.60 -40.33
N ARG F 90 29.09 -17.29 -41.44
CA ARG F 90 28.71 -18.70 -41.57
C ARG F 90 29.86 -19.63 -41.18
N LYS F 91 31.02 -19.47 -41.79
CA LYS F 91 32.09 -20.46 -41.71
C LYS F 91 33.02 -20.23 -40.52
N ARG F 92 32.56 -19.58 -39.46
CA ARG F 92 33.33 -19.42 -38.25
C ARG F 92 32.57 -20.07 -37.11
N ALA F 93 33.16 -21.09 -36.50
CA ALA F 93 32.50 -21.84 -35.45
C ALA F 93 32.19 -20.94 -34.26
N PRO F 94 31.14 -21.23 -33.49
CA PRO F 94 30.73 -20.31 -32.43
C PRO F 94 31.71 -20.22 -31.27
N TRP F 95 32.46 -21.28 -30.96
CA TRP F 95 33.32 -21.20 -29.79
C TRP F 95 34.55 -20.34 -30.01
N GLU F 96 34.75 -19.78 -31.20
CA GLU F 96 35.89 -18.90 -31.43
C GLU F 96 35.73 -17.63 -30.60
N ALA F 97 36.84 -16.91 -30.45
CA ALA F 97 36.88 -15.79 -29.53
C ALA F 97 35.80 -14.77 -29.85
N PHE F 98 35.21 -14.20 -28.79
CA PHE F 98 34.19 -13.18 -28.98
C PHE F 98 34.81 -11.85 -29.36
N ALA F 99 35.86 -11.44 -28.65
CA ALA F 99 36.49 -10.15 -28.86
C ALA F 99 37.24 -10.05 -30.17
N ILE F 100 37.28 -11.10 -30.97
CA ILE F 100 37.86 -11.04 -32.31
C ILE F 100 36.84 -11.35 -33.40
N GLN F 101 35.69 -11.91 -33.06
CA GLN F 101 34.62 -12.06 -34.03
C GLN F 101 33.67 -10.87 -34.04
N LEU F 102 33.58 -10.14 -32.94
CA LEU F 102 32.72 -8.96 -32.88
C LEU F 102 33.32 -7.78 -33.65
N PRO F 103 34.54 -7.32 -33.34
CA PRO F 103 35.04 -6.12 -34.00
C PRO F 103 35.24 -6.28 -35.51
N GLU F 104 35.61 -7.46 -35.97
CA GLU F 104 35.73 -7.66 -37.42
C GLU F 104 34.39 -7.48 -38.11
N LEU F 105 33.34 -8.09 -37.57
CA LEU F 105 32.00 -7.89 -38.11
C LEU F 105 31.60 -6.42 -38.08
N HIS F 106 31.84 -5.74 -36.95
CA HIS F 106 31.48 -4.34 -36.85
C HIS F 106 32.19 -3.51 -37.92
N PHE F 107 33.50 -3.73 -38.07
CA PHE F 107 34.26 -2.94 -39.02
C PHE F 107 33.81 -3.19 -40.46
N MET F 108 33.58 -4.45 -40.84
CA MET F 108 33.15 -4.70 -42.20
C MET F 108 31.75 -4.14 -42.45
N LEU F 109 30.85 -4.28 -41.46
CA LEU F 109 29.51 -3.74 -41.61
C LEU F 109 29.54 -2.22 -41.70
N ARG F 110 30.54 -1.57 -41.13
CA ARG F 110 30.62 -0.11 -41.26
C ARG F 110 30.83 0.30 -42.71
N SER F 111 31.83 -0.28 -43.37
CA SER F 111 32.05 0.02 -44.78
C SER F 111 30.85 -0.37 -45.62
N LYS F 112 30.20 -1.49 -45.28
CA LYS F 112 28.99 -1.87 -46.02
C LYS F 112 27.90 -0.81 -45.86
N ILE F 113 27.74 -0.28 -44.64
CA ILE F 113 26.73 0.74 -44.40
C ILE F 113 27.01 1.98 -45.22
N ASP F 114 28.27 2.43 -45.22
CA ASP F 114 28.62 3.63 -45.99
C ASP F 114 28.36 3.43 -47.47
N LEU F 115 28.80 2.29 -48.01
CA LEU F 115 28.61 2.03 -49.44
C LEU F 115 27.13 1.94 -49.79
N CYS F 116 26.34 1.26 -48.95
CA CYS F 116 24.92 1.12 -49.23
C CYS F 116 24.20 2.45 -49.12
N LEU F 117 24.64 3.32 -48.21
CA LEU F 117 24.01 4.63 -48.08
C LEU F 117 24.32 5.52 -49.27
N ILE F 118 25.54 5.43 -49.80
CA ILE F 118 25.89 6.25 -50.96
C ILE F 118 25.23 5.69 -52.23
N LEU F 119 25.09 4.37 -52.32
CA LEU F 119 24.57 3.77 -53.54
C LEU F 119 23.13 4.17 -53.79
N GLY F 120 22.27 4.04 -52.79
CA GLY F 120 20.88 4.42 -52.95
C GLY F 120 19.89 3.51 -52.26
N LYS F 121 20.35 2.38 -51.73
CA LYS F 121 19.52 1.50 -50.93
C LYS F 121 19.45 2.07 -49.52
N HIS F 122 18.24 2.18 -48.99
CA HIS F 122 18.03 2.89 -47.73
C HIS F 122 17.49 2.03 -46.60
N LEU F 123 16.44 1.24 -46.84
CA LEU F 123 15.88 0.44 -45.75
C LEU F 123 16.89 -0.54 -45.20
N GLU F 124 17.66 -1.18 -46.10
CA GLU F 124 18.70 -2.12 -45.67
C GLU F 124 19.76 -1.41 -44.83
N ALA F 125 20.17 -0.21 -45.25
CA ALA F 125 21.16 0.54 -44.50
C ALA F 125 20.63 0.90 -43.12
N LEU F 126 19.38 1.34 -43.03
CA LEU F 126 18.82 1.70 -41.72
C LEU F 126 18.74 0.47 -40.81
N GLN F 127 18.36 -0.68 -41.36
CA GLN F 127 18.27 -1.87 -40.52
C GLN F 127 19.65 -2.31 -40.03
N ASP F 128 20.65 -2.28 -40.91
CA ASP F 128 22.00 -2.58 -40.48
C ASP F 128 22.46 -1.61 -39.39
N LEU F 129 22.13 -0.34 -39.54
CA LEU F 129 22.52 0.65 -38.55
C LEU F 129 21.86 0.38 -37.21
N ASP F 130 20.59 -0.04 -37.23
CA ASP F 130 19.93 -0.33 -35.96
C ASP F 130 20.54 -1.56 -35.30
N PHE F 131 20.94 -2.56 -36.08
CA PHE F 131 21.64 -3.70 -35.49
C PHE F 131 22.97 -3.27 -34.86
N LEU F 132 23.74 -2.48 -35.60
CA LEU F 132 25.04 -2.05 -35.13
C LEU F 132 24.91 -1.21 -33.87
N LEU F 133 23.85 -0.42 -33.77
CA LEU F 133 23.63 0.39 -32.57
C LEU F 133 23.06 -0.43 -31.43
N GLY F 134 22.36 -1.53 -31.74
CA GLY F 134 21.88 -2.39 -30.68
C GLY F 134 22.94 -3.25 -30.07
N THR F 135 23.97 -3.61 -30.84
CA THR F 135 25.06 -4.42 -30.31
C THR F 135 25.89 -3.69 -29.25
N GLY F 136 25.83 -2.36 -29.20
CA GLY F 136 26.55 -1.64 -28.17
C GLY F 136 27.61 -0.67 -28.64
N LEU F 137 27.39 -0.03 -29.79
CA LEU F 137 28.32 0.99 -30.30
C LEU F 137 27.53 2.27 -30.52
N ILE F 138 27.71 3.24 -29.63
CA ILE F 138 26.96 4.49 -29.63
C ILE F 138 27.94 5.64 -29.83
N GLN F 139 27.99 6.17 -31.04
CA GLN F 139 28.91 7.24 -31.40
C GLN F 139 28.26 8.13 -32.45
N PRO F 140 28.63 9.41 -32.51
CA PRO F 140 28.09 10.30 -33.56
C PRO F 140 28.46 9.88 -34.97
N ASP F 141 29.23 8.81 -35.17
CA ASP F 141 29.42 8.26 -36.50
C ASP F 141 28.29 7.32 -36.90
N VAL F 142 27.30 7.14 -36.03
CA VAL F 142 26.16 6.28 -36.30
C VAL F 142 24.86 7.06 -36.34
N PHE F 143 24.68 7.97 -35.39
CA PHE F 143 23.43 8.71 -35.27
C PHE F 143 23.17 9.59 -36.48
N VAL F 144 24.21 10.23 -37.02
CA VAL F 144 24.00 11.11 -38.17
C VAL F 144 23.52 10.30 -39.38
N ARG F 145 24.16 9.16 -39.63
CA ARG F 145 23.72 8.32 -40.74
C ARG F 145 22.32 7.77 -40.52
N LYS F 146 21.99 7.38 -39.28
CA LYS F 146 20.66 6.86 -39.01
C LYS F 146 19.60 7.92 -39.23
N ALA F 147 19.84 9.14 -38.73
CA ALA F 147 18.87 10.22 -38.95
C ALA F 147 18.76 10.57 -40.42
N ASP F 148 19.87 10.49 -41.15
CA ASP F 148 19.82 10.72 -42.60
C ASP F 148 18.92 9.70 -43.28
N CYS F 149 19.08 8.42 -42.95
CA CYS F 149 18.23 7.39 -43.55
C CYS F 149 16.77 7.60 -43.15
N LEU F 150 16.54 7.99 -41.90
CA LEU F 150 15.17 8.21 -41.44
C LEU F 150 14.49 9.33 -42.24
N LEU F 151 15.18 10.44 -42.42
CA LEU F 151 14.60 11.52 -43.22
C LEU F 151 14.50 11.11 -44.69
N LYS F 152 15.39 10.22 -45.14
CA LYS F 152 15.32 9.76 -46.53
C LYS F 152 14.06 8.95 -46.79
N LEU F 153 13.76 7.98 -45.93
CA LEU F 153 12.55 7.18 -46.10
C LEU F 153 11.38 7.72 -45.29
N ARG F 154 11.42 9.01 -44.95
CA ARG F 154 10.25 9.75 -44.49
C ARG F 154 9.64 9.14 -43.22
N GLN F 155 10.40 9.27 -42.13
CA GLN F 155 9.88 9.11 -40.78
C GLN F 155 10.42 10.27 -39.95
N TRP F 156 9.55 11.22 -39.62
CA TRP F 156 10.01 12.49 -39.07
C TRP F 156 10.15 12.49 -37.55
N GLU F 157 9.15 11.96 -36.82
CA GLU F 157 9.21 12.00 -35.37
C GLU F 157 10.41 11.22 -34.83
N GLU F 158 10.64 10.01 -35.35
CA GLU F 158 11.82 9.27 -34.94
C GLU F 158 13.10 9.96 -35.38
N ALA F 159 13.04 10.71 -36.49
CA ALA F 159 14.21 11.47 -36.92
C ALA F 159 14.58 12.52 -35.88
N ARG F 160 13.59 13.29 -35.41
CA ARG F 160 13.87 14.26 -34.36
C ARG F 160 14.36 13.58 -33.10
N ALA F 161 13.75 12.44 -32.74
CA ALA F 161 14.17 11.75 -31.53
C ALA F 161 15.64 11.32 -31.60
N THR F 162 16.03 10.72 -32.73
CA THR F 162 17.42 10.27 -32.87
C THR F 162 18.38 11.46 -32.94
N CYS F 163 18.02 12.53 -33.65
CA CYS F 163 18.89 13.70 -33.69
C CYS F 163 19.10 14.27 -32.30
N GLU F 164 18.05 14.31 -31.48
CA GLU F 164 18.22 14.87 -30.14
C GLU F 164 19.04 13.93 -29.26
N ARG F 165 18.83 12.62 -29.38
CA ARG F 165 19.66 11.69 -28.62
C ARG F 165 21.12 11.83 -29.02
N GLY F 166 21.39 12.07 -30.31
CA GLY F 166 22.76 12.25 -30.74
C GLY F 166 23.37 13.53 -30.19
N LEU F 167 22.67 14.65 -30.36
CA LEU F 167 23.18 15.93 -29.85
C LEU F 167 23.34 15.93 -28.33
N ALA F 168 22.62 15.06 -27.62
CA ALA F 168 22.85 14.92 -26.19
C ALA F 168 23.99 13.98 -25.84
N LEU F 169 24.82 13.61 -26.81
CA LEU F 169 26.01 12.81 -26.54
C LEU F 169 27.28 13.38 -27.14
N ALA F 170 27.17 14.40 -28.00
CA ALA F 170 28.32 15.13 -28.51
C ALA F 170 27.87 16.56 -28.78
N PRO F 171 27.60 17.34 -27.74
CA PRO F 171 26.94 18.63 -27.93
C PRO F 171 27.70 19.62 -28.79
N GLU F 172 29.00 19.40 -29.01
CA GLU F 172 29.79 20.32 -29.83
C GLU F 172 29.79 19.96 -31.30
N ASP F 173 28.96 18.99 -31.71
CA ASP F 173 28.94 18.57 -33.10
C ASP F 173 28.43 19.69 -33.99
N MET F 174 28.76 19.60 -35.28
CA MET F 174 28.39 20.62 -36.25
C MET F 174 27.33 20.17 -37.24
N LYS F 175 27.23 18.87 -37.54
CA LYS F 175 26.25 18.37 -38.48
C LYS F 175 24.96 17.91 -37.79
N LEU F 176 25.05 17.46 -36.54
CA LEU F 176 23.83 17.08 -35.83
C LEU F 176 22.90 18.27 -35.66
N ARG F 177 23.45 19.47 -35.45
CA ARG F 177 22.59 20.64 -35.33
C ARG F 177 21.93 21.00 -36.65
N ALA F 178 22.67 20.85 -37.76
CA ALA F 178 22.06 21.09 -39.07
C ALA F 178 20.94 20.10 -39.33
N LEU F 179 21.15 18.82 -39.00
CA LEU F 179 20.10 17.82 -39.17
C LEU F 179 18.91 18.13 -38.27
N LEU F 180 19.17 18.61 -37.05
CA LEU F 180 18.08 18.99 -36.17
C LEU F 180 17.25 20.11 -36.76
N ILE F 181 17.91 21.14 -37.31
CA ILE F 181 17.18 22.25 -37.92
C ILE F 181 16.37 21.77 -39.11
N GLU F 182 16.97 20.91 -39.95
CA GLU F 182 16.27 20.42 -41.13
C GLU F 182 15.06 19.57 -40.75
N THR F 183 15.21 18.70 -39.75
CA THR F 183 14.06 17.88 -39.34
C THR F 183 13.01 18.74 -38.66
N ALA F 184 13.41 19.82 -37.99
CA ALA F 184 12.44 20.74 -37.41
C ALA F 184 11.61 21.40 -38.50
N ARG F 185 12.27 21.87 -39.56
CA ARG F 185 11.52 22.48 -40.66
C ARG F 185 10.60 21.46 -41.34
N ASN F 186 11.12 20.26 -41.60
CA ASN F 186 10.29 19.23 -42.22
C ASN F 186 9.07 18.90 -41.36
N LEU F 187 9.25 18.78 -40.06
CA LEU F 187 8.12 18.41 -39.21
C LEU F 187 7.13 19.57 -39.07
N ALA F 188 7.62 20.81 -39.04
CA ALA F 188 6.71 21.94 -39.02
C ALA F 188 5.91 22.03 -40.31
N GLU F 189 6.49 21.57 -41.43
CA GLU F 189 5.71 21.44 -42.66
C GLU F 189 4.73 20.28 -42.58
N TYR F 190 5.14 19.18 -41.94
CA TYR F 190 4.29 18.01 -41.80
C TYR F 190 3.03 18.30 -41.00
N ASN F 191 3.15 19.14 -39.96
CA ASN F 191 1.99 19.53 -39.17
C ASN F 191 1.33 20.81 -39.71
N GLY F 192 2.11 21.87 -39.87
CA GLY F 192 1.56 23.14 -40.33
C GLY F 192 1.79 23.39 -41.80
N UNK G 1 27.11 -28.78 28.00
CA UNK G 1 26.40 -29.68 27.09
C UNK G 1 24.92 -29.35 27.06
N UNK G 2 24.20 -29.92 26.07
CA UNK G 2 22.77 -29.68 25.96
C UNK G 2 22.01 -30.25 27.15
N UNK G 3 22.49 -31.36 27.72
CA UNK G 3 21.84 -31.93 28.89
C UNK G 3 21.92 -31.00 30.08
N UNK G 4 23.06 -30.32 30.26
CA UNK G 4 23.19 -29.37 31.35
C UNK G 4 22.23 -28.20 31.19
N UNK G 5 22.12 -27.67 29.97
CA UNK G 5 21.19 -26.57 29.72
C UNK G 5 19.75 -27.00 29.94
N UNK G 6 19.39 -28.21 29.50
CA UNK G 6 18.04 -28.71 29.71
C UNK G 6 17.73 -28.89 31.19
N UNK G 7 18.70 -29.42 31.95
CA UNK G 7 18.50 -29.59 33.38
C UNK G 7 18.37 -28.25 34.08
N UNK G 8 19.16 -27.25 33.65
CA UNK G 8 19.05 -25.92 34.24
C UNK G 8 17.70 -25.30 33.94
N UNK G 9 17.22 -25.47 32.71
CA UNK G 9 15.91 -24.94 32.35
C UNK G 9 14.81 -25.62 33.17
N UNK G 10 14.91 -26.94 33.36
CA UNK G 10 13.92 -27.65 34.15
C UNK G 10 13.95 -27.20 35.60
N UNK G 11 15.14 -26.99 36.16
CA UNK G 11 15.26 -26.52 37.54
C UNK G 11 14.68 -25.12 37.69
N UNK G 12 14.95 -24.24 36.72
CA UNK G 12 14.37 -22.90 36.77
C UNK G 12 12.85 -22.94 36.66
N UNK G 13 12.33 -23.81 35.80
CA UNK G 13 10.88 -23.94 35.68
C UNK G 13 10.26 -24.45 36.98
N UNK G 14 10.90 -25.44 37.61
CA UNK G 14 10.39 -25.96 38.88
C UNK G 14 10.43 -24.89 39.97
N UNK G 15 11.52 -24.11 40.01
CA UNK G 15 11.62 -23.04 41.00
C UNK G 15 10.56 -21.98 40.78
N UNK G 16 10.31 -21.61 39.52
CA UNK G 16 9.27 -20.62 39.23
C UNK G 16 7.88 -21.15 39.59
N UNK G 17 7.63 -22.43 39.31
CA UNK G 17 6.33 -23.01 39.65
C UNK G 17 6.15 -23.08 41.16
N UNK G 18 7.22 -23.36 41.90
CA UNK G 18 7.12 -23.37 43.36
C UNK G 18 6.92 -21.97 43.91
N UNK G 19 7.56 -20.97 43.29
CA UNK G 19 7.37 -19.59 43.70
C UNK G 19 5.96 -19.09 43.36
N UNK G 20 5.33 -19.68 42.34
CA UNK G 20 3.97 -19.30 42.00
C UNK G 20 2.96 -19.80 43.03
N UNK G 21 3.34 -20.81 43.81
CA UNK G 21 2.43 -21.37 44.80
C UNK G 21 2.21 -20.40 45.95
N UNK G 22 1.03 -20.47 46.56
CA UNK G 22 0.68 -19.61 47.68
C UNK G 22 0.61 -20.36 49.01
N UNK G 23 0.98 -21.65 49.02
CA UNK G 23 0.92 -22.47 50.22
C UNK G 23 2.33 -22.88 50.62
N UNK G 24 2.74 -22.52 51.84
CA UNK G 24 4.05 -22.87 52.34
C UNK G 24 4.04 -22.80 53.87
N UNK G 25 4.89 -23.62 54.49
CA UNK G 25 4.96 -23.64 55.94
C UNK G 25 5.81 -22.50 56.49
N UNK G 26 6.78 -22.02 55.73
CA UNK G 26 7.66 -20.94 56.14
C UNK G 26 7.07 -19.57 55.90
N UNK G 27 5.74 -19.47 55.78
CA UNK G 27 5.10 -18.19 55.49
C UNK G 27 5.40 -17.16 56.58
N UNK G 28 5.60 -17.62 57.82
CA UNK G 28 5.89 -16.69 58.90
C UNK G 28 7.23 -15.99 58.70
N UNK G 29 8.26 -16.74 58.32
CA UNK G 29 9.56 -16.13 58.07
C UNK G 29 9.51 -15.17 56.89
N UNK G 30 8.76 -15.52 55.85
CA UNK G 30 8.62 -14.64 54.70
C UNK G 30 7.91 -13.35 55.09
N UNK G 31 6.85 -13.45 55.91
CA UNK G 31 6.14 -12.26 56.35
C UNK G 31 7.03 -11.39 57.22
N UNK G 32 7.84 -12.00 58.10
CA UNK G 32 8.75 -11.23 58.93
C UNK G 32 9.81 -10.52 58.10
N UNK G 33 10.36 -11.21 57.10
CA UNK G 33 11.37 -10.58 56.24
C UNK G 33 10.75 -9.46 55.42
N UNK G 34 9.53 -9.64 54.93
CA UNK G 34 8.87 -8.59 54.17
C UNK G 34 8.58 -7.38 55.06
N UNK G 35 8.18 -7.61 56.30
CA UNK G 35 7.94 -6.51 57.22
C UNK G 35 9.24 -5.76 57.52
N UNK G 36 10.35 -6.50 57.70
CA UNK G 36 11.63 -5.85 57.93
C UNK G 36 12.05 -5.02 56.73
N UNK G 37 11.87 -5.55 55.51
CA UNK G 37 12.23 -4.81 54.31
C UNK G 37 11.38 -3.57 54.14
N UNK G 38 10.07 -3.68 54.42
CA UNK G 38 9.20 -2.51 54.34
C UNK G 38 9.58 -1.47 55.37
N UNK G 39 9.97 -1.90 56.58
CA UNK G 39 10.41 -0.96 57.60
C UNK G 39 11.70 -0.26 57.18
N UNK G 40 12.62 -1.00 56.57
CA UNK G 40 13.86 -0.38 56.09
C UNK G 40 13.57 0.64 54.99
N UNK G 41 12.67 0.30 54.06
CA UNK G 41 12.31 1.24 53.01
C UNK G 41 11.64 2.48 53.58
N UNK G 42 10.77 2.30 54.58
CA UNK G 42 10.11 3.44 55.20
C UNK G 42 11.10 4.32 55.95
N UNK G 43 12.08 3.71 56.62
CA UNK G 43 13.11 4.49 57.30
C UNK G 43 13.96 5.27 56.31
N UNK G 44 14.30 4.65 55.18
CA UNK G 44 15.05 5.35 54.15
C UNK G 44 14.26 6.53 53.58
N UNK G 45 12.96 6.32 53.32
CA UNK G 45 12.13 7.41 52.82
C UNK G 45 12.00 8.52 53.86
N UNK G 46 11.90 8.16 55.14
CA UNK G 46 11.81 9.17 56.19
C UNK G 46 13.10 9.96 56.30
N UNK G 47 14.25 9.29 56.19
CA UNK G 47 15.53 9.99 56.21
C UNK G 47 15.66 10.93 55.02
N UNK G 48 15.21 10.48 53.83
CA UNK G 48 15.24 11.34 52.66
C UNK G 48 14.35 12.57 52.85
N UNK G 49 13.15 12.37 53.38
CA UNK G 49 12.26 13.50 53.64
C UNK G 49 12.84 14.45 54.68
N UNK G 50 13.51 13.90 55.69
CA UNK G 50 14.15 14.74 56.70
C UNK G 50 15.27 15.57 56.11
N UNK G 51 16.07 14.96 55.22
CA UNK G 51 17.14 15.71 54.56
C UNK G 51 16.56 16.80 53.66
N UNK G 52 15.49 16.49 52.94
CA UNK G 52 14.86 17.48 52.07
C UNK G 52 14.27 18.63 52.88
N UNK G 53 13.72 18.33 54.07
CA UNK G 53 13.16 19.39 54.90
C UNK G 53 14.25 20.24 55.54
N UNK G 54 15.34 19.59 55.98
CA UNK G 54 16.44 20.34 56.60
C UNK G 54 17.19 21.18 55.58
N UNK G 55 17.22 20.75 54.32
CA UNK G 55 17.86 21.56 53.28
C UNK G 55 17.11 22.88 53.08
N UNK G 56 15.82 22.90 53.36
CA UNK G 56 15.02 24.11 53.22
C UNK G 56 15.34 25.10 54.33
#